data_4GOS
# 
_entry.id   4GOS 
# 
_audit_conform.dict_name       mmcif_pdbx.dic 
_audit_conform.dict_version    5.398 
_audit_conform.dict_location   http://mmcif.pdb.org/dictionaries/ascii/mmcif_pdbx.dic 
# 
loop_
_database_2.database_id 
_database_2.database_code 
_database_2.pdbx_database_accession 
_database_2.pdbx_DOI 
PDB   4GOS         pdb_00004gos 10.2210/pdb4gos/pdb 
RCSB  RCSB074451   ?            ?                   
WWPDB D_1000074451 ?            ?                   
# 
loop_
_pdbx_audit_revision_history.ordinal 
_pdbx_audit_revision_history.data_content_type 
_pdbx_audit_revision_history.major_revision 
_pdbx_audit_revision_history.minor_revision 
_pdbx_audit_revision_history.revision_date 
1 'Structure model' 1 0 2012-09-12 
2 'Structure model' 1 1 2016-11-16 
3 'Structure model' 2 0 2020-07-29 
4 'Structure model' 2 1 2024-11-06 
# 
loop_
_pdbx_audit_revision_details.ordinal 
_pdbx_audit_revision_details.revision_ordinal 
_pdbx_audit_revision_details.data_content_type 
_pdbx_audit_revision_details.provider 
_pdbx_audit_revision_details.type 
_pdbx_audit_revision_details.description 
_pdbx_audit_revision_details.details 
1 1 'Structure model' repository 'Initial release' ?                          ? 
2 3 'Structure model' repository Remediation       'Carbohydrate remediation' ? 
# 
loop_
_pdbx_audit_revision_group.ordinal 
_pdbx_audit_revision_group.revision_ordinal 
_pdbx_audit_revision_group.data_content_type 
_pdbx_audit_revision_group.group 
1 2 'Structure model' 'Database references'  
2 3 'Structure model' 'Atomic model'         
3 3 'Structure model' 'Data collection'      
4 3 'Structure model' 'Database references'  
5 3 'Structure model' 'Derived calculations' 
6 3 'Structure model' 'Structure summary'    
7 4 'Structure model' 'Data collection'      
8 4 'Structure model' 'Database references'  
9 4 'Structure model' 'Structure summary'    
# 
loop_
_pdbx_audit_revision_category.ordinal 
_pdbx_audit_revision_category.revision_ordinal 
_pdbx_audit_revision_category.data_content_type 
_pdbx_audit_revision_category.category 
1  3 'Structure model' atom_site                     
2  3 'Structure model' chem_comp                     
3  3 'Structure model' entity                        
4  3 'Structure model' pdbx_branch_scheme            
5  3 'Structure model' pdbx_chem_comp_identifier     
6  3 'Structure model' pdbx_entity_branch            
7  3 'Structure model' pdbx_entity_branch_descriptor 
8  3 'Structure model' pdbx_entity_branch_link       
9  3 'Structure model' pdbx_entity_branch_list       
10 3 'Structure model' pdbx_entity_nonpoly           
11 3 'Structure model' pdbx_nonpoly_scheme           
12 3 'Structure model' pdbx_struct_assembly_gen      
13 3 'Structure model' pdbx_struct_special_symmetry  
14 3 'Structure model' struct_asym                   
15 3 'Structure model' struct_conn                   
16 3 'Structure model' struct_ref_seq_dif            
17 3 'Structure model' struct_site                   
18 3 'Structure model' struct_site_gen               
19 4 'Structure model' chem_comp                     
20 4 'Structure model' chem_comp_atom                
21 4 'Structure model' chem_comp_bond                
22 4 'Structure model' database_2                    
23 4 'Structure model' pdbx_entry_details            
24 4 'Structure model' pdbx_modification_feature     
# 
loop_
_pdbx_audit_revision_item.ordinal 
_pdbx_audit_revision_item.revision_ordinal 
_pdbx_audit_revision_item.data_content_type 
_pdbx_audit_revision_item.item 
1  3 'Structure model' '_atom_site.auth_asym_id'                     
2  3 'Structure model' '_atom_site.auth_seq_id'                      
3  3 'Structure model' '_atom_site.label_asym_id'                    
4  3 'Structure model' '_atom_site.label_entity_id'                  
5  3 'Structure model' '_chem_comp.name'                             
6  3 'Structure model' '_chem_comp.type'                             
7  3 'Structure model' '_pdbx_struct_assembly_gen.asym_id_list'      
8  3 'Structure model' '_pdbx_struct_special_symmetry.label_asym_id' 
9  3 'Structure model' '_struct_conn.pdbx_dist_value'                
10 3 'Structure model' '_struct_conn.pdbx_leaving_atom_flag'         
11 3 'Structure model' '_struct_conn.pdbx_role'                      
12 3 'Structure model' '_struct_conn.ptnr1_auth_asym_id'             
13 3 'Structure model' '_struct_conn.ptnr1_auth_comp_id'             
14 3 'Structure model' '_struct_conn.ptnr1_auth_seq_id'              
15 3 'Structure model' '_struct_conn.ptnr1_label_asym_id'            
16 3 'Structure model' '_struct_conn.ptnr1_label_atom_id'            
17 3 'Structure model' '_struct_conn.ptnr1_label_comp_id'            
18 3 'Structure model' '_struct_conn.ptnr1_label_seq_id'             
19 3 'Structure model' '_struct_conn.ptnr2_auth_asym_id'             
20 3 'Structure model' '_struct_conn.ptnr2_auth_comp_id'             
21 3 'Structure model' '_struct_conn.ptnr2_auth_seq_id'              
22 3 'Structure model' '_struct_conn.ptnr2_label_asym_id'            
23 3 'Structure model' '_struct_conn.ptnr2_label_comp_id'            
24 3 'Structure model' '_struct_ref_seq_dif.details'                 
25 4 'Structure model' '_chem_comp.pdbx_synonyms'                    
26 4 'Structure model' '_database_2.pdbx_DOI'                        
27 4 'Structure model' '_database_2.pdbx_database_accession'         
# 
_pdbx_database_status.entry_id                        4GOS 
_pdbx_database_status.status_code                     REL 
_pdbx_database_status.deposit_site                    RCSB 
_pdbx_database_status.process_site                    RCSB 
_pdbx_database_status.recvd_initial_deposition_date   2012-08-20 
_pdbx_database_status.status_code_sf                  REL 
_pdbx_database_status.status_code_mr                  ? 
_pdbx_database_status.SG_entry                        Y 
_pdbx_database_status.status_code_cs                  ? 
_pdbx_database_status.methods_development_category    ? 
_pdbx_database_status.pdb_format_compatible           Y 
_pdbx_database_status.status_code_nmr_data            ? 
# 
_pdbx_database_related.db_name        TargetTrack 
_pdbx_database_related.db_id          NYSGRC-006272 
_pdbx_database_related.details        . 
_pdbx_database_related.content_type   unspecified 
# 
loop_
_audit_author.name 
_audit_author.pdbx_ordinal 
'Vigdorovich, V.'                                           1 
'Ramagopal, U.'                                             2 
'Bhosle, R.'                                                3 
'Toro, R.'                                                  4 
'Nathenson, S.G.'                                           5 
'Almo, S.C.'                                                6 
'New York Structural Genomics Research Consortium (NYSGRC)' 7 
'Atoms-to-Animals: The Immune Function Network (IFN)'       8 
# 
_citation.id                        primary 
_citation.title                     'Structure and cancer immunotherapy of the B7 family member B7x.' 
_citation.journal_abbrev            'Cell Rep' 
_citation.journal_volume            9 
_citation.page_first                1089 
_citation.page_last                 1098 
_citation.year                      2014 
_citation.journal_id_ASTM           ? 
_citation.country                   US 
_citation.journal_id_ISSN           2211-1247 
_citation.journal_id_CSD            ? 
_citation.book_publisher            ? 
_citation.pdbx_database_id_PubMed   25437562 
_citation.pdbx_database_id_DOI      10.1016/j.celrep.2014.09.053 
# 
loop_
_citation_author.citation_id 
_citation_author.name 
_citation_author.ordinal 
_citation_author.identifier_ORCID 
primary 'Jeon, H.'              1  ? 
primary 'Vigdorovich, V.'       2  ? 
primary 'Garrett-Thomson, S.C.' 3  ? 
primary 'Janakiram, M.'         4  ? 
primary 'Ramagopal, U.A.'       5  ? 
primary 'Abadi, Y.M.'           6  ? 
primary 'Lee, J.S.'             7  ? 
primary 'Scandiuzzi, L.'        8  ? 
primary 'Ohaegbulam, K.C.'      9  ? 
primary 'Chinai, J.M.'          10 ? 
primary 'Zhao, R.'              11 ? 
primary 'Yao, Y.'               12 ? 
primary 'Mao, Y.'               13 ? 
primary 'Sparano, J.A.'         14 ? 
primary 'Almo, S.C.'            15 ? 
primary 'Zang, X.'              16 ? 
# 
loop_
_entity.id 
_entity.type 
_entity.src_method 
_entity.pdbx_description 
_entity.formula_weight 
_entity.pdbx_number_of_molecules 
_entity.pdbx_ec 
_entity.pdbx_mutation 
_entity.pdbx_fragment 
_entity.details 
1 polymer  man 'V-set domain-containing T-cell activation inhibitor 1' 13722.437 1   ? ? ? ? 
2 branched man 
;alpha-D-mannopyranose-(1-3)-[alpha-D-mannopyranose-(1-6)]beta-D-mannopyranose-(1-4)-2-acetamido-2-deoxy-beta-D-glucopyranose-(1-4)-2-acetamido-2-deoxy-beta-D-glucopyranose
;
910.823   1   ? ? ? ? 
3 water    nat water 18.015    111 ? ? ? ? 
# 
_entity_name_com.entity_id   1 
_entity_name_com.name        'B7h.5, Immune costimulatory protein B7-H4, Protein B7S1, T-cell costimulatory molecule B7x' 
# 
_entity_poly.entity_id                      1 
_entity_poly.type                           'polypeptide(L)' 
_entity_poly.nstd_linkage                   no 
_entity_poly.nstd_monomer                   no 
_entity_poly.pdbx_seq_one_letter_code       
;GISGRHSITVTTVASAGNIGEDGILSCTFEPDIKLSDIVIQWLKEGVLGLVHEFKEGKDELSEQDEMFRGRTAVFADQVI
VGNASLRLKNVQLTDAGTYKCYIITSKGKGNANLEYKTGHHHHHH
;
_entity_poly.pdbx_seq_one_letter_code_can   
;GISGRHSITVTTVASAGNIGEDGILSCTFEPDIKLSDIVIQWLKEGVLGLVHEFKEGKDELSEQDEMFRGRTAVFADQVI
VGNASLRLKNVQLTDAGTYKCYIITSKGKGNANLEYKTGHHHHHH
;
_entity_poly.pdbx_strand_id                 A 
_entity_poly.pdbx_target_identifier         NYSGRC-006272 
# 
_pdbx_entity_nonpoly.entity_id   3 
_pdbx_entity_nonpoly.name        water 
_pdbx_entity_nonpoly.comp_id     HOH 
# 
loop_
_entity_poly_seq.entity_id 
_entity_poly_seq.num 
_entity_poly_seq.mon_id 
_entity_poly_seq.hetero 
1 1   GLY n 
1 2   ILE n 
1 3   SER n 
1 4   GLY n 
1 5   ARG n 
1 6   HIS n 
1 7   SER n 
1 8   ILE n 
1 9   THR n 
1 10  VAL n 
1 11  THR n 
1 12  THR n 
1 13  VAL n 
1 14  ALA n 
1 15  SER n 
1 16  ALA n 
1 17  GLY n 
1 18  ASN n 
1 19  ILE n 
1 20  GLY n 
1 21  GLU n 
1 22  ASP n 
1 23  GLY n 
1 24  ILE n 
1 25  LEU n 
1 26  SER n 
1 27  CYS n 
1 28  THR n 
1 29  PHE n 
1 30  GLU n 
1 31  PRO n 
1 32  ASP n 
1 33  ILE n 
1 34  LYS n 
1 35  LEU n 
1 36  SER n 
1 37  ASP n 
1 38  ILE n 
1 39  VAL n 
1 40  ILE n 
1 41  GLN n 
1 42  TRP n 
1 43  LEU n 
1 44  LYS n 
1 45  GLU n 
1 46  GLY n 
1 47  VAL n 
1 48  LEU n 
1 49  GLY n 
1 50  LEU n 
1 51  VAL n 
1 52  HIS n 
1 53  GLU n 
1 54  PHE n 
1 55  LYS n 
1 56  GLU n 
1 57  GLY n 
1 58  LYS n 
1 59  ASP n 
1 60  GLU n 
1 61  LEU n 
1 62  SER n 
1 63  GLU n 
1 64  GLN n 
1 65  ASP n 
1 66  GLU n 
1 67  MET n 
1 68  PHE n 
1 69  ARG n 
1 70  GLY n 
1 71  ARG n 
1 72  THR n 
1 73  ALA n 
1 74  VAL n 
1 75  PHE n 
1 76  ALA n 
1 77  ASP n 
1 78  GLN n 
1 79  VAL n 
1 80  ILE n 
1 81  VAL n 
1 82  GLY n 
1 83  ASN n 
1 84  ALA n 
1 85  SER n 
1 86  LEU n 
1 87  ARG n 
1 88  LEU n 
1 89  LYS n 
1 90  ASN n 
1 91  VAL n 
1 92  GLN n 
1 93  LEU n 
1 94  THR n 
1 95  ASP n 
1 96  ALA n 
1 97  GLY n 
1 98  THR n 
1 99  TYR n 
1 100 LYS n 
1 101 CYS n 
1 102 TYR n 
1 103 ILE n 
1 104 ILE n 
1 105 THR n 
1 106 SER n 
1 107 LYS n 
1 108 GLY n 
1 109 LYS n 
1 110 GLY n 
1 111 ASN n 
1 112 ALA n 
1 113 ASN n 
1 114 LEU n 
1 115 GLU n 
1 116 TYR n 
1 117 LYS n 
1 118 THR n 
1 119 GLY n 
1 120 HIS n 
1 121 HIS n 
1 122 HIS n 
1 123 HIS n 
1 124 HIS n 
1 125 HIS n 
# 
_entity_src_gen.entity_id                          1 
_entity_src_gen.pdbx_src_id                        1 
_entity_src_gen.pdbx_alt_source_flag               sample 
_entity_src_gen.pdbx_seq_type                      ? 
_entity_src_gen.pdbx_beg_seq_num                   ? 
_entity_src_gen.pdbx_end_seq_num                   ? 
_entity_src_gen.gene_src_common_name               human 
_entity_src_gen.gene_src_genus                     ? 
_entity_src_gen.pdbx_gene_src_gene                 'B7-H4, B7H4, B7S1, B7x, UNQ659/PRO1291, VTCN1' 
_entity_src_gen.gene_src_species                   ? 
_entity_src_gen.gene_src_strain                    ? 
_entity_src_gen.gene_src_tissue                    ? 
_entity_src_gen.gene_src_tissue_fraction           ? 
_entity_src_gen.gene_src_details                   ? 
_entity_src_gen.pdbx_gene_src_fragment             ? 
_entity_src_gen.pdbx_gene_src_scientific_name      'Homo sapiens' 
_entity_src_gen.pdbx_gene_src_ncbi_taxonomy_id     9606 
_entity_src_gen.pdbx_gene_src_variant              ? 
_entity_src_gen.pdbx_gene_src_cell_line            ? 
_entity_src_gen.pdbx_gene_src_atcc                 ? 
_entity_src_gen.pdbx_gene_src_organ                ? 
_entity_src_gen.pdbx_gene_src_organelle            ? 
_entity_src_gen.pdbx_gene_src_cell                 ? 
_entity_src_gen.pdbx_gene_src_cellular_location    ? 
_entity_src_gen.host_org_common_name               'fruit fly' 
_entity_src_gen.pdbx_host_org_scientific_name      'Drosophila melanogaster' 
_entity_src_gen.pdbx_host_org_ncbi_taxonomy_id     7227 
_entity_src_gen.host_org_genus                     ? 
_entity_src_gen.pdbx_host_org_gene                 ? 
_entity_src_gen.pdbx_host_org_organ                ? 
_entity_src_gen.host_org_species                   ? 
_entity_src_gen.pdbx_host_org_tissue               ? 
_entity_src_gen.pdbx_host_org_tissue_fraction      ? 
_entity_src_gen.pdbx_host_org_strain               'Schneider 2 cell line' 
_entity_src_gen.pdbx_host_org_variant              ? 
_entity_src_gen.pdbx_host_org_cell_line            ? 
_entity_src_gen.pdbx_host_org_atcc                 ? 
_entity_src_gen.pdbx_host_org_culture_collection   ? 
_entity_src_gen.pdbx_host_org_cell                 ? 
_entity_src_gen.pdbx_host_org_organelle            ? 
_entity_src_gen.pdbx_host_org_cellular_location    ? 
_entity_src_gen.pdbx_host_org_vector_type          plasmid 
_entity_src_gen.pdbx_host_org_vector               ? 
_entity_src_gen.host_org_details                   ? 
_entity_src_gen.expression_system_id               ? 
_entity_src_gen.plasmid_name                       'modified pMT-BiP-His' 
_entity_src_gen.plasmid_details                    ? 
_entity_src_gen.pdbx_description                   ? 
# 
_pdbx_entity_branch.entity_id   2 
_pdbx_entity_branch.type        oligosaccharide 
# 
loop_
_pdbx_entity_branch_descriptor.ordinal 
_pdbx_entity_branch_descriptor.entity_id 
_pdbx_entity_branch_descriptor.descriptor 
_pdbx_entity_branch_descriptor.type 
_pdbx_entity_branch_descriptor.program 
_pdbx_entity_branch_descriptor.program_version 
1 2 'DManpa1-3[DManpa1-6]DManpb1-4DGlcpNAcb1-4DGlcpNAcb1-'                                                      
'Glycam Condensed Sequence' GMML       1.0   
2 2 'WURCS=2.0/3,5,4/[a2122h-1b_1-5_2*NCC/3=O][a1122h-1b_1-5][a1122h-1a_1-5]/1-1-2-3-3/a4-b1_b4-c1_c3-d1_c6-e1' WURCS PDB2Glycan 
1.1.0 
3 2 '[]{[(4+1)][b-D-GlcpNAc]{[(4+1)][b-D-GlcpNAc]{[(4+1)][b-D-Manp]{[(3+1)][a-D-Manp]{}[(6+1)][a-D-Manp]{}}}}}' LINUCS PDB-CARE   
?     
# 
loop_
_pdbx_entity_branch_link.link_id 
_pdbx_entity_branch_link.entity_id 
_pdbx_entity_branch_link.entity_branch_list_num_1 
_pdbx_entity_branch_link.comp_id_1 
_pdbx_entity_branch_link.atom_id_1 
_pdbx_entity_branch_link.leaving_atom_id_1 
_pdbx_entity_branch_link.entity_branch_list_num_2 
_pdbx_entity_branch_link.comp_id_2 
_pdbx_entity_branch_link.atom_id_2 
_pdbx_entity_branch_link.leaving_atom_id_2 
_pdbx_entity_branch_link.value_order 
_pdbx_entity_branch_link.details 
1 2 2 NAG C1 O1 1 NAG O4 HO4 sing ? 
2 2 3 BMA C1 O1 2 NAG O4 HO4 sing ? 
3 2 4 MAN C1 O1 3 BMA O3 HO3 sing ? 
4 2 5 MAN C1 O1 3 BMA O6 HO6 sing ? 
# 
loop_
_chem_comp.id 
_chem_comp.type 
_chem_comp.mon_nstd_flag 
_chem_comp.name 
_chem_comp.pdbx_synonyms 
_chem_comp.formula 
_chem_comp.formula_weight 
ALA 'L-peptide linking'           y ALANINE                                  ? 'C3 H7 N O2'     89.093  
ARG 'L-peptide linking'           y ARGININE                                 ? 'C6 H15 N4 O2 1' 175.209 
ASN 'L-peptide linking'           y ASPARAGINE                               ? 'C4 H8 N2 O3'    132.118 
ASP 'L-peptide linking'           y 'ASPARTIC ACID'                          ? 'C4 H7 N O4'     133.103 
BMA 'D-saccharide, beta linking'  . beta-D-mannopyranose                     'beta-D-mannose; D-mannose; mannose' 'C6 H12 O6'      
180.156 
CYS 'L-peptide linking'           y CYSTEINE                                 ? 'C3 H7 N O2 S'   121.158 
GLN 'L-peptide linking'           y GLUTAMINE                                ? 'C5 H10 N2 O3'   146.144 
GLU 'L-peptide linking'           y 'GLUTAMIC ACID'                          ? 'C5 H9 N O4'     147.129 
GLY 'peptide linking'             y GLYCINE                                  ? 'C2 H5 N O2'     75.067  
HIS 'L-peptide linking'           y HISTIDINE                                ? 'C6 H10 N3 O2 1' 156.162 
HOH non-polymer                   . WATER                                    ? 'H2 O'           18.015  
ILE 'L-peptide linking'           y ISOLEUCINE                               ? 'C6 H13 N O2'    131.173 
LEU 'L-peptide linking'           y LEUCINE                                  ? 'C6 H13 N O2'    131.173 
LYS 'L-peptide linking'           y LYSINE                                   ? 'C6 H15 N2 O2 1' 147.195 
MAN 'D-saccharide, alpha linking' . alpha-D-mannopyranose                    'alpha-D-mannose; D-mannose; mannose' 'C6 H12 O6' 
180.156 
MET 'L-peptide linking'           y METHIONINE                               ? 'C5 H11 N O2 S'  149.211 
NAG 'D-saccharide, beta linking'  . 2-acetamido-2-deoxy-beta-D-glucopyranose 
;N-acetyl-beta-D-glucosamine; 2-acetamido-2-deoxy-beta-D-glucose; 2-acetamido-2-deoxy-D-glucose; 2-acetamido-2-deoxy-glucose; N-ACETYL-D-GLUCOSAMINE
;
'C8 H15 N O6'    221.208 
PHE 'L-peptide linking'           y PHENYLALANINE                            ? 'C9 H11 N O2'    165.189 
PRO 'L-peptide linking'           y PROLINE                                  ? 'C5 H9 N O2'     115.130 
SER 'L-peptide linking'           y SERINE                                   ? 'C3 H7 N O3'     105.093 
THR 'L-peptide linking'           y THREONINE                                ? 'C4 H9 N O3'     119.119 
TRP 'L-peptide linking'           y TRYPTOPHAN                               ? 'C11 H12 N2 O2'  204.225 
TYR 'L-peptide linking'           y TYROSINE                                 ? 'C9 H11 N O3'    181.189 
VAL 'L-peptide linking'           y VALINE                                   ? 'C5 H11 N O2'    117.146 
# 
loop_
_pdbx_chem_comp_identifier.comp_id 
_pdbx_chem_comp_identifier.type 
_pdbx_chem_comp_identifier.program 
_pdbx_chem_comp_identifier.program_version 
_pdbx_chem_comp_identifier.identifier 
BMA 'CONDENSED IUPAC CARBOHYDRATE SYMBOL' GMML     1.0 DManpb                         
BMA 'COMMON NAME'                         GMML     1.0 b-D-mannopyranose              
BMA 'IUPAC CARBOHYDRATE SYMBOL'           PDB-CARE 1.0 b-D-Manp                       
BMA 'SNFG CARBOHYDRATE SYMBOL'            GMML     1.0 Man                            
MAN 'CONDENSED IUPAC CARBOHYDRATE SYMBOL' GMML     1.0 DManpa                         
MAN 'COMMON NAME'                         GMML     1.0 a-D-mannopyranose              
MAN 'IUPAC CARBOHYDRATE SYMBOL'           PDB-CARE 1.0 a-D-Manp                       
MAN 'SNFG CARBOHYDRATE SYMBOL'            GMML     1.0 Man                            
NAG 'CONDENSED IUPAC CARBOHYDRATE SYMBOL' GMML     1.0 DGlcpNAcb                      
NAG 'COMMON NAME'                         GMML     1.0 N-acetyl-b-D-glucopyranosamine 
NAG 'IUPAC CARBOHYDRATE SYMBOL'           PDB-CARE 1.0 b-D-GlcpNAc                    
NAG 'SNFG CARBOHYDRATE SYMBOL'            GMML     1.0 GlcNAc                         
# 
loop_
_pdbx_poly_seq_scheme.asym_id 
_pdbx_poly_seq_scheme.entity_id 
_pdbx_poly_seq_scheme.seq_id 
_pdbx_poly_seq_scheme.mon_id 
_pdbx_poly_seq_scheme.ndb_seq_num 
_pdbx_poly_seq_scheme.pdb_seq_num 
_pdbx_poly_seq_scheme.auth_seq_num 
_pdbx_poly_seq_scheme.pdb_mon_id 
_pdbx_poly_seq_scheme.auth_mon_id 
_pdbx_poly_seq_scheme.pdb_strand_id 
_pdbx_poly_seq_scheme.pdb_ins_code 
_pdbx_poly_seq_scheme.hetero 
A 1 1   GLY 1   30  ?   ?   ?   A . n 
A 1 2   ILE 2   31  ?   ?   ?   A . n 
A 1 3   SER 3   32  ?   ?   ?   A . n 
A 1 4   GLY 4   33  ?   ?   ?   A . n 
A 1 5   ARG 5   34  ?   ?   ?   A . n 
A 1 6   HIS 6   35  35  HIS HIS A . n 
A 1 7   SER 7   36  36  SER SER A . n 
A 1 8   ILE 8   37  37  ILE ILE A . n 
A 1 9   THR 9   38  38  THR THR A . n 
A 1 10  VAL 10  39  39  VAL VAL A . n 
A 1 11  THR 11  40  40  THR THR A . n 
A 1 12  THR 12  41  41  THR THR A . n 
A 1 13  VAL 13  42  42  VAL VAL A . n 
A 1 14  ALA 14  43  43  ALA ALA A . n 
A 1 15  SER 15  44  44  SER SER A . n 
A 1 16  ALA 16  45  45  ALA ALA A . n 
A 1 17  GLY 17  46  46  GLY GLY A . n 
A 1 18  ASN 18  47  47  ASN ASN A . n 
A 1 19  ILE 19  48  48  ILE ILE A . n 
A 1 20  GLY 20  49  49  GLY GLY A . n 
A 1 21  GLU 21  50  50  GLU GLU A . n 
A 1 22  ASP 22  51  51  ASP ASP A . n 
A 1 23  GLY 23  52  52  GLY GLY A . n 
A 1 24  ILE 24  53  53  ILE ILE A . n 
A 1 25  LEU 25  54  54  LEU LEU A . n 
A 1 26  SER 26  55  55  SER SER A . n 
A 1 27  CYS 27  56  56  CYS CYS A . n 
A 1 28  THR 28  57  57  THR THR A . n 
A 1 29  PHE 29  58  58  PHE PHE A . n 
A 1 30  GLU 30  59  59  GLU GLU A . n 
A 1 31  PRO 31  60  60  PRO PRO A . n 
A 1 32  ASP 32  61  61  ASP ASP A . n 
A 1 33  ILE 33  62  62  ILE ILE A . n 
A 1 34  LYS 34  63  63  LYS LYS A . n 
A 1 35  LEU 35  64  64  LEU LEU A . n 
A 1 36  SER 36  65  65  SER SER A . n 
A 1 37  ASP 37  66  66  ASP ASP A . n 
A 1 38  ILE 38  67  67  ILE ILE A . n 
A 1 39  VAL 39  68  68  VAL VAL A . n 
A 1 40  ILE 40  69  69  ILE ILE A . n 
A 1 41  GLN 41  70  70  GLN GLN A . n 
A 1 42  TRP 42  71  71  TRP TRP A . n 
A 1 43  LEU 43  72  72  LEU LEU A . n 
A 1 44  LYS 44  73  73  LYS LYS A . n 
A 1 45  GLU 45  74  74  GLU GLU A . n 
A 1 46  GLY 46  75  75  GLY GLY A . n 
A 1 47  VAL 47  76  76  VAL VAL A . n 
A 1 48  LEU 48  77  77  LEU LEU A . n 
A 1 49  GLY 49  78  78  GLY GLY A . n 
A 1 50  LEU 50  79  79  LEU LEU A . n 
A 1 51  VAL 51  80  80  VAL VAL A . n 
A 1 52  HIS 52  81  81  HIS HIS A . n 
A 1 53  GLU 53  82  82  GLU GLU A . n 
A 1 54  PHE 54  83  83  PHE PHE A . n 
A 1 55  LYS 55  84  84  LYS LYS A . n 
A 1 56  GLU 56  85  85  GLU GLU A . n 
A 1 57  GLY 57  86  86  GLY GLY A . n 
A 1 58  LYS 58  87  87  LYS LYS A . n 
A 1 59  ASP 59  88  88  ASP ASP A . n 
A 1 60  GLU 60  89  89  GLU GLU A . n 
A 1 61  LEU 61  90  90  LEU LEU A . n 
A 1 62  SER 62  91  91  SER SER A . n 
A 1 63  GLU 63  92  92  GLU GLU A . n 
A 1 64  GLN 64  93  93  GLN GLN A . n 
A 1 65  ASP 65  94  94  ASP ASP A . n 
A 1 66  GLU 66  95  95  GLU GLU A . n 
A 1 67  MET 67  96  96  MET MET A . n 
A 1 68  PHE 68  97  97  PHE PHE A . n 
A 1 69  ARG 69  98  98  ARG ARG A . n 
A 1 70  GLY 70  99  99  GLY GLY A . n 
A 1 71  ARG 71  100 100 ARG ARG A . n 
A 1 72  THR 72  101 101 THR THR A . n 
A 1 73  ALA 73  102 102 ALA ALA A . n 
A 1 74  VAL 74  103 103 VAL VAL A . n 
A 1 75  PHE 75  104 104 PHE PHE A . n 
A 1 76  ALA 76  105 105 ALA ALA A . n 
A 1 77  ASP 77  106 106 ASP ASP A . n 
A 1 78  GLN 78  107 107 GLN GLN A . n 
A 1 79  VAL 79  108 108 VAL VAL A . n 
A 1 80  ILE 80  109 109 ILE ILE A . n 
A 1 81  VAL 81  110 110 VAL VAL A . n 
A 1 82  GLY 82  111 111 GLY GLY A . n 
A 1 83  ASN 83  112 112 ASN ASN A . n 
A 1 84  ALA 84  113 113 ALA ALA A . n 
A 1 85  SER 85  114 114 SER SER A . n 
A 1 86  LEU 86  115 115 LEU LEU A . n 
A 1 87  ARG 87  116 116 ARG ARG A . n 
A 1 88  LEU 88  117 117 LEU LEU A . n 
A 1 89  LYS 89  118 118 LYS LYS A . n 
A 1 90  ASN 90  119 119 ASN ASN A . n 
A 1 91  VAL 91  120 120 VAL VAL A . n 
A 1 92  GLN 92  121 121 GLN GLN A . n 
A 1 93  LEU 93  122 122 LEU LEU A . n 
A 1 94  THR 94  123 123 THR THR A . n 
A 1 95  ASP 95  124 124 ASP ASP A . n 
A 1 96  ALA 96  125 125 ALA ALA A . n 
A 1 97  GLY 97  126 126 GLY GLY A . n 
A 1 98  THR 98  127 127 THR THR A . n 
A 1 99  TYR 99  128 128 TYR TYR A . n 
A 1 100 LYS 100 129 129 LYS LYS A . n 
A 1 101 CYS 101 130 130 CYS CYS A . n 
A 1 102 TYR 102 131 131 TYR TYR A . n 
A 1 103 ILE 103 132 132 ILE ILE A . n 
A 1 104 ILE 104 133 133 ILE ILE A . n 
A 1 105 THR 105 134 134 THR THR A . n 
A 1 106 SER 106 135 135 SER SER A . n 
A 1 107 LYS 107 136 136 LYS LYS A . n 
A 1 108 GLY 108 137 137 GLY GLY A . n 
A 1 109 LYS 109 138 138 LYS LYS A . n 
A 1 110 GLY 110 139 139 GLY GLY A . n 
A 1 111 ASN 111 140 140 ASN ASN A . n 
A 1 112 ALA 112 141 141 ALA ALA A . n 
A 1 113 ASN 113 142 142 ASN ASN A . n 
A 1 114 LEU 114 143 143 LEU LEU A . n 
A 1 115 GLU 115 144 144 GLU GLU A . n 
A 1 116 TYR 116 145 145 TYR TYR A . n 
A 1 117 LYS 117 146 146 LYS LYS A . n 
A 1 118 THR 118 147 147 THR THR A . n 
A 1 119 GLY 119 148 148 GLY GLY A . n 
A 1 120 HIS 120 149 149 HIS HIS A . n 
A 1 121 HIS 121 150 ?   ?   ?   A . n 
A 1 122 HIS 122 151 ?   ?   ?   A . n 
A 1 123 HIS 123 152 ?   ?   ?   A . n 
A 1 124 HIS 124 153 ?   ?   ?   A . n 
A 1 125 HIS 125 154 ?   ?   ?   A . n 
# 
loop_
_pdbx_branch_scheme.asym_id 
_pdbx_branch_scheme.entity_id 
_pdbx_branch_scheme.mon_id 
_pdbx_branch_scheme.num 
_pdbx_branch_scheme.pdb_asym_id 
_pdbx_branch_scheme.pdb_mon_id 
_pdbx_branch_scheme.pdb_seq_num 
_pdbx_branch_scheme.auth_asym_id 
_pdbx_branch_scheme.auth_mon_id 
_pdbx_branch_scheme.auth_seq_num 
_pdbx_branch_scheme.hetero 
B 2 NAG 1 B NAG 1 B NAG 1 n 
B 2 NAG 2 B NAG 2 B NAG 2 n 
B 2 BMA 3 B BMA 3 B MAN 3 n 
B 2 MAN 4 B MAN 4 B MAN 4 n 
B 2 MAN 5 B MAN 5 B MAN 5 n 
# 
loop_
_pdbx_nonpoly_scheme.asym_id 
_pdbx_nonpoly_scheme.entity_id 
_pdbx_nonpoly_scheme.mon_id 
_pdbx_nonpoly_scheme.ndb_seq_num 
_pdbx_nonpoly_scheme.pdb_seq_num 
_pdbx_nonpoly_scheme.auth_seq_num 
_pdbx_nonpoly_scheme.pdb_mon_id 
_pdbx_nonpoly_scheme.auth_mon_id 
_pdbx_nonpoly_scheme.pdb_strand_id 
_pdbx_nonpoly_scheme.pdb_ins_code 
C 3 HOH 1   301 169 HOH HOH A . 
C 3 HOH 2   302 170 HOH HOH A . 
C 3 HOH 3   303 171 HOH HOH A . 
C 3 HOH 4   304 172 HOH HOH A . 
C 3 HOH 5   305 1   HOH HOH A . 
C 3 HOH 6   306 3   HOH HOH A . 
C 3 HOH 7   307 4   HOH HOH A . 
C 3 HOH 8   308 5   HOH HOH A . 
C 3 HOH 9   309 8   HOH HOH A . 
C 3 HOH 10  310 12  HOH HOH A . 
C 3 HOH 11  311 14  HOH HOH A . 
C 3 HOH 12  312 16  HOH HOH A . 
C 3 HOH 13  313 17  HOH HOH A . 
C 3 HOH 14  314 18  HOH HOH A . 
C 3 HOH 15  315 19  HOH HOH A . 
C 3 HOH 16  316 20  HOH HOH A . 
C 3 HOH 17  317 22  HOH HOH A . 
C 3 HOH 18  318 23  HOH HOH A . 
C 3 HOH 19  319 24  HOH HOH A . 
C 3 HOH 20  320 26  HOH HOH A . 
C 3 HOH 21  321 27  HOH HOH A . 
C 3 HOH 22  322 28  HOH HOH A . 
C 3 HOH 23  323 30  HOH HOH A . 
C 3 HOH 24  324 31  HOH HOH A . 
C 3 HOH 25  325 32  HOH HOH A . 
C 3 HOH 26  326 34  HOH HOH A . 
C 3 HOH 27  327 36  HOH HOH A . 
C 3 HOH 28  328 41  HOH HOH A . 
C 3 HOH 29  329 42  HOH HOH A . 
C 3 HOH 30  330 43  HOH HOH A . 
C 3 HOH 31  331 44  HOH HOH A . 
C 3 HOH 32  332 45  HOH HOH A . 
C 3 HOH 33  333 46  HOH HOH A . 
C 3 HOH 34  334 47  HOH HOH A . 
C 3 HOH 35  335 48  HOH HOH A . 
C 3 HOH 36  336 49  HOH HOH A . 
C 3 HOH 37  337 50  HOH HOH A . 
C 3 HOH 38  338 52  HOH HOH A . 
C 3 HOH 39  339 53  HOH HOH A . 
C 3 HOH 40  340 54  HOH HOH A . 
C 3 HOH 41  341 55  HOH HOH A . 
C 3 HOH 42  342 57  HOH HOH A . 
C 3 HOH 43  343 59  HOH HOH A . 
C 3 HOH 44  344 69  HOH HOH A . 
C 3 HOH 45  345 71  HOH HOH A . 
C 3 HOH 46  346 77  HOH HOH A . 
C 3 HOH 47  347 78  HOH HOH A . 
C 3 HOH 48  348 79  HOH HOH A . 
C 3 HOH 49  349 80  HOH HOH A . 
C 3 HOH 50  350 83  HOH HOH A . 
C 3 HOH 51  351 84  HOH HOH A . 
C 3 HOH 52  352 85  HOH HOH A . 
C 3 HOH 53  353 87  HOH HOH A . 
C 3 HOH 54  354 88  HOH HOH A . 
C 3 HOH 55  355 89  HOH HOH A . 
C 3 HOH 56  356 90  HOH HOH A . 
C 3 HOH 57  357 91  HOH HOH A . 
C 3 HOH 58  358 92  HOH HOH A . 
C 3 HOH 59  359 93  HOH HOH A . 
C 3 HOH 60  360 94  HOH HOH A . 
C 3 HOH 61  361 95  HOH HOH A . 
C 3 HOH 62  362 97  HOH HOH A . 
C 3 HOH 63  363 98  HOH HOH A . 
C 3 HOH 64  364 100 HOH HOH A . 
C 3 HOH 65  365 101 HOH HOH A . 
C 3 HOH 66  366 102 HOH HOH A . 
C 3 HOH 67  367 104 HOH HOH A . 
C 3 HOH 68  368 105 HOH HOH A . 
C 3 HOH 69  369 109 HOH HOH A . 
C 3 HOH 70  370 112 HOH HOH A . 
C 3 HOH 71  371 113 HOH HOH A . 
C 3 HOH 72  372 114 HOH HOH A . 
C 3 HOH 73  373 116 HOH HOH A . 
C 3 HOH 74  374 117 HOH HOH A . 
C 3 HOH 75  375 118 HOH HOH A . 
C 3 HOH 76  376 119 HOH HOH A . 
C 3 HOH 77  377 120 HOH HOH A . 
C 3 HOH 78  378 121 HOH HOH A . 
C 3 HOH 79  379 122 HOH HOH A . 
C 3 HOH 80  380 123 HOH HOH A . 
C 3 HOH 81  381 124 HOH HOH A . 
C 3 HOH 82  382 125 HOH HOH A . 
C 3 HOH 83  383 126 HOH HOH A . 
C 3 HOH 84  384 127 HOH HOH A . 
C 3 HOH 85  385 128 HOH HOH A . 
C 3 HOH 86  386 129 HOH HOH A . 
C 3 HOH 87  387 131 HOH HOH A . 
C 3 HOH 88  388 132 HOH HOH A . 
C 3 HOH 89  389 133 HOH HOH A . 
C 3 HOH 90  390 135 HOH HOH A . 
C 3 HOH 91  391 136 HOH HOH A . 
C 3 HOH 92  392 137 HOH HOH A . 
C 3 HOH 93  393 139 HOH HOH A . 
C 3 HOH 94  394 141 HOH HOH A . 
C 3 HOH 95  395 142 HOH HOH A . 
C 3 HOH 96  396 143 HOH HOH A . 
C 3 HOH 97  397 145 HOH HOH A . 
C 3 HOH 98  398 147 HOH HOH A . 
C 3 HOH 99  399 149 HOH HOH A . 
C 3 HOH 100 400 150 HOH HOH A . 
C 3 HOH 101 401 152 HOH HOH A . 
C 3 HOH 102 402 154 HOH HOH A . 
C 3 HOH 103 403 158 HOH HOH A . 
C 3 HOH 104 404 159 HOH HOH A . 
C 3 HOH 105 405 160 HOH HOH A . 
C 3 HOH 106 406 162 HOH HOH A . 
C 3 HOH 107 407 163 HOH HOH A . 
C 3 HOH 108 408 164 HOH HOH A . 
C 3 HOH 109 409 166 HOH HOH A . 
C 3 HOH 110 410 167 HOH HOH A . 
C 3 HOH 111 411 168 HOH HOH A . 
# 
loop_
_pdbx_unobs_or_zero_occ_atoms.id 
_pdbx_unobs_or_zero_occ_atoms.PDB_model_num 
_pdbx_unobs_or_zero_occ_atoms.polymer_flag 
_pdbx_unobs_or_zero_occ_atoms.occupancy_flag 
_pdbx_unobs_or_zero_occ_atoms.auth_asym_id 
_pdbx_unobs_or_zero_occ_atoms.auth_comp_id 
_pdbx_unobs_or_zero_occ_atoms.auth_seq_id 
_pdbx_unobs_or_zero_occ_atoms.PDB_ins_code 
_pdbx_unobs_or_zero_occ_atoms.auth_atom_id 
_pdbx_unobs_or_zero_occ_atoms.label_alt_id 
_pdbx_unobs_or_zero_occ_atoms.label_asym_id 
_pdbx_unobs_or_zero_occ_atoms.label_comp_id 
_pdbx_unobs_or_zero_occ_atoms.label_seq_id 
_pdbx_unobs_or_zero_occ_atoms.label_atom_id 
1  1 Y 1 A HIS 35  ? CG  ? A HIS 6   CG  
2  1 Y 1 A HIS 35  ? ND1 ? A HIS 6   ND1 
3  1 Y 1 A HIS 35  ? CD2 ? A HIS 6   CD2 
4  1 Y 1 A HIS 35  ? CE1 ? A HIS 6   CE1 
5  1 Y 1 A HIS 35  ? NE2 ? A HIS 6   NE2 
6  1 Y 1 A HIS 149 ? CG  ? A HIS 120 CG  
7  1 Y 1 A HIS 149 ? ND1 ? A HIS 120 ND1 
8  1 Y 1 A HIS 149 ? CD2 ? A HIS 120 CD2 
9  1 Y 1 A HIS 149 ? CE1 ? A HIS 120 CE1 
10 1 Y 1 A HIS 149 ? NE2 ? A HIS 120 NE2 
# 
loop_
_software.pdbx_ordinal 
_software.name 
_software.version 
_software.date 
_software.type 
_software.contact_author 
_software.contact_author_email 
_software.classification 
_software.location 
_software.language 
_software.citation_id 
1 SCALA       3.3.20 2011/05/18       other   'Phil R. Evans'       pre@mrc-lmb.cam.ac.uk        'data scaling'    
http://www.ccp4.ac.uk/dist/html/scala.html   Fortran_77 ? 
2 SHELX       .      ?                package 'George M. Sheldrick' gsheldr@shelx.uni-ac.gwdg.de phasing           
http://shelx.uni-ac.gwdg.de/SHELX/           Fortran_77 ? 
3 REFMAC      .      ?                program 'Garib N. Murshudov'  garib@ysbl.york.ac.uk        refinement        
http://www.ccp4.ac.uk/dist/html/refmac5.html Fortran_77 ? 
4 PDB_EXTRACT 3.11   'April 22, 2011' package PDB                   deposit@deposit.rcsb.org     'data extraction' 
http://sw-tools.pdb.org/apps/PDB_EXTRACT/    C++        ? 
5 CBASS       .      ?                ?       ?                     ?                            'data collection' ? ?          ? 
6 MOSFLM      .      ?                ?       ?                     ?                            'data reduction'  ? ?          ? 
7 SHELXD      .      ?                ?       ?                     ?                            phasing           ? ?          ? 
# 
_cell.length_a           46.500 
_cell.length_b           46.500 
_cell.length_c           115.770 
_cell.angle_alpha        90.000 
_cell.angle_beta         90.000 
_cell.angle_gamma        90.000 
_cell.entry_id           4GOS 
_cell.pdbx_unique_axis   ? 
_cell.Z_PDB              8 
_cell.length_a_esd       ? 
_cell.length_b_esd       ? 
_cell.length_c_esd       ? 
_cell.angle_alpha_esd    ? 
_cell.angle_beta_esd     ? 
_cell.angle_gamma_esd    ? 
# 
_symmetry.space_group_name_H-M             'P 43 21 2' 
_symmetry.entry_id                         4GOS 
_symmetry.Int_Tables_number                96 
_symmetry.pdbx_full_space_group_name_H-M   ? 
_symmetry.cell_setting                     ? 
_symmetry.space_group_name_Hall            ? 
# 
_exptl.crystals_number   2 
_exptl.entry_id          4GOS 
_exptl.method            'X-RAY DIFFRACTION' 
# 
loop_
_exptl_crystal.id 
_exptl_crystal.density_Matthews 
_exptl_crystal.density_meas 
_exptl_crystal.density_percent_sol 
_exptl_crystal.description 
_exptl_crystal.F_000 
_exptl_crystal.preparation 
1 2.28 ? 46.06 ? ? ? 
2 ?    ? ?     ? ? ? 
# 
loop_
_exptl_crystal_grow.crystal_id 
_exptl_crystal_grow.method 
_exptl_crystal_grow.pH 
_exptl_crystal_grow.temp 
_exptl_crystal_grow.pdbx_details 
_exptl_crystal_grow.temp_details 
_exptl_crystal_grow.pdbx_pH_range 
1 'VAPOR DIFFUSION' 7.0 291 '200 mM tri-Potassium citrate, 2.2 M ammonium sulfate, pH 7.0, VAPOR DIFFUSION, temperature 291K' ? ? 
2 'VAPOR DIFFUSION' 7.0 291 
'200 mM tri-Potassium citrate, 2.2 M ammonium sulfate, I3C (magic triangle) soak, pH 7.0, VAPOR DIFFUSION, temperature 291K' ? ? 
# 
loop_
_diffrn.id 
_diffrn.ambient_temp 
_diffrn.ambient_temp_details 
_diffrn.crystal_id 
1 100 ? 1 
2 ?   ? 2 
# 
_diffrn_detector.diffrn_id              1 
_diffrn_detector.detector               CCD 
_diffrn_detector.type                   'ADSC QUANTUM 315' 
_diffrn_detector.pdbx_collection_date   2012-06-08 
_diffrn_detector.details                ? 
# 
_diffrn_radiation.diffrn_id                        1 
_diffrn_radiation.pdbx_diffrn_protocol             'SINGLE WAVELENGTH' 
_diffrn_radiation.monochromator                    'Si crystal' 
_diffrn_radiation.wavelength_id                    1 
_diffrn_radiation.pdbx_monochromatic_or_laue_m_l   M 
_diffrn_radiation.pdbx_scattering_type             x-ray 
# 
loop_
_diffrn_radiation_wavelength.id 
_diffrn_radiation_wavelength.wavelength 
_diffrn_radiation_wavelength.wt 
1 1.0750 1.0 
2 1.5402 1.0 
# 
loop_
_diffrn_source.diffrn_id 
_diffrn_source.source 
_diffrn_source.type 
_diffrn_source.pdbx_wavelength_list 
_diffrn_source.pdbx_wavelength 
_diffrn_source.pdbx_synchrotron_site 
_diffrn_source.pdbx_synchrotron_beamline 
1 SYNCHROTRON 'NSLS BEAMLINE X29A' '1.0750, 1.5402' ? NSLS X29A 
2 ?           ?                    ?                ? NSLS X29A 
# 
_reflns.entry_id                     4GOS 
_reflns.d_resolution_high            1.59 
_reflns.d_resolution_low             43.149 
_reflns.number_all                   17917 
_reflns.number_obs                   16143 
_reflns.pdbx_netI_over_sigmaI        17.700 
_reflns.pdbx_Rsym_value              0.088 
_reflns.pdbx_redundancy              13.300 
_reflns.percent_possible_obs         90.100 
_reflns.observed_criterion_sigma_F   ? 
_reflns.observed_criterion_sigma_I   ? 
_reflns.pdbx_Rmerge_I_obs            ? 
_reflns.B_iso_Wilson_estimate        13.046 
_reflns.R_free_details               ? 
_reflns.limit_h_max                  ? 
_reflns.limit_h_min                  ? 
_reflns.limit_k_max                  ? 
_reflns.limit_k_min                  ? 
_reflns.limit_l_max                  ? 
_reflns.limit_l_min                  ? 
_reflns.observed_criterion_F_max     ? 
_reflns.observed_criterion_F_min     ? 
_reflns.pdbx_chi_squared             ? 
_reflns.pdbx_scaling_rejects         ? 
_reflns.pdbx_ordinal                 1 
_reflns.pdbx_diffrn_id               1,2 
# 
loop_
_reflns_shell.d_res_high 
_reflns_shell.d_res_low 
_reflns_shell.number_measured_obs 
_reflns_shell.number_measured_all 
_reflns_shell.number_unique_obs 
_reflns_shell.Rmerge_I_obs 
_reflns_shell.meanI_over_sigI_obs 
_reflns_shell.pdbx_Rsym_value 
_reflns_shell.pdbx_chi_squared 
_reflns_shell.pdbx_redundancy 
_reflns_shell.percent_possible_obs 
_reflns_shell.number_unique_all 
_reflns_shell.percent_possible_all 
_reflns_shell.pdbx_ordinal 
_reflns_shell.pdbx_diffrn_id 
1.590 1.680  ? 34525 ? ? 1.600  0.489 ? 13.500 ? 2548 100.000 1  1,2 
1.680 1.780  ? 30517 ? ? 2.400  0.315 ? 14.100 ? 2159 89.600  2  1,2 
1.780 1.900  ? 29235 ? ? 3.800  0.198 ? 13.900 ? 2109 93.000  3  1,2 
1.900 2.050  ? 22648 ? ? 5.300  0.128 ? 13.400 ? 1687 78.800  4  1,2 
2.050 2.250  ? 21182 ? ? 6.100  0.113 ? 13.100 ? 1616 81.900  5  1,2 
2.250 2.520  ? 21479 ? ? 7.600  0.088 ? 12.800 ? 1674 92.900  6  1,2 
2.520 2.900  ? 18089 ? ? 8.500  0.073 ? 12.500 ? 1449 89.900  7  1,2 
2.900 3.560  ? 15743 ? ? 8.700  0.070 ? 12.200 ? 1286 93.500  8  1,2 
3.560 5.030  ? 11980 ? ? 11.300 0.053 ? 12.700 ? 942  85.500  9  1,2 
5.030 38.590 ? 8555  ? ? 13.900 0.042 ? 12.700 ? 673  98.900  10 1,2 
# 
_refine.entry_id                                 4GOS 
_refine.ls_d_res_high                            1.5900 
_refine.ls_d_res_low                             19.9100 
_refine.pdbx_ls_sigma_F                          0.000 
_refine.pdbx_data_cutoff_high_absF               ? 
_refine.pdbx_data_cutoff_low_absF                ? 
_refine.ls_percent_reflns_obs                    89.8200 
_refine.ls_number_reflns_obs                     15194 
_refine.ls_number_reflns_all                     16916 
_refine.pdbx_ls_cross_valid_method               THROUGHOUT 
_refine.pdbx_R_Free_selection_details            RANDOM 
_refine.details                                  
'HYDROGENS HAVE BEEN ADDED IN THE RIDING POSITIONS; U VALUES HAVE BEEN REFINED INDIVIDUALLY' 
_refine.ls_R_factor_all                          ? 
_refine.ls_R_factor_obs                          0.1750 
_refine.ls_R_factor_R_work                       0.1741 
_refine.ls_wR_factor_R_work                      0.1770 
_refine.ls_R_factor_R_free                       0.1916 
_refine.ls_wR_factor_R_free                      0.1935 
_refine.ls_percent_reflns_R_free                 5.2000 
_refine.ls_number_reflns_R_free                  837 
_refine.ls_R_factor_R_free_error                 ? 
_refine.B_iso_mean                               15.8718 
_refine.solvent_model_param_bsol                 ? 
_refine.solvent_model_param_ksol                 ? 
_refine.pdbx_isotropic_thermal_model             ? 
_refine.aniso_B[1][1]                            -0.0200 
_refine.aniso_B[2][2]                            -0.0200 
_refine.aniso_B[3][3]                            0.0400 
_refine.aniso_B[1][2]                            -0.0000 
_refine.aniso_B[1][3]                            -0.0000 
_refine.aniso_B[2][3]                            0.0000 
_refine.correlation_coeff_Fo_to_Fc               ? 
_refine.correlation_coeff_Fo_to_Fc_free          ? 
_refine.overall_SU_R_Cruickshank_DPI             0.0905 
_refine.overall_SU_R_free                        0.0847 
_refine.pdbx_overall_ESU_R                       0.0900 
_refine.pdbx_overall_ESU_R_Free                  0.0850 
_refine.overall_SU_ML                            0.0440 
_refine.overall_SU_B                             1.2160 
_refine.solvent_model_details                    'BABINET MODEL WITH MASK' 
_refine.pdbx_solvent_vdw_probe_radii             1.2000 
_refine.pdbx_solvent_ion_probe_radii             0.8000 
_refine.pdbx_solvent_shrinkage_radii             0.8000 
_refine.ls_number_parameters                     ? 
_refine.ls_number_restraints                     ? 
_refine.pdbx_starting_model                      ? 
_refine.pdbx_method_to_determine_struct          SIRAS 
_refine.pdbx_stereochemistry_target_values       'MAXIMUM LIKELIHOOD' 
_refine.pdbx_stereochem_target_val_spec_case     ? 
_refine.overall_FOM_work_R_set                   0.9077 
_refine.B_iso_max                                46.490 
_refine.B_iso_min                                8.820 
_refine.pdbx_overall_phase_error                 ? 
_refine.occupancy_max                            1.000 
_refine.occupancy_min                            0.500 
_refine.pdbx_ls_sigma_I                          ? 
_refine.ls_redundancy_reflns_obs                 ? 
_refine.ls_R_factor_R_free_error_details         ? 
_refine.pdbx_data_cutoff_high_rms_absF           ? 
_refine.overall_FOM_free_R_set                   ? 
_refine.pdbx_diffrn_id                           1,2 
_refine.pdbx_refine_id                           'X-RAY DIFFRACTION' 
_refine.pdbx_TLS_residual_ADP_flag               ? 
_refine.pdbx_overall_SU_R_free_Cruickshank_DPI   ? 
_refine.pdbx_overall_SU_R_Blow_DPI               ? 
_refine.pdbx_overall_SU_R_free_Blow_DPI          ? 
# 
_refine_hist.pdbx_refine_id                   'X-RAY DIFFRACTION' 
_refine_hist.cycle_id                         LAST 
_refine_hist.pdbx_number_atoms_protein        871 
_refine_hist.pdbx_number_atoms_nucleic_acid   0 
_refine_hist.pdbx_number_atoms_ligand         61 
_refine_hist.number_atoms_solvent             111 
_refine_hist.number_atoms_total               1043 
_refine_hist.d_res_high                       1.5900 
_refine_hist.d_res_low                        19.9100 
# 
loop_
_refine_ls_restr.type 
_refine_ls_restr.number 
_refine_ls_restr.dev_ideal 
_refine_ls_restr.dev_ideal_target 
_refine_ls_restr.weight 
_refine_ls_restr.pdbx_restraint_function 
_refine_ls_restr.pdbx_refine_id 
r_bond_refined_d       960  0.009  0.020  ? ? 'X-RAY DIFFRACTION' 
r_bond_other_d         917  0.002  0.020  ? ? 'X-RAY DIFFRACTION' 
r_angle_refined_deg    1307 1.474  2.045  ? ? 'X-RAY DIFFRACTION' 
r_angle_other_deg      2102 0.725  3.002  ? ? 'X-RAY DIFFRACTION' 
r_dihedral_angle_1_deg 118  6.174  5.000  ? ? 'X-RAY DIFFRACTION' 
r_dihedral_angle_2_deg 37   32.737 25.946 ? ? 'X-RAY DIFFRACTION' 
r_dihedral_angle_3_deg 164  11.609 15.000 ? ? 'X-RAY DIFFRACTION' 
r_dihedral_angle_4_deg 3    27.761 15.000 ? ? 'X-RAY DIFFRACTION' 
r_chiral_restr         168  0.085  0.200  ? ? 'X-RAY DIFFRACTION' 
r_gen_planes_refined   1027 0.005  0.020  ? ? 'X-RAY DIFFRACTION' 
r_gen_planes_other     188  0.001  0.020  ? ? 'X-RAY DIFFRACTION' 
# 
_refine_ls_shell.d_res_high                       1.5910 
_refine_ls_shell.d_res_low                        1.6320 
_refine_ls_shell.pdbx_total_number_of_bins_used   20 
_refine_ls_shell.percent_reflns_obs               99.2900 
_refine_ls_shell.number_reflns_R_work             1198 
_refine_ls_shell.R_factor_all                     ? 
_refine_ls_shell.R_factor_R_work                  0.2320 
_refine_ls_shell.R_factor_R_free                  0.2260 
_refine_ls_shell.percent_reflns_R_free            ? 
_refine_ls_shell.number_reflns_R_free             68 
_refine_ls_shell.R_factor_R_free_error            ? 
_refine_ls_shell.number_reflns_all                1266 
_refine_ls_shell.number_reflns_obs                1198 
_refine_ls_shell.redundancy_reflns_obs            ? 
_refine_ls_shell.pdbx_refine_id                   'X-RAY DIFFRACTION' 
# 
_struct.entry_id                  4GOS 
_struct.title                     'Crystal structure of human B7-H4 IgV-like domain' 
_struct.pdbx_model_details        ? 
_struct.pdbx_CASP_flag            ? 
_struct.pdbx_model_type_details   ? 
# 
_struct_keywords.entry_id        4GOS 
_struct_keywords.text            
;IMMUNOGLOBULIN DOMAIN, GLYCOPROTEIN, DISULFIDE BOND, IMMUNITY, ADAPTIVE IMMUNITY, Structural Genomics, PSI-Biology, Protein Structure Initiative, New York Structural Genomics Research Consortium, NYSGRC, IMMUNOGLOBULIN VARIABLE-LIKE DOMAIN, CELL SURFACE, IMMUNE SYSTEM, Atoms-to-Animals: The Immune Function Network, IFN
;
_struct_keywords.pdbx_keywords   'IMMUNE SYSTEM' 
# 
loop_
_struct_asym.id 
_struct_asym.pdbx_blank_PDB_chainid_flag 
_struct_asym.pdbx_modified 
_struct_asym.entity_id 
_struct_asym.details 
A N N 1 ? 
B N N 2 ? 
C N N 3 ? 
# 
_struct_ref.id                         1 
_struct_ref.db_name                    UNP 
_struct_ref.db_code                    VTCN1_HUMAN 
_struct_ref.pdbx_db_accession          Q7Z7D3 
_struct_ref.entity_id                  1 
_struct_ref.pdbx_seq_one_letter_code   
;GISGRHSITVTTVASAGNIGEDGILSCTFEPDIKLSDIVIQWLKEGVLGLVHEFKEGKDELSEQDEMFRGRTAVFADQVI
VGNASLRLKNVQLTDAGTYKCYIITSKGKGNANLEYKTG
;
_struct_ref.pdbx_align_begin           30 
_struct_ref.pdbx_db_isoform            ? 
# 
_struct_ref_seq.align_id                      1 
_struct_ref_seq.ref_id                        1 
_struct_ref_seq.pdbx_PDB_id_code              4GOS 
_struct_ref_seq.pdbx_strand_id                A 
_struct_ref_seq.seq_align_beg                 1 
_struct_ref_seq.pdbx_seq_align_beg_ins_code   ? 
_struct_ref_seq.seq_align_end                 119 
_struct_ref_seq.pdbx_seq_align_end_ins_code   ? 
_struct_ref_seq.pdbx_db_accession             Q7Z7D3 
_struct_ref_seq.db_align_beg                  30 
_struct_ref_seq.pdbx_db_align_beg_ins_code    ? 
_struct_ref_seq.db_align_end                  148 
_struct_ref_seq.pdbx_db_align_end_ins_code    ? 
_struct_ref_seq.pdbx_auth_seq_align_beg       30 
_struct_ref_seq.pdbx_auth_seq_align_end       148 
# 
loop_
_struct_ref_seq_dif.align_id 
_struct_ref_seq_dif.pdbx_pdb_id_code 
_struct_ref_seq_dif.mon_id 
_struct_ref_seq_dif.pdbx_pdb_strand_id 
_struct_ref_seq_dif.seq_num 
_struct_ref_seq_dif.pdbx_pdb_ins_code 
_struct_ref_seq_dif.pdbx_seq_db_name 
_struct_ref_seq_dif.pdbx_seq_db_accession_code 
_struct_ref_seq_dif.db_mon_id 
_struct_ref_seq_dif.pdbx_seq_db_seq_num 
_struct_ref_seq_dif.details 
_struct_ref_seq_dif.pdbx_auth_seq_num 
_struct_ref_seq_dif.pdbx_ordinal 
1 4GOS HIS A 120 ? UNP Q7Z7D3 ? ? 'expression tag' 149 1 
1 4GOS HIS A 121 ? UNP Q7Z7D3 ? ? 'expression tag' 150 2 
1 4GOS HIS A 122 ? UNP Q7Z7D3 ? ? 'expression tag' 151 3 
1 4GOS HIS A 123 ? UNP Q7Z7D3 ? ? 'expression tag' 152 4 
1 4GOS HIS A 124 ? UNP Q7Z7D3 ? ? 'expression tag' 153 5 
1 4GOS HIS A 125 ? UNP Q7Z7D3 ? ? 'expression tag' 154 6 
# 
_pdbx_struct_assembly.id                   1 
_pdbx_struct_assembly.details              software_defined_assembly 
_pdbx_struct_assembly.method_details       PISA 
_pdbx_struct_assembly.oligomeric_details   monomeric 
_pdbx_struct_assembly.oligomeric_count     1 
# 
_pdbx_struct_assembly_gen.assembly_id       1 
_pdbx_struct_assembly_gen.oper_expression   1 
_pdbx_struct_assembly_gen.asym_id_list      A,B,C 
# 
_pdbx_struct_oper_list.id                   1 
_pdbx_struct_oper_list.type                 'identity operation' 
_pdbx_struct_oper_list.name                 1_555 
_pdbx_struct_oper_list.symmetry_operation   x,y,z 
_pdbx_struct_oper_list.matrix[1][1]         1.0000000000 
_pdbx_struct_oper_list.matrix[1][2]         0.0000000000 
_pdbx_struct_oper_list.matrix[1][3]         0.0000000000 
_pdbx_struct_oper_list.vector[1]            0.0000000000 
_pdbx_struct_oper_list.matrix[2][1]         0.0000000000 
_pdbx_struct_oper_list.matrix[2][2]         1.0000000000 
_pdbx_struct_oper_list.matrix[2][3]         0.0000000000 
_pdbx_struct_oper_list.vector[2]            0.0000000000 
_pdbx_struct_oper_list.matrix[3][1]         0.0000000000 
_pdbx_struct_oper_list.matrix[3][2]         0.0000000000 
_pdbx_struct_oper_list.matrix[3][3]         1.0000000000 
_pdbx_struct_oper_list.vector[3]            0.0000000000 
# 
_struct_biol.id        1 
_struct_biol.details   'probable monomer' 
# 
loop_
_struct_conf.conf_type_id 
_struct_conf.id 
_struct_conf.pdbx_PDB_helix_id 
_struct_conf.beg_label_comp_id 
_struct_conf.beg_label_asym_id 
_struct_conf.beg_label_seq_id 
_struct_conf.pdbx_beg_PDB_ins_code 
_struct_conf.end_label_comp_id 
_struct_conf.end_label_asym_id 
_struct_conf.end_label_seq_id 
_struct_conf.pdbx_end_PDB_ins_code 
_struct_conf.beg_auth_comp_id 
_struct_conf.beg_auth_asym_id 
_struct_conf.beg_auth_seq_id 
_struct_conf.end_auth_comp_id 
_struct_conf.end_auth_asym_id 
_struct_conf.end_auth_seq_id 
_struct_conf.pdbx_PDB_helix_class 
_struct_conf.details 
_struct_conf.pdbx_PDB_helix_length 
HELX_P HELX_P1 1 LYS A 34 ? ASP A 37 ? LYS A 63  ASP A 66  5 ? 4 
HELX_P HELX_P2 2 ASP A 65 ? ARG A 69 ? ASP A 94  ARG A 98  5 ? 5 
HELX_P HELX_P3 3 GLN A 78 ? GLY A 82 ? GLN A 107 GLY A 111 5 ? 5 
HELX_P HELX_P4 4 GLN A 92 ? ALA A 96 ? GLN A 121 ALA A 125 5 ? 5 
# 
_struct_conf_type.id          HELX_P 
_struct_conf_type.criteria    ? 
_struct_conf_type.reference   ? 
# 
loop_
_struct_conn.id 
_struct_conn.conn_type_id 
_struct_conn.pdbx_leaving_atom_flag 
_struct_conn.pdbx_PDB_id 
_struct_conn.ptnr1_label_asym_id 
_struct_conn.ptnr1_label_comp_id 
_struct_conn.ptnr1_label_seq_id 
_struct_conn.ptnr1_label_atom_id 
_struct_conn.pdbx_ptnr1_label_alt_id 
_struct_conn.pdbx_ptnr1_PDB_ins_code 
_struct_conn.pdbx_ptnr1_standard_comp_id 
_struct_conn.ptnr1_symmetry 
_struct_conn.ptnr2_label_asym_id 
_struct_conn.ptnr2_label_comp_id 
_struct_conn.ptnr2_label_seq_id 
_struct_conn.ptnr2_label_atom_id 
_struct_conn.pdbx_ptnr2_label_alt_id 
_struct_conn.pdbx_ptnr2_PDB_ins_code 
_struct_conn.ptnr1_auth_asym_id 
_struct_conn.ptnr1_auth_comp_id 
_struct_conn.ptnr1_auth_seq_id 
_struct_conn.ptnr2_auth_asym_id 
_struct_conn.ptnr2_auth_comp_id 
_struct_conn.ptnr2_auth_seq_id 
_struct_conn.ptnr2_symmetry 
_struct_conn.pdbx_ptnr3_label_atom_id 
_struct_conn.pdbx_ptnr3_label_seq_id 
_struct_conn.pdbx_ptnr3_label_comp_id 
_struct_conn.pdbx_ptnr3_label_asym_id 
_struct_conn.pdbx_ptnr3_label_alt_id 
_struct_conn.pdbx_ptnr3_PDB_ins_code 
_struct_conn.details 
_struct_conn.pdbx_dist_value 
_struct_conn.pdbx_value_order 
_struct_conn.pdbx_role 
disulf1 disulf ?    ? A CYS 27 SG  ? ? ? 1_555 A CYS 101 SG ? ? A CYS 56  A CYS 130 1_555 ? ? ? ? ? ? ? 2.047 ? ?               
covale1 covale one  ? A ASN 83 ND2 ? ? ? 1_555 B NAG .   C1 ? ? A ASN 112 B NAG 1   1_555 ? ? ? ? ? ? ? 1.450 ? N-Glycosylation 
covale2 covale both ? B NAG .  O4  ? ? ? 1_555 B NAG .   C1 ? ? B NAG 1   B NAG 2   1_555 ? ? ? ? ? ? ? 1.433 ? ?               
covale3 covale both ? B NAG .  O4  ? ? ? 1_555 B BMA .   C1 ? ? B NAG 2   B BMA 3   1_555 ? ? ? ? ? ? ? 1.433 ? ?               
covale4 covale both ? B BMA .  O3  ? ? ? 1_555 B MAN .   C1 ? ? B BMA 3   B MAN 4   1_555 ? ? ? ? ? ? ? 1.442 ? ?               
covale5 covale both ? B BMA .  O6  ? ? ? 1_555 B MAN .   C1 ? ? B BMA 3   B MAN 5   1_555 ? ? ? ? ? ? ? 1.425 ? ?               
# 
loop_
_struct_conn_type.id 
_struct_conn_type.criteria 
_struct_conn_type.reference 
disulf ? ? 
covale ? ? 
# 
loop_
_pdbx_modification_feature.ordinal 
_pdbx_modification_feature.label_comp_id 
_pdbx_modification_feature.label_asym_id 
_pdbx_modification_feature.label_seq_id 
_pdbx_modification_feature.label_alt_id 
_pdbx_modification_feature.modified_residue_label_comp_id 
_pdbx_modification_feature.modified_residue_label_asym_id 
_pdbx_modification_feature.modified_residue_label_seq_id 
_pdbx_modification_feature.modified_residue_label_alt_id 
_pdbx_modification_feature.auth_comp_id 
_pdbx_modification_feature.auth_asym_id 
_pdbx_modification_feature.auth_seq_id 
_pdbx_modification_feature.PDB_ins_code 
_pdbx_modification_feature.symmetry 
_pdbx_modification_feature.modified_residue_auth_comp_id 
_pdbx_modification_feature.modified_residue_auth_asym_id 
_pdbx_modification_feature.modified_residue_auth_seq_id 
_pdbx_modification_feature.modified_residue_PDB_ins_code 
_pdbx_modification_feature.modified_residue_symmetry 
_pdbx_modification_feature.comp_id_linking_atom 
_pdbx_modification_feature.modified_residue_id_linking_atom 
_pdbx_modification_feature.modified_residue_id 
_pdbx_modification_feature.ref_pcm_id 
_pdbx_modification_feature.ref_comp_id 
_pdbx_modification_feature.type 
_pdbx_modification_feature.category 
1 NAG B .  ? ASN A 83  ? NAG B 1  ? 1_555 ASN A 112 ? 1_555 C1 ND2 ASN 1 NAG N-Glycosylation Carbohydrate       
2 CYS A 27 ? CYS A 101 ? CYS A 56 ? 1_555 CYS A 130 ? 1_555 SG SG  .   . .   None            'Disulfide bridge' 
# 
loop_
_struct_sheet.id 
_struct_sheet.type 
_struct_sheet.number_strands 
_struct_sheet.details 
A ? 4 ? 
B ? 6 ? 
# 
loop_
_struct_sheet_order.sheet_id 
_struct_sheet_order.range_id_1 
_struct_sheet_order.range_id_2 
_struct_sheet_order.offset 
_struct_sheet_order.sense 
A 1 2 ? anti-parallel 
A 2 3 ? anti-parallel 
A 3 4 ? anti-parallel 
B 1 2 ? parallel      
B 2 3 ? anti-parallel 
B 3 4 ? anti-parallel 
B 4 5 ? anti-parallel 
B 5 6 ? anti-parallel 
# 
loop_
_struct_sheet_range.sheet_id 
_struct_sheet_range.id 
_struct_sheet_range.beg_label_comp_id 
_struct_sheet_range.beg_label_asym_id 
_struct_sheet_range.beg_label_seq_id 
_struct_sheet_range.pdbx_beg_PDB_ins_code 
_struct_sheet_range.end_label_comp_id 
_struct_sheet_range.end_label_asym_id 
_struct_sheet_range.end_label_seq_id 
_struct_sheet_range.pdbx_end_PDB_ins_code 
_struct_sheet_range.beg_auth_comp_id 
_struct_sheet_range.beg_auth_asym_id 
_struct_sheet_range.beg_auth_seq_id 
_struct_sheet_range.end_auth_comp_id 
_struct_sheet_range.end_auth_asym_id 
_struct_sheet_range.end_auth_seq_id 
A 1 VAL A 10  ? VAL A 13  ? VAL A 39  VAL A 42  
A 2 GLY A 23  ? PHE A 29  ? GLY A 52  PHE A 58  
A 3 LEU A 86  ? LEU A 88  ? LEU A 115 LEU A 117 
A 4 THR A 72  ? VAL A 74  ? THR A 101 VAL A 103 
B 1 SER A 15  ? ASN A 18  ? SER A 44  ASN A 47  
B 2 GLY A 108 ? GLY A 119 ? GLY A 137 GLY A 148 
B 3 GLY A 97  ? THR A 105 ? GLY A 126 THR A 134 
B 4 VAL A 39  ? LYS A 44  ? VAL A 68  LYS A 73  
B 5 HIS A 52  ? LYS A 55  ? HIS A 81  LYS A 84  
B 6 LYS A 58  ? ASP A 59  ? LYS A 87  ASP A 88  
# 
loop_
_pdbx_struct_sheet_hbond.sheet_id 
_pdbx_struct_sheet_hbond.range_id_1 
_pdbx_struct_sheet_hbond.range_id_2 
_pdbx_struct_sheet_hbond.range_1_label_atom_id 
_pdbx_struct_sheet_hbond.range_1_label_comp_id 
_pdbx_struct_sheet_hbond.range_1_label_asym_id 
_pdbx_struct_sheet_hbond.range_1_label_seq_id 
_pdbx_struct_sheet_hbond.range_1_PDB_ins_code 
_pdbx_struct_sheet_hbond.range_1_auth_atom_id 
_pdbx_struct_sheet_hbond.range_1_auth_comp_id 
_pdbx_struct_sheet_hbond.range_1_auth_asym_id 
_pdbx_struct_sheet_hbond.range_1_auth_seq_id 
_pdbx_struct_sheet_hbond.range_2_label_atom_id 
_pdbx_struct_sheet_hbond.range_2_label_comp_id 
_pdbx_struct_sheet_hbond.range_2_label_asym_id 
_pdbx_struct_sheet_hbond.range_2_label_seq_id 
_pdbx_struct_sheet_hbond.range_2_PDB_ins_code 
_pdbx_struct_sheet_hbond.range_2_auth_atom_id 
_pdbx_struct_sheet_hbond.range_2_auth_comp_id 
_pdbx_struct_sheet_hbond.range_2_auth_asym_id 
_pdbx_struct_sheet_hbond.range_2_auth_seq_id 
A 1 2 N THR A 11  ? N THR A 40  O THR A 28  ? O THR A 57  
A 2 3 N GLY A 23  ? N GLY A 52  O LEU A 88  ? O LEU A 117 
A 3 4 O ARG A 87  ? O ARG A 116 N ALA A 73  ? N ALA A 102 
B 1 2 N GLY A 17  ? N GLY A 46  O LYS A 117 ? O LYS A 146 
B 2 3 O LEU A 114 ? O LEU A 143 N TYR A 99  ? N TYR A 128 
B 3 4 O TYR A 102 ? O TYR A 131 N GLN A 41  ? N GLN A 70  
B 4 5 N ILE A 40  ? N ILE A 69  O PHE A 54  ? O PHE A 83  
B 5 6 N LYS A 55  ? N LYS A 84  O LYS A 58  ? O LYS A 87  
# 
_pdbx_entry_details.entry_id                   4GOS 
_pdbx_entry_details.compound_details           ? 
_pdbx_entry_details.source_details             ? 
_pdbx_entry_details.nonpolymer_details         ? 
_pdbx_entry_details.sequence_details           ? 
_pdbx_entry_details.has_ligand_of_interest     ? 
_pdbx_entry_details.has_protein_modification   Y 
# 
loop_
_pdbx_SG_project.id 
_pdbx_SG_project.project_name 
_pdbx_SG_project.full_name_of_center 
_pdbx_SG_project.initial_of_center 
1 PSI:Biology 'New York Structural Genomics Research Consortium' NYSGRC 
2 PSI:Biology 'Atoms-to-Animals: The Immune Function Network'    IFN    
# 
_pdbx_struct_mod_residue.id               1 
_pdbx_struct_mod_residue.label_asym_id    A 
_pdbx_struct_mod_residue.label_comp_id    ASN 
_pdbx_struct_mod_residue.label_seq_id     83 
_pdbx_struct_mod_residue.auth_asym_id     A 
_pdbx_struct_mod_residue.auth_comp_id     ASN 
_pdbx_struct_mod_residue.auth_seq_id      112 
_pdbx_struct_mod_residue.PDB_ins_code     ? 
_pdbx_struct_mod_residue.parent_comp_id   ASN 
_pdbx_struct_mod_residue.details          'GLYCOSYLATION SITE' 
# 
_pdbx_struct_special_symmetry.id              1 
_pdbx_struct_special_symmetry.PDB_model_num   1 
_pdbx_struct_special_symmetry.auth_asym_id    A 
_pdbx_struct_special_symmetry.auth_comp_id    HOH 
_pdbx_struct_special_symmetry.auth_seq_id     348 
_pdbx_struct_special_symmetry.PDB_ins_code    ? 
_pdbx_struct_special_symmetry.label_asym_id   C 
_pdbx_struct_special_symmetry.label_comp_id   HOH 
_pdbx_struct_special_symmetry.label_seq_id    . 
# 
_diffrn_reflns.diffrn_id                   1 
_diffrn_reflns.pdbx_d_res_high             1.793 
_diffrn_reflns.pdbx_d_res_low              43.145 
_diffrn_reflns.pdbx_number_obs             10948 
_diffrn_reflns.pdbx_Rmerge_I_obs           ? 
_diffrn_reflns.pdbx_Rsym_value             0.161 
_diffrn_reflns.pdbx_chi_squared            ? 
_diffrn_reflns.av_sigmaI_over_netI         4.30 
_diffrn_reflns.pdbx_redundancy             18.40 
_diffrn_reflns.pdbx_percent_possible_obs   86.40 
_diffrn_reflns.number                      201521 
_diffrn_reflns.pdbx_observed_criterion     ? 
_diffrn_reflns.limit_h_max                 ? 
_diffrn_reflns.limit_h_min                 ? 
_diffrn_reflns.limit_k_max                 ? 
_diffrn_reflns.limit_k_min                 ? 
_diffrn_reflns.limit_l_max                 ? 
_diffrn_reflns.limit_l_min                 ? 
# 
loop_
_pdbx_diffrn_reflns_shell.diffrn_id 
_pdbx_diffrn_reflns_shell.d_res_high 
_pdbx_diffrn_reflns_shell.d_res_low 
_pdbx_diffrn_reflns_shell.number_obs 
_pdbx_diffrn_reflns_shell.rejects 
_pdbx_diffrn_reflns_shell.Rmerge_I_obs 
_pdbx_diffrn_reflns_shell.Rsym_value 
_pdbx_diffrn_reflns_shell.chi_squared 
_pdbx_diffrn_reflns_shell.redundancy 
_pdbx_diffrn_reflns_shell.percent_possible_obs 
1 5.67 38.72 ? ? 0.069 0.069 ? 18.80 99.60  
1 4.01 5.67  ? ? 0.062 0.062 ? 20.50 100.00 
1 3.27 4.01  ? ? 0.084 0.084 ? 17.40 75.30  
1 2.84 3.27  ? ? 0.099 0.099 ? 17.10 100.00 
1 2.54 2.84  ? ? 0.152 0.152 ? 17.10 86.80  
1 2.31 2.54  ? ? 0.208 0.208 ? 17.30 99.60  
1 2.14 2.31  ? ? 0.408 0.408 ? 17.80 83.00  
1 2.00 2.14  ? ? 0.472 0.472 ? 18.90 83.10  
1 1.89 2.00  ? ? 1.016 1.016 ? 19.60 66.70  
1 1.79 1.89  ? ? 1.792 1.792 ? 19.70 89.40  
# 
loop_
_pdbx_phasing_MAD_set_site.id 
_pdbx_phasing_MAD_set_site.atom_type_symbol 
_pdbx_phasing_MAD_set_site.Cartn_x 
_pdbx_phasing_MAD_set_site.Cartn_y 
_pdbx_phasing_MAD_set_site.Cartn_z 
_pdbx_phasing_MAD_set_site.occupancy 
_pdbx_phasing_MAD_set_site.b_iso 
1  S -18.062 17.246 48.490 1.00 20.00 
2  S -18.758 18.421 42.721 0.58 20.00 
3  S -13.344 16.263 44.927 0.34 20.00 
4  S -0.577  25.968 40.981 0.16 20.00 
5  S -18.397 15.432 58.576 0.15 20.00 
6  S -22.548 15.566 56.952 0.14 20.00 
7  S -0.047  29.737 42.078 0.10 20.00 
8  S -20.181 18.551 53.576 0.08 20.00 
9  S -18.367 16.270 35.197 0.08 20.00 
10 S 1.561   26.161 46.444 0.06 20.00 
11 S 4.744   38.874 47.708 0.02 20.00 
# 
_phasing.method   SIRAS 
# 
loop_
_pdbx_unobs_or_zero_occ_residues.id 
_pdbx_unobs_or_zero_occ_residues.PDB_model_num 
_pdbx_unobs_or_zero_occ_residues.polymer_flag 
_pdbx_unobs_or_zero_occ_residues.occupancy_flag 
_pdbx_unobs_or_zero_occ_residues.auth_asym_id 
_pdbx_unobs_or_zero_occ_residues.auth_comp_id 
_pdbx_unobs_or_zero_occ_residues.auth_seq_id 
_pdbx_unobs_or_zero_occ_residues.PDB_ins_code 
_pdbx_unobs_or_zero_occ_residues.label_asym_id 
_pdbx_unobs_or_zero_occ_residues.label_comp_id 
_pdbx_unobs_or_zero_occ_residues.label_seq_id 
1  1 Y 1 A GLY 30  ? A GLY 1   
2  1 Y 1 A ILE 31  ? A ILE 2   
3  1 Y 1 A SER 32  ? A SER 3   
4  1 Y 1 A GLY 33  ? A GLY 4   
5  1 Y 1 A ARG 34  ? A ARG 5   
6  1 Y 1 A HIS 150 ? A HIS 121 
7  1 Y 1 A HIS 151 ? A HIS 122 
8  1 Y 1 A HIS 152 ? A HIS 123 
9  1 Y 1 A HIS 153 ? A HIS 124 
10 1 Y 1 A HIS 154 ? A HIS 125 
# 
loop_
_chem_comp_atom.comp_id 
_chem_comp_atom.atom_id 
_chem_comp_atom.type_symbol 
_chem_comp_atom.pdbx_aromatic_flag 
_chem_comp_atom.pdbx_stereo_config 
_chem_comp_atom.pdbx_ordinal 
ALA N    N N N 1   
ALA CA   C N S 2   
ALA C    C N N 3   
ALA O    O N N 4   
ALA CB   C N N 5   
ALA OXT  O N N 6   
ALA H    H N N 7   
ALA H2   H N N 8   
ALA HA   H N N 9   
ALA HB1  H N N 10  
ALA HB2  H N N 11  
ALA HB3  H N N 12  
ALA HXT  H N N 13  
ARG N    N N N 14  
ARG CA   C N S 15  
ARG C    C N N 16  
ARG O    O N N 17  
ARG CB   C N N 18  
ARG CG   C N N 19  
ARG CD   C N N 20  
ARG NE   N N N 21  
ARG CZ   C N N 22  
ARG NH1  N N N 23  
ARG NH2  N N N 24  
ARG OXT  O N N 25  
ARG H    H N N 26  
ARG H2   H N N 27  
ARG HA   H N N 28  
ARG HB2  H N N 29  
ARG HB3  H N N 30  
ARG HG2  H N N 31  
ARG HG3  H N N 32  
ARG HD2  H N N 33  
ARG HD3  H N N 34  
ARG HE   H N N 35  
ARG HH11 H N N 36  
ARG HH12 H N N 37  
ARG HH21 H N N 38  
ARG HH22 H N N 39  
ARG HXT  H N N 40  
ASN N    N N N 41  
ASN CA   C N S 42  
ASN C    C N N 43  
ASN O    O N N 44  
ASN CB   C N N 45  
ASN CG   C N N 46  
ASN OD1  O N N 47  
ASN ND2  N N N 48  
ASN OXT  O N N 49  
ASN H    H N N 50  
ASN H2   H N N 51  
ASN HA   H N N 52  
ASN HB2  H N N 53  
ASN HB3  H N N 54  
ASN HD21 H N N 55  
ASN HD22 H N N 56  
ASN HXT  H N N 57  
ASP N    N N N 58  
ASP CA   C N S 59  
ASP C    C N N 60  
ASP O    O N N 61  
ASP CB   C N N 62  
ASP CG   C N N 63  
ASP OD1  O N N 64  
ASP OD2  O N N 65  
ASP OXT  O N N 66  
ASP H    H N N 67  
ASP H2   H N N 68  
ASP HA   H N N 69  
ASP HB2  H N N 70  
ASP HB3  H N N 71  
ASP HD2  H N N 72  
ASP HXT  H N N 73  
BMA C1   C N R 74  
BMA C2   C N S 75  
BMA C3   C N S 76  
BMA C4   C N S 77  
BMA C5   C N R 78  
BMA C6   C N N 79  
BMA O1   O N N 80  
BMA O2   O N N 81  
BMA O3   O N N 82  
BMA O4   O N N 83  
BMA O5   O N N 84  
BMA O6   O N N 85  
BMA H1   H N N 86  
BMA H2   H N N 87  
BMA H3   H N N 88  
BMA H4   H N N 89  
BMA H5   H N N 90  
BMA H61  H N N 91  
BMA H62  H N N 92  
BMA HO1  H N N 93  
BMA HO2  H N N 94  
BMA HO3  H N N 95  
BMA HO4  H N N 96  
BMA HO6  H N N 97  
CYS N    N N N 98  
CYS CA   C N R 99  
CYS C    C N N 100 
CYS O    O N N 101 
CYS CB   C N N 102 
CYS SG   S N N 103 
CYS OXT  O N N 104 
CYS H    H N N 105 
CYS H2   H N N 106 
CYS HA   H N N 107 
CYS HB2  H N N 108 
CYS HB3  H N N 109 
CYS HG   H N N 110 
CYS HXT  H N N 111 
GLN N    N N N 112 
GLN CA   C N S 113 
GLN C    C N N 114 
GLN O    O N N 115 
GLN CB   C N N 116 
GLN CG   C N N 117 
GLN CD   C N N 118 
GLN OE1  O N N 119 
GLN NE2  N N N 120 
GLN OXT  O N N 121 
GLN H    H N N 122 
GLN H2   H N N 123 
GLN HA   H N N 124 
GLN HB2  H N N 125 
GLN HB3  H N N 126 
GLN HG2  H N N 127 
GLN HG3  H N N 128 
GLN HE21 H N N 129 
GLN HE22 H N N 130 
GLN HXT  H N N 131 
GLU N    N N N 132 
GLU CA   C N S 133 
GLU C    C N N 134 
GLU O    O N N 135 
GLU CB   C N N 136 
GLU CG   C N N 137 
GLU CD   C N N 138 
GLU OE1  O N N 139 
GLU OE2  O N N 140 
GLU OXT  O N N 141 
GLU H    H N N 142 
GLU H2   H N N 143 
GLU HA   H N N 144 
GLU HB2  H N N 145 
GLU HB3  H N N 146 
GLU HG2  H N N 147 
GLU HG3  H N N 148 
GLU HE2  H N N 149 
GLU HXT  H N N 150 
GLY N    N N N 151 
GLY CA   C N N 152 
GLY C    C N N 153 
GLY O    O N N 154 
GLY OXT  O N N 155 
GLY H    H N N 156 
GLY H2   H N N 157 
GLY HA2  H N N 158 
GLY HA3  H N N 159 
GLY HXT  H N N 160 
HIS N    N N N 161 
HIS CA   C N S 162 
HIS C    C N N 163 
HIS O    O N N 164 
HIS CB   C N N 165 
HIS CG   C Y N 166 
HIS ND1  N Y N 167 
HIS CD2  C Y N 168 
HIS CE1  C Y N 169 
HIS NE2  N Y N 170 
HIS OXT  O N N 171 
HIS H    H N N 172 
HIS H2   H N N 173 
HIS HA   H N N 174 
HIS HB2  H N N 175 
HIS HB3  H N N 176 
HIS HD1  H N N 177 
HIS HD2  H N N 178 
HIS HE1  H N N 179 
HIS HE2  H N N 180 
HIS HXT  H N N 181 
HOH O    O N N 182 
HOH H1   H N N 183 
HOH H2   H N N 184 
ILE N    N N N 185 
ILE CA   C N S 186 
ILE C    C N N 187 
ILE O    O N N 188 
ILE CB   C N S 189 
ILE CG1  C N N 190 
ILE CG2  C N N 191 
ILE CD1  C N N 192 
ILE OXT  O N N 193 
ILE H    H N N 194 
ILE H2   H N N 195 
ILE HA   H N N 196 
ILE HB   H N N 197 
ILE HG12 H N N 198 
ILE HG13 H N N 199 
ILE HG21 H N N 200 
ILE HG22 H N N 201 
ILE HG23 H N N 202 
ILE HD11 H N N 203 
ILE HD12 H N N 204 
ILE HD13 H N N 205 
ILE HXT  H N N 206 
LEU N    N N N 207 
LEU CA   C N S 208 
LEU C    C N N 209 
LEU O    O N N 210 
LEU CB   C N N 211 
LEU CG   C N N 212 
LEU CD1  C N N 213 
LEU CD2  C N N 214 
LEU OXT  O N N 215 
LEU H    H N N 216 
LEU H2   H N N 217 
LEU HA   H N N 218 
LEU HB2  H N N 219 
LEU HB3  H N N 220 
LEU HG   H N N 221 
LEU HD11 H N N 222 
LEU HD12 H N N 223 
LEU HD13 H N N 224 
LEU HD21 H N N 225 
LEU HD22 H N N 226 
LEU HD23 H N N 227 
LEU HXT  H N N 228 
LYS N    N N N 229 
LYS CA   C N S 230 
LYS C    C N N 231 
LYS O    O N N 232 
LYS CB   C N N 233 
LYS CG   C N N 234 
LYS CD   C N N 235 
LYS CE   C N N 236 
LYS NZ   N N N 237 
LYS OXT  O N N 238 
LYS H    H N N 239 
LYS H2   H N N 240 
LYS HA   H N N 241 
LYS HB2  H N N 242 
LYS HB3  H N N 243 
LYS HG2  H N N 244 
LYS HG3  H N N 245 
LYS HD2  H N N 246 
LYS HD3  H N N 247 
LYS HE2  H N N 248 
LYS HE3  H N N 249 
LYS HZ1  H N N 250 
LYS HZ2  H N N 251 
LYS HZ3  H N N 252 
LYS HXT  H N N 253 
MAN C1   C N S 254 
MAN C2   C N S 255 
MAN C3   C N S 256 
MAN C4   C N S 257 
MAN C5   C N R 258 
MAN C6   C N N 259 
MAN O1   O N N 260 
MAN O2   O N N 261 
MAN O3   O N N 262 
MAN O4   O N N 263 
MAN O5   O N N 264 
MAN O6   O N N 265 
MAN H1   H N N 266 
MAN H2   H N N 267 
MAN H3   H N N 268 
MAN H4   H N N 269 
MAN H5   H N N 270 
MAN H61  H N N 271 
MAN H62  H N N 272 
MAN HO1  H N N 273 
MAN HO2  H N N 274 
MAN HO3  H N N 275 
MAN HO4  H N N 276 
MAN HO6  H N N 277 
MET N    N N N 278 
MET CA   C N S 279 
MET C    C N N 280 
MET O    O N N 281 
MET CB   C N N 282 
MET CG   C N N 283 
MET SD   S N N 284 
MET CE   C N N 285 
MET OXT  O N N 286 
MET H    H N N 287 
MET H2   H N N 288 
MET HA   H N N 289 
MET HB2  H N N 290 
MET HB3  H N N 291 
MET HG2  H N N 292 
MET HG3  H N N 293 
MET HE1  H N N 294 
MET HE2  H N N 295 
MET HE3  H N N 296 
MET HXT  H N N 297 
NAG C1   C N R 298 
NAG C2   C N R 299 
NAG C3   C N R 300 
NAG C4   C N S 301 
NAG C5   C N R 302 
NAG C6   C N N 303 
NAG C7   C N N 304 
NAG C8   C N N 305 
NAG N2   N N N 306 
NAG O1   O N N 307 
NAG O3   O N N 308 
NAG O4   O N N 309 
NAG O5   O N N 310 
NAG O6   O N N 311 
NAG O7   O N N 312 
NAG H1   H N N 313 
NAG H2   H N N 314 
NAG H3   H N N 315 
NAG H4   H N N 316 
NAG H5   H N N 317 
NAG H61  H N N 318 
NAG H62  H N N 319 
NAG H81  H N N 320 
NAG H82  H N N 321 
NAG H83  H N N 322 
NAG HN2  H N N 323 
NAG HO1  H N N 324 
NAG HO3  H N N 325 
NAG HO4  H N N 326 
NAG HO6  H N N 327 
PHE N    N N N 328 
PHE CA   C N S 329 
PHE C    C N N 330 
PHE O    O N N 331 
PHE CB   C N N 332 
PHE CG   C Y N 333 
PHE CD1  C Y N 334 
PHE CD2  C Y N 335 
PHE CE1  C Y N 336 
PHE CE2  C Y N 337 
PHE CZ   C Y N 338 
PHE OXT  O N N 339 
PHE H    H N N 340 
PHE H2   H N N 341 
PHE HA   H N N 342 
PHE HB2  H N N 343 
PHE HB3  H N N 344 
PHE HD1  H N N 345 
PHE HD2  H N N 346 
PHE HE1  H N N 347 
PHE HE2  H N N 348 
PHE HZ   H N N 349 
PHE HXT  H N N 350 
PRO N    N N N 351 
PRO CA   C N S 352 
PRO C    C N N 353 
PRO O    O N N 354 
PRO CB   C N N 355 
PRO CG   C N N 356 
PRO CD   C N N 357 
PRO OXT  O N N 358 
PRO H    H N N 359 
PRO HA   H N N 360 
PRO HB2  H N N 361 
PRO HB3  H N N 362 
PRO HG2  H N N 363 
PRO HG3  H N N 364 
PRO HD2  H N N 365 
PRO HD3  H N N 366 
PRO HXT  H N N 367 
SER N    N N N 368 
SER CA   C N S 369 
SER C    C N N 370 
SER O    O N N 371 
SER CB   C N N 372 
SER OG   O N N 373 
SER OXT  O N N 374 
SER H    H N N 375 
SER H2   H N N 376 
SER HA   H N N 377 
SER HB2  H N N 378 
SER HB3  H N N 379 
SER HG   H N N 380 
SER HXT  H N N 381 
THR N    N N N 382 
THR CA   C N S 383 
THR C    C N N 384 
THR O    O N N 385 
THR CB   C N R 386 
THR OG1  O N N 387 
THR CG2  C N N 388 
THR OXT  O N N 389 
THR H    H N N 390 
THR H2   H N N 391 
THR HA   H N N 392 
THR HB   H N N 393 
THR HG1  H N N 394 
THR HG21 H N N 395 
THR HG22 H N N 396 
THR HG23 H N N 397 
THR HXT  H N N 398 
TRP N    N N N 399 
TRP CA   C N S 400 
TRP C    C N N 401 
TRP O    O N N 402 
TRP CB   C N N 403 
TRP CG   C Y N 404 
TRP CD1  C Y N 405 
TRP CD2  C Y N 406 
TRP NE1  N Y N 407 
TRP CE2  C Y N 408 
TRP CE3  C Y N 409 
TRP CZ2  C Y N 410 
TRP CZ3  C Y N 411 
TRP CH2  C Y N 412 
TRP OXT  O N N 413 
TRP H    H N N 414 
TRP H2   H N N 415 
TRP HA   H N N 416 
TRP HB2  H N N 417 
TRP HB3  H N N 418 
TRP HD1  H N N 419 
TRP HE1  H N N 420 
TRP HE3  H N N 421 
TRP HZ2  H N N 422 
TRP HZ3  H N N 423 
TRP HH2  H N N 424 
TRP HXT  H N N 425 
TYR N    N N N 426 
TYR CA   C N S 427 
TYR C    C N N 428 
TYR O    O N N 429 
TYR CB   C N N 430 
TYR CG   C Y N 431 
TYR CD1  C Y N 432 
TYR CD2  C Y N 433 
TYR CE1  C Y N 434 
TYR CE2  C Y N 435 
TYR CZ   C Y N 436 
TYR OH   O N N 437 
TYR OXT  O N N 438 
TYR H    H N N 439 
TYR H2   H N N 440 
TYR HA   H N N 441 
TYR HB2  H N N 442 
TYR HB3  H N N 443 
TYR HD1  H N N 444 
TYR HD2  H N N 445 
TYR HE1  H N N 446 
TYR HE2  H N N 447 
TYR HH   H N N 448 
TYR HXT  H N N 449 
VAL N    N N N 450 
VAL CA   C N S 451 
VAL C    C N N 452 
VAL O    O N N 453 
VAL CB   C N N 454 
VAL CG1  C N N 455 
VAL CG2  C N N 456 
VAL OXT  O N N 457 
VAL H    H N N 458 
VAL H2   H N N 459 
VAL HA   H N N 460 
VAL HB   H N N 461 
VAL HG11 H N N 462 
VAL HG12 H N N 463 
VAL HG13 H N N 464 
VAL HG21 H N N 465 
VAL HG22 H N N 466 
VAL HG23 H N N 467 
VAL HXT  H N N 468 
# 
loop_
_chem_comp_bond.comp_id 
_chem_comp_bond.atom_id_1 
_chem_comp_bond.atom_id_2 
_chem_comp_bond.value_order 
_chem_comp_bond.pdbx_aromatic_flag 
_chem_comp_bond.pdbx_stereo_config 
_chem_comp_bond.pdbx_ordinal 
ALA N   CA   sing N N 1   
ALA N   H    sing N N 2   
ALA N   H2   sing N N 3   
ALA CA  C    sing N N 4   
ALA CA  CB   sing N N 5   
ALA CA  HA   sing N N 6   
ALA C   O    doub N N 7   
ALA C   OXT  sing N N 8   
ALA CB  HB1  sing N N 9   
ALA CB  HB2  sing N N 10  
ALA CB  HB3  sing N N 11  
ALA OXT HXT  sing N N 12  
ARG N   CA   sing N N 13  
ARG N   H    sing N N 14  
ARG N   H2   sing N N 15  
ARG CA  C    sing N N 16  
ARG CA  CB   sing N N 17  
ARG CA  HA   sing N N 18  
ARG C   O    doub N N 19  
ARG C   OXT  sing N N 20  
ARG CB  CG   sing N N 21  
ARG CB  HB2  sing N N 22  
ARG CB  HB3  sing N N 23  
ARG CG  CD   sing N N 24  
ARG CG  HG2  sing N N 25  
ARG CG  HG3  sing N N 26  
ARG CD  NE   sing N N 27  
ARG CD  HD2  sing N N 28  
ARG CD  HD3  sing N N 29  
ARG NE  CZ   sing N N 30  
ARG NE  HE   sing N N 31  
ARG CZ  NH1  sing N N 32  
ARG CZ  NH2  doub N N 33  
ARG NH1 HH11 sing N N 34  
ARG NH1 HH12 sing N N 35  
ARG NH2 HH21 sing N N 36  
ARG NH2 HH22 sing N N 37  
ARG OXT HXT  sing N N 38  
ASN N   CA   sing N N 39  
ASN N   H    sing N N 40  
ASN N   H2   sing N N 41  
ASN CA  C    sing N N 42  
ASN CA  CB   sing N N 43  
ASN CA  HA   sing N N 44  
ASN C   O    doub N N 45  
ASN C   OXT  sing N N 46  
ASN CB  CG   sing N N 47  
ASN CB  HB2  sing N N 48  
ASN CB  HB3  sing N N 49  
ASN CG  OD1  doub N N 50  
ASN CG  ND2  sing N N 51  
ASN ND2 HD21 sing N N 52  
ASN ND2 HD22 sing N N 53  
ASN OXT HXT  sing N N 54  
ASP N   CA   sing N N 55  
ASP N   H    sing N N 56  
ASP N   H2   sing N N 57  
ASP CA  C    sing N N 58  
ASP CA  CB   sing N N 59  
ASP CA  HA   sing N N 60  
ASP C   O    doub N N 61  
ASP C   OXT  sing N N 62  
ASP CB  CG   sing N N 63  
ASP CB  HB2  sing N N 64  
ASP CB  HB3  sing N N 65  
ASP CG  OD1  doub N N 66  
ASP CG  OD2  sing N N 67  
ASP OD2 HD2  sing N N 68  
ASP OXT HXT  sing N N 69  
BMA C1  C2   sing N N 70  
BMA C1  O1   sing N N 71  
BMA C1  O5   sing N N 72  
BMA C1  H1   sing N N 73  
BMA C2  C3   sing N N 74  
BMA C2  O2   sing N N 75  
BMA C2  H2   sing N N 76  
BMA C3  C4   sing N N 77  
BMA C3  O3   sing N N 78  
BMA C3  H3   sing N N 79  
BMA C4  C5   sing N N 80  
BMA C4  O4   sing N N 81  
BMA C4  H4   sing N N 82  
BMA C5  C6   sing N N 83  
BMA C5  O5   sing N N 84  
BMA C5  H5   sing N N 85  
BMA C6  O6   sing N N 86  
BMA C6  H61  sing N N 87  
BMA C6  H62  sing N N 88  
BMA O1  HO1  sing N N 89  
BMA O2  HO2  sing N N 90  
BMA O3  HO3  sing N N 91  
BMA O4  HO4  sing N N 92  
BMA O6  HO6  sing N N 93  
CYS N   CA   sing N N 94  
CYS N   H    sing N N 95  
CYS N   H2   sing N N 96  
CYS CA  C    sing N N 97  
CYS CA  CB   sing N N 98  
CYS CA  HA   sing N N 99  
CYS C   O    doub N N 100 
CYS C   OXT  sing N N 101 
CYS CB  SG   sing N N 102 
CYS CB  HB2  sing N N 103 
CYS CB  HB3  sing N N 104 
CYS SG  HG   sing N N 105 
CYS OXT HXT  sing N N 106 
GLN N   CA   sing N N 107 
GLN N   H    sing N N 108 
GLN N   H2   sing N N 109 
GLN CA  C    sing N N 110 
GLN CA  CB   sing N N 111 
GLN CA  HA   sing N N 112 
GLN C   O    doub N N 113 
GLN C   OXT  sing N N 114 
GLN CB  CG   sing N N 115 
GLN CB  HB2  sing N N 116 
GLN CB  HB3  sing N N 117 
GLN CG  CD   sing N N 118 
GLN CG  HG2  sing N N 119 
GLN CG  HG3  sing N N 120 
GLN CD  OE1  doub N N 121 
GLN CD  NE2  sing N N 122 
GLN NE2 HE21 sing N N 123 
GLN NE2 HE22 sing N N 124 
GLN OXT HXT  sing N N 125 
GLU N   CA   sing N N 126 
GLU N   H    sing N N 127 
GLU N   H2   sing N N 128 
GLU CA  C    sing N N 129 
GLU CA  CB   sing N N 130 
GLU CA  HA   sing N N 131 
GLU C   O    doub N N 132 
GLU C   OXT  sing N N 133 
GLU CB  CG   sing N N 134 
GLU CB  HB2  sing N N 135 
GLU CB  HB3  sing N N 136 
GLU CG  CD   sing N N 137 
GLU CG  HG2  sing N N 138 
GLU CG  HG3  sing N N 139 
GLU CD  OE1  doub N N 140 
GLU CD  OE2  sing N N 141 
GLU OE2 HE2  sing N N 142 
GLU OXT HXT  sing N N 143 
GLY N   CA   sing N N 144 
GLY N   H    sing N N 145 
GLY N   H2   sing N N 146 
GLY CA  C    sing N N 147 
GLY CA  HA2  sing N N 148 
GLY CA  HA3  sing N N 149 
GLY C   O    doub N N 150 
GLY C   OXT  sing N N 151 
GLY OXT HXT  sing N N 152 
HIS N   CA   sing N N 153 
HIS N   H    sing N N 154 
HIS N   H2   sing N N 155 
HIS CA  C    sing N N 156 
HIS CA  CB   sing N N 157 
HIS CA  HA   sing N N 158 
HIS C   O    doub N N 159 
HIS C   OXT  sing N N 160 
HIS CB  CG   sing N N 161 
HIS CB  HB2  sing N N 162 
HIS CB  HB3  sing N N 163 
HIS CG  ND1  sing Y N 164 
HIS CG  CD2  doub Y N 165 
HIS ND1 CE1  doub Y N 166 
HIS ND1 HD1  sing N N 167 
HIS CD2 NE2  sing Y N 168 
HIS CD2 HD2  sing N N 169 
HIS CE1 NE2  sing Y N 170 
HIS CE1 HE1  sing N N 171 
HIS NE2 HE2  sing N N 172 
HIS OXT HXT  sing N N 173 
HOH O   H1   sing N N 174 
HOH O   H2   sing N N 175 
ILE N   CA   sing N N 176 
ILE N   H    sing N N 177 
ILE N   H2   sing N N 178 
ILE CA  C    sing N N 179 
ILE CA  CB   sing N N 180 
ILE CA  HA   sing N N 181 
ILE C   O    doub N N 182 
ILE C   OXT  sing N N 183 
ILE CB  CG1  sing N N 184 
ILE CB  CG2  sing N N 185 
ILE CB  HB   sing N N 186 
ILE CG1 CD1  sing N N 187 
ILE CG1 HG12 sing N N 188 
ILE CG1 HG13 sing N N 189 
ILE CG2 HG21 sing N N 190 
ILE CG2 HG22 sing N N 191 
ILE CG2 HG23 sing N N 192 
ILE CD1 HD11 sing N N 193 
ILE CD1 HD12 sing N N 194 
ILE CD1 HD13 sing N N 195 
ILE OXT HXT  sing N N 196 
LEU N   CA   sing N N 197 
LEU N   H    sing N N 198 
LEU N   H2   sing N N 199 
LEU CA  C    sing N N 200 
LEU CA  CB   sing N N 201 
LEU CA  HA   sing N N 202 
LEU C   O    doub N N 203 
LEU C   OXT  sing N N 204 
LEU CB  CG   sing N N 205 
LEU CB  HB2  sing N N 206 
LEU CB  HB3  sing N N 207 
LEU CG  CD1  sing N N 208 
LEU CG  CD2  sing N N 209 
LEU CG  HG   sing N N 210 
LEU CD1 HD11 sing N N 211 
LEU CD1 HD12 sing N N 212 
LEU CD1 HD13 sing N N 213 
LEU CD2 HD21 sing N N 214 
LEU CD2 HD22 sing N N 215 
LEU CD2 HD23 sing N N 216 
LEU OXT HXT  sing N N 217 
LYS N   CA   sing N N 218 
LYS N   H    sing N N 219 
LYS N   H2   sing N N 220 
LYS CA  C    sing N N 221 
LYS CA  CB   sing N N 222 
LYS CA  HA   sing N N 223 
LYS C   O    doub N N 224 
LYS C   OXT  sing N N 225 
LYS CB  CG   sing N N 226 
LYS CB  HB2  sing N N 227 
LYS CB  HB3  sing N N 228 
LYS CG  CD   sing N N 229 
LYS CG  HG2  sing N N 230 
LYS CG  HG3  sing N N 231 
LYS CD  CE   sing N N 232 
LYS CD  HD2  sing N N 233 
LYS CD  HD3  sing N N 234 
LYS CE  NZ   sing N N 235 
LYS CE  HE2  sing N N 236 
LYS CE  HE3  sing N N 237 
LYS NZ  HZ1  sing N N 238 
LYS NZ  HZ2  sing N N 239 
LYS NZ  HZ3  sing N N 240 
LYS OXT HXT  sing N N 241 
MAN C1  C2   sing N N 242 
MAN C1  O1   sing N N 243 
MAN C1  O5   sing N N 244 
MAN C1  H1   sing N N 245 
MAN C2  C3   sing N N 246 
MAN C2  O2   sing N N 247 
MAN C2  H2   sing N N 248 
MAN C3  C4   sing N N 249 
MAN C3  O3   sing N N 250 
MAN C3  H3   sing N N 251 
MAN C4  C5   sing N N 252 
MAN C4  O4   sing N N 253 
MAN C4  H4   sing N N 254 
MAN C5  C6   sing N N 255 
MAN C5  O5   sing N N 256 
MAN C5  H5   sing N N 257 
MAN C6  O6   sing N N 258 
MAN C6  H61  sing N N 259 
MAN C6  H62  sing N N 260 
MAN O1  HO1  sing N N 261 
MAN O2  HO2  sing N N 262 
MAN O3  HO3  sing N N 263 
MAN O4  HO4  sing N N 264 
MAN O6  HO6  sing N N 265 
MET N   CA   sing N N 266 
MET N   H    sing N N 267 
MET N   H2   sing N N 268 
MET CA  C    sing N N 269 
MET CA  CB   sing N N 270 
MET CA  HA   sing N N 271 
MET C   O    doub N N 272 
MET C   OXT  sing N N 273 
MET CB  CG   sing N N 274 
MET CB  HB2  sing N N 275 
MET CB  HB3  sing N N 276 
MET CG  SD   sing N N 277 
MET CG  HG2  sing N N 278 
MET CG  HG3  sing N N 279 
MET SD  CE   sing N N 280 
MET CE  HE1  sing N N 281 
MET CE  HE2  sing N N 282 
MET CE  HE3  sing N N 283 
MET OXT HXT  sing N N 284 
NAG C1  C2   sing N N 285 
NAG C1  O1   sing N N 286 
NAG C1  O5   sing N N 287 
NAG C1  H1   sing N N 288 
NAG C2  C3   sing N N 289 
NAG C2  N2   sing N N 290 
NAG C2  H2   sing N N 291 
NAG C3  C4   sing N N 292 
NAG C3  O3   sing N N 293 
NAG C3  H3   sing N N 294 
NAG C4  C5   sing N N 295 
NAG C4  O4   sing N N 296 
NAG C4  H4   sing N N 297 
NAG C5  C6   sing N N 298 
NAG C5  O5   sing N N 299 
NAG C5  H5   sing N N 300 
NAG C6  O6   sing N N 301 
NAG C6  H61  sing N N 302 
NAG C6  H62  sing N N 303 
NAG C7  C8   sing N N 304 
NAG C7  N2   sing N N 305 
NAG C7  O7   doub N N 306 
NAG C8  H81  sing N N 307 
NAG C8  H82  sing N N 308 
NAG C8  H83  sing N N 309 
NAG N2  HN2  sing N N 310 
NAG O1  HO1  sing N N 311 
NAG O3  HO3  sing N N 312 
NAG O4  HO4  sing N N 313 
NAG O6  HO6  sing N N 314 
PHE N   CA   sing N N 315 
PHE N   H    sing N N 316 
PHE N   H2   sing N N 317 
PHE CA  C    sing N N 318 
PHE CA  CB   sing N N 319 
PHE CA  HA   sing N N 320 
PHE C   O    doub N N 321 
PHE C   OXT  sing N N 322 
PHE CB  CG   sing N N 323 
PHE CB  HB2  sing N N 324 
PHE CB  HB3  sing N N 325 
PHE CG  CD1  doub Y N 326 
PHE CG  CD2  sing Y N 327 
PHE CD1 CE1  sing Y N 328 
PHE CD1 HD1  sing N N 329 
PHE CD2 CE2  doub Y N 330 
PHE CD2 HD2  sing N N 331 
PHE CE1 CZ   doub Y N 332 
PHE CE1 HE1  sing N N 333 
PHE CE2 CZ   sing Y N 334 
PHE CE2 HE2  sing N N 335 
PHE CZ  HZ   sing N N 336 
PHE OXT HXT  sing N N 337 
PRO N   CA   sing N N 338 
PRO N   CD   sing N N 339 
PRO N   H    sing N N 340 
PRO CA  C    sing N N 341 
PRO CA  CB   sing N N 342 
PRO CA  HA   sing N N 343 
PRO C   O    doub N N 344 
PRO C   OXT  sing N N 345 
PRO CB  CG   sing N N 346 
PRO CB  HB2  sing N N 347 
PRO CB  HB3  sing N N 348 
PRO CG  CD   sing N N 349 
PRO CG  HG2  sing N N 350 
PRO CG  HG3  sing N N 351 
PRO CD  HD2  sing N N 352 
PRO CD  HD3  sing N N 353 
PRO OXT HXT  sing N N 354 
SER N   CA   sing N N 355 
SER N   H    sing N N 356 
SER N   H2   sing N N 357 
SER CA  C    sing N N 358 
SER CA  CB   sing N N 359 
SER CA  HA   sing N N 360 
SER C   O    doub N N 361 
SER C   OXT  sing N N 362 
SER CB  OG   sing N N 363 
SER CB  HB2  sing N N 364 
SER CB  HB3  sing N N 365 
SER OG  HG   sing N N 366 
SER OXT HXT  sing N N 367 
THR N   CA   sing N N 368 
THR N   H    sing N N 369 
THR N   H2   sing N N 370 
THR CA  C    sing N N 371 
THR CA  CB   sing N N 372 
THR CA  HA   sing N N 373 
THR C   O    doub N N 374 
THR C   OXT  sing N N 375 
THR CB  OG1  sing N N 376 
THR CB  CG2  sing N N 377 
THR CB  HB   sing N N 378 
THR OG1 HG1  sing N N 379 
THR CG2 HG21 sing N N 380 
THR CG2 HG22 sing N N 381 
THR CG2 HG23 sing N N 382 
THR OXT HXT  sing N N 383 
TRP N   CA   sing N N 384 
TRP N   H    sing N N 385 
TRP N   H2   sing N N 386 
TRP CA  C    sing N N 387 
TRP CA  CB   sing N N 388 
TRP CA  HA   sing N N 389 
TRP C   O    doub N N 390 
TRP C   OXT  sing N N 391 
TRP CB  CG   sing N N 392 
TRP CB  HB2  sing N N 393 
TRP CB  HB3  sing N N 394 
TRP CG  CD1  doub Y N 395 
TRP CG  CD2  sing Y N 396 
TRP CD1 NE1  sing Y N 397 
TRP CD1 HD1  sing N N 398 
TRP CD2 CE2  doub Y N 399 
TRP CD2 CE3  sing Y N 400 
TRP NE1 CE2  sing Y N 401 
TRP NE1 HE1  sing N N 402 
TRP CE2 CZ2  sing Y N 403 
TRP CE3 CZ3  doub Y N 404 
TRP CE3 HE3  sing N N 405 
TRP CZ2 CH2  doub Y N 406 
TRP CZ2 HZ2  sing N N 407 
TRP CZ3 CH2  sing Y N 408 
TRP CZ3 HZ3  sing N N 409 
TRP CH2 HH2  sing N N 410 
TRP OXT HXT  sing N N 411 
TYR N   CA   sing N N 412 
TYR N   H    sing N N 413 
TYR N   H2   sing N N 414 
TYR CA  C    sing N N 415 
TYR CA  CB   sing N N 416 
TYR CA  HA   sing N N 417 
TYR C   O    doub N N 418 
TYR C   OXT  sing N N 419 
TYR CB  CG   sing N N 420 
TYR CB  HB2  sing N N 421 
TYR CB  HB3  sing N N 422 
TYR CG  CD1  doub Y N 423 
TYR CG  CD2  sing Y N 424 
TYR CD1 CE1  sing Y N 425 
TYR CD1 HD1  sing N N 426 
TYR CD2 CE2  doub Y N 427 
TYR CD2 HD2  sing N N 428 
TYR CE1 CZ   doub Y N 429 
TYR CE1 HE1  sing N N 430 
TYR CE2 CZ   sing Y N 431 
TYR CE2 HE2  sing N N 432 
TYR CZ  OH   sing N N 433 
TYR OH  HH   sing N N 434 
TYR OXT HXT  sing N N 435 
VAL N   CA   sing N N 436 
VAL N   H    sing N N 437 
VAL N   H2   sing N N 438 
VAL CA  C    sing N N 439 
VAL CA  CB   sing N N 440 
VAL CA  HA   sing N N 441 
VAL C   O    doub N N 442 
VAL C   OXT  sing N N 443 
VAL CB  CG1  sing N N 444 
VAL CB  CG2  sing N N 445 
VAL CB  HB   sing N N 446 
VAL CG1 HG11 sing N N 447 
VAL CG1 HG12 sing N N 448 
VAL CG1 HG13 sing N N 449 
VAL CG2 HG21 sing N N 450 
VAL CG2 HG22 sing N N 451 
VAL CG2 HG23 sing N N 452 
VAL OXT HXT  sing N N 453 
# 
loop_
_pdbx_entity_branch_list.entity_id 
_pdbx_entity_branch_list.comp_id 
_pdbx_entity_branch_list.num 
_pdbx_entity_branch_list.hetero 
2 NAG 1 n 
2 NAG 2 n 
2 BMA 3 n 
2 MAN 4 n 
2 MAN 5 n 
# 
_atom_sites.entry_id                    4GOS 
_atom_sites.fract_transf_matrix[1][1]   -0.01091081 
_atom_sites.fract_transf_matrix[1][2]   0.01821794 
_atom_sites.fract_transf_matrix[1][3]   -0.00339498 
_atom_sites.fract_transf_matrix[2][1]   0.01852225 
_atom_sites.fract_transf_matrix[2][2]   0.01084570 
_atom_sites.fract_transf_matrix[2][3]   -0.00132737 
_atom_sites.fract_transf_matrix[3][1]   0.00023607 
_atom_sites.fract_transf_matrix[3][2]   -0.00144504 
_atom_sites.fract_transf_matrix[3][3]   -0.00851300 
_atom_sites.fract_transf_vector[1]      0.319839 
_atom_sites.fract_transf_vector[2]      0.722337 
_atom_sites.fract_transf_vector[3]      0.534618 
# 
loop_
_atom_type.symbol 
C 
N 
O 
S 
# 
loop_
_atom_site.group_PDB 
_atom_site.id 
_atom_site.type_symbol 
_atom_site.label_atom_id 
_atom_site.label_alt_id 
_atom_site.label_comp_id 
_atom_site.label_asym_id 
_atom_site.label_entity_id 
_atom_site.label_seq_id 
_atom_site.pdbx_PDB_ins_code 
_atom_site.Cartn_x 
_atom_site.Cartn_y 
_atom_site.Cartn_z 
_atom_site.occupancy 
_atom_site.B_iso_or_equiv 
_atom_site.pdbx_formal_charge 
_atom_site.auth_seq_id 
_atom_site.auth_comp_id 
_atom_site.auth_asym_id 
_atom_site.auth_atom_id 
_atom_site.pdbx_PDB_model_num 
ATOM   1    N N   . HIS A 1 6   ? -8.083  -10.952 10.574  1.00 28.53 ? 35  HIS A N   1 
ATOM   2    C CA  . HIS A 1 6   ? -9.180  -10.209 9.869   1.00 28.66 ? 35  HIS A CA  1 
ATOM   3    C C   . HIS A 1 6   ? -10.161 -9.540  10.840  1.00 27.84 ? 35  HIS A C   1 
ATOM   4    O O   . HIS A 1 6   ? -11.367 -9.520  10.594  1.00 29.58 ? 35  HIS A O   1 
ATOM   5    C CB  . HIS A 1 6   ? -9.940  -11.144 8.915   1.00 30.01 ? 35  HIS A CB  1 
ATOM   6    N N   . SER A 1 7   ? -9.640  -8.966  11.918  1.00 25.32 ? 36  SER A N   1 
ATOM   7    C CA  . SER A 1 7   ? -10.482 -8.307  12.904  1.00 23.67 ? 36  SER A CA  1 
ATOM   8    C C   . SER A 1 7   ? -10.927 -6.903  12.460  1.00 21.36 ? 36  SER A C   1 
ATOM   9    O O   . SER A 1 7   ? -11.851 -6.345  13.055  1.00 22.12 ? 36  SER A O   1 
ATOM   10   C CB  . SER A 1 7   ? -9.839  -8.284  14.306  1.00 23.25 ? 36  SER A CB  1 
ATOM   11   O OG  . SER A 1 7   ? -8.426  -8.102  14.270  1.00 24.11 ? 36  SER A OG  1 
ATOM   12   N N   . ILE A 1 8   ? -10.293 -6.345  11.416  1.00 18.55 ? 37  ILE A N   1 
ATOM   13   C CA  . ILE A 1 8   ? -10.811 -5.135  10.770  1.00 17.24 ? 37  ILE A CA  1 
ATOM   14   C C   . ILE A 1 8   ? -10.936 -5.333  9.275   1.00 16.26 ? 37  ILE A C   1 
ATOM   15   O O   . ILE A 1 8   ? -10.247 -6.180  8.687   1.00 16.11 ? 37  ILE A O   1 
ATOM   16   C CB  . ILE A 1 8   ? -9.956  -3.878  11.024  1.00 17.39 ? 37  ILE A CB  1 
ATOM   17   C CG1 . ILE A 1 8   ? -8.519  -4.045  10.511  1.00 17.12 ? 37  ILE A CG1 1 
ATOM   18   C CG2 . ILE A 1 8   ? -9.967  -3.537  12.504  1.00 18.45 ? 37  ILE A CG2 1 
ATOM   19   C CD1 . ILE A 1 8   ? -7.733  -2.740  10.453  1.00 17.32 ? 37  ILE A CD1 1 
ATOM   20   N N   . THR A 1 9   ? -11.799 -4.531  8.669   1.00 14.61 ? 38  THR A N   1 
ATOM   21   C CA  . THR A 1 9   ? -12.071 -4.623  7.246   1.00 14.09 ? 38  THR A CA  1 
ATOM   22   C C   . THR A 1 9   ? -10.995 -3.872  6.452   1.00 12.63 ? 38  THR A C   1 
ATOM   23   O O   . THR A 1 9   ? -10.608 -2.766  6.796   1.00 13.06 ? 38  THR A O   1 
ATOM   24   C CB  . THR A 1 9   ? -13.459 -4.077  6.912   1.00 15.30 ? 38  THR A CB  1 
ATOM   25   O OG1 . THR A 1 9   ? -14.445 -4.772  7.695   1.00 17.97 ? 38  THR A OG1 1 
ATOM   26   C CG2 . THR A 1 9   ? -13.774 -4.263  5.451   1.00 16.43 ? 38  THR A CG2 1 
ATOM   27   N N   . VAL A 1 10  ? -10.478 -4.551  5.426   1.00 11.51 ? 39  VAL A N   1 
ATOM   28   C CA  . VAL A 1 10  ? -9.545  -3.982  4.470   1.00 11.28 ? 39  VAL A CA  1 
ATOM   29   C C   . VAL A 1 10  ? -10.026 -4.431  3.104   1.00 10.87 ? 39  VAL A C   1 
ATOM   30   O O   . VAL A 1 10  ? -10.354 -5.600  2.928   1.00 11.48 ? 39  VAL A O   1 
ATOM   31   C CB  . VAL A 1 10  ? -8.110  -4.488  4.704   1.00 10.50 ? 39  VAL A CB  1 
ATOM   32   C CG1 . VAL A 1 10  ? -7.143  -3.889  3.685   1.00 10.80 ? 39  VAL A CG1 1 
ATOM   33   C CG2 . VAL A 1 10  ? -7.668  -4.166  6.135   1.00 11.00 ? 39  VAL A CG2 1 
ATOM   34   N N   . THR A 1 11  ? -10.088 -3.492  2.176   1.00 11.46 ? 40  THR A N   1 
ATOM   35   C CA  . THR A 1 11  ? -10.655 -3.732  0.856   1.00 11.98 ? 40  THR A CA  1 
ATOM   36   C C   . THR A 1 11  ? -9.749  -3.079  -0.191  1.00 11.58 ? 40  THR A C   1 
ATOM   37   O O   . THR A 1 11  ? -9.341  -1.929  -0.040  1.00 11.79 ? 40  THR A O   1 
ATOM   38   C CB  . THR A 1 11  ? -12.049 -3.077  0.762   1.00 13.68 ? 40  THR A CB  1 
ATOM   39   O OG1 . THR A 1 11  ? -12.876 -3.563  1.836   1.00 15.08 ? 40  THR A OG1 1 
ATOM   40   C CG2 . THR A 1 11  ? -12.726 -3.340  -0.571  1.00 14.94 ? 40  THR A CG2 1 
ATOM   41   N N   . THR A 1 12  ? -9.493  -3.784  -1.282  1.00 10.96 ? 41  THR A N   1 
ATOM   42   C CA  . THR A 1 12  ? -8.845  -3.161  -2.432  1.00 11.07 ? 41  THR A CA  1 
ATOM   43   C C   . THR A 1 12  ? -9.859  -3.070  -3.556  1.00 11.59 ? 41  THR A C   1 
ATOM   44   O O   . THR A 1 12  ? -10.919 -3.716  -3.524  1.00 11.57 ? 41  THR A O   1 
ATOM   45   C CB  . THR A 1 12  ? -7.643  -3.988  -2.914  1.00 10.94 ? 41  THR A CB  1 
ATOM   46   O OG1 . THR A 1 12  ? -8.099  -5.306  -3.245  1.00 11.31 ? 41  THR A OG1 1 
ATOM   47   C CG2 . THR A 1 12  ? -6.584  -4.100  -1.862  1.00 11.22 ? 41  THR A CG2 1 
ATOM   48   N N   . VAL A 1 13  ? -9.541  -2.268  -4.561  1.00 12.27 ? 42  VAL A N   1 
ATOM   49   C CA  . VAL A 1 13  ? -10.312 -2.252  -5.791  1.00 12.86 ? 42  VAL A CA  1 
ATOM   50   C C   . VAL A 1 13  ? -9.361  -2.292  -6.971  1.00 12.43 ? 42  VAL A C   1 
ATOM   51   O O   . VAL A 1 13  ? -8.176  -1.933  -6.834  1.00 11.77 ? 42  VAL A O   1 
ATOM   52   C CB  . VAL A 1 13  ? -11.264 -1.049  -5.910  1.00 14.85 ? 42  VAL A CB  1 
ATOM   53   C CG1 . VAL A 1 13  ? -12.299 -1.068  -4.780  1.00 15.38 ? 42  VAL A CG1 1 
ATOM   54   C CG2 . VAL A 1 13  ? -10.507 0.238   -5.931  1.00 15.62 ? 42  VAL A CG2 1 
ATOM   55   N N   . ALA A 1 14  ? -9.922  -2.685  -8.113  1.00 12.24 ? 43  ALA A N   1 
ATOM   56   C CA  . ALA A 1 14  ? -9.161  -2.914  -9.328  1.00 12.42 ? 43  ALA A CA  1 
ATOM   57   C C   . ALA A 1 14  ? -8.241  -1.736  -9.597  1.00 11.69 ? 43  ALA A C   1 
ATOM   58   O O   . ALA A 1 14  ? -8.670  -0.575  -9.568  1.00 12.17 ? 43  ALA A O   1 
ATOM   59   C CB  . ALA A 1 14  ? -10.084 -3.141  -10.507 1.00 12.90 ? 43  ALA A CB  1 
ATOM   60   N N   . SER A 1 15  ? -6.972  -2.065  -9.832  1.00 11.48 ? 44  SER A N   1 
ATOM   61   C CA  . SER A 1 15  ? -5.936  -1.083  -10.028 1.00 11.38 ? 44  SER A CA  1 
ATOM   62   C C   . SER A 1 15  ? -5.090  -1.529  -11.239 1.00 11.80 ? 44  SER A C   1 
ATOM   63   O O   . SER A 1 15  ? -4.688  -2.686  -11.345 1.00 11.73 ? 44  SER A O   1 
ATOM   64   C CB  . SER A 1 15  ? -5.101  -0.964  -8.757  1.00 11.38 ? 44  SER A CB  1 
ATOM   65   O OG  . SER A 1 15  ? -5.896  -0.507  -7.647  1.00 11.67 ? 44  SER A OG  1 
ATOM   66   N N   . ALA A 1 16  ? -4.857  -0.589  -12.143 1.00 12.00 ? 45  ALA A N   1 
ATOM   67   C CA  . ALA A 1 16  ? -4.146  -0.834  -13.382 1.00 12.19 ? 45  ALA A CA  1 
ATOM   68   C C   . ALA A 1 16  ? -3.613  0.481   -13.941 1.00 12.76 ? 45  ALA A C   1 
ATOM   69   O O   . ALA A 1 16  ? -4.281  1.513   -13.913 1.00 12.30 ? 45  ALA A O   1 
ATOM   70   C CB  . ALA A 1 16  ? -5.063  -1.493  -14.380 1.00 12.74 ? 45  ALA A CB  1 
ATOM   71   N N   . GLY A 1 17  ? -2.378  0.433   -14.433 1.00 12.17 ? 46  GLY A N   1 
ATOM   72   C CA  . GLY A 1 17  ? -1.727  1.626   -14.946 1.00 11.82 ? 46  GLY A CA  1 
ATOM   73   C C   . GLY A 1 17  ? -1.088  1.363   -16.296 1.00 11.70 ? 46  GLY A C   1 
ATOM   74   O O   . GLY A 1 17  ? -1.139  0.246   -16.828 1.00 11.91 ? 46  GLY A O   1 
ATOM   75   N N   . ASN A 1 18  ? -0.538  2.427   -16.856 1.00 11.27 ? 47  ASN A N   1 
ATOM   76   C CA  . ASN A 1 18  ? 0.256   2.367   -18.072 1.00 11.51 ? 47  ASN A CA  1 
ATOM   77   C C   . ASN A 1 18  ? 1.739   2.440   -17.761 1.00 11.14 ? 47  ASN A C   1 
ATOM   78   O O   . ASN A 1 18  ? 2.172   3.225   -16.931 1.00 11.71 ? 47  ASN A O   1 
ATOM   79   C CB  . ASN A 1 18  ? -0.060  3.555   -18.975 1.00 12.57 ? 47  ASN A CB  1 
ATOM   80   C CG  . ASN A 1 18  ? -1.510  3.628   -19.369 1.00 13.93 ? 47  ASN A CG  1 
ATOM   81   O OD1 . ASN A 1 18  ? -2.135  2.619   -19.702 1.00 15.54 ? 47  ASN A OD1 1 
ATOM   82   N ND2 . ASN A 1 18  ? -2.055  4.849   -19.358 1.00 14.51 ? 47  ASN A ND2 1 
ATOM   83   N N   . ILE A 1 19  ? 2.504   1.627   -18.473 1.00 11.65 ? 48  ILE A N   1 
ATOM   84   C CA  . ILE A 1 19  ? 3.950   1.675   -18.374 1.00 11.81 ? 48  ILE A CA  1 
ATOM   85   C C   . ILE A 1 19  ? 4.479   3.072   -18.728 1.00 11.49 ? 48  ILE A C   1 
ATOM   86   O O   . ILE A 1 19  ? 4.038   3.680   -19.713 1.00 12.57 ? 48  ILE A O   1 
ATOM   87   C CB  . ILE A 1 19  ? 4.597   0.597   -19.275 1.00 12.34 ? 48  ILE A CB  1 
ATOM   88   C CG1 . ILE A 1 19  ? 4.302   -0.790  -18.720 1.00 13.36 ? 48  ILE A CG1 1 
ATOM   89   C CG2 . ILE A 1 19  ? 6.114   0.762   -19.302 1.00 12.55 ? 48  ILE A CG2 1 
ATOM   90   C CD1 . ILE A 1 19  ? 4.616   -1.912  -19.675 1.00 14.24 ? 48  ILE A CD1 1 
ATOM   91   N N   . GLY A 1 20  ? 5.399   3.579   -17.910 1.00 11.21 ? 49  GLY A N   1 
ATOM   92   C CA  . GLY A 1 20  ? 5.986   4.880   -18.130 1.00 12.01 ? 49  GLY A CA  1 
ATOM   93   C C   . GLY A 1 20  ? 5.277   6.034   -17.468 1.00 12.63 ? 49  GLY A C   1 
ATOM   94   O O   . GLY A 1 20  ? 5.690   7.198   -17.599 1.00 13.77 ? 49  GLY A O   1 
ATOM   95   N N   . GLU A 1 21  ? 4.198   5.725   -16.757 1.00 12.44 ? 50  GLU A N   1 
ATOM   96   C CA  . GLU A 1 21  ? 3.328   6.729   -16.168 1.00 12.17 ? 50  GLU A CA  1 
ATOM   97   C C   . GLU A 1 21  ? 3.118   6.351   -14.707 1.00 11.68 ? 50  GLU A C   1 
ATOM   98   O O   . GLU A 1 21  ? 3.227   5.187   -14.350 1.00 11.05 ? 50  GLU A O   1 
ATOM   99   C CB  . GLU A 1 21  ? 1.991   6.760   -16.926 1.00 13.22 ? 50  GLU A CB  1 
ATOM   100  C CG  . GLU A 1 21  ? 2.145   7.308   -18.341 1.00 14.40 ? 50  GLU A CG  1 
ATOM   101  C CD  . GLU A 1 21  ? 0.965   7.038   -19.261 1.00 15.34 ? 50  GLU A CD  1 
ATOM   102  O OE1 . GLU A 1 21  ? -0.200  7.055   -18.809 1.00 14.74 ? 50  GLU A OE1 1 
ATOM   103  O OE2 . GLU A 1 21  ? 1.199   6.808   -20.481 1.00 17.64 ? 50  GLU A OE2 1 
ATOM   104  N N   . ASP A 1 22  ? 2.857   7.339   -13.863 1.00 10.51 ? 51  ASP A N   1 
ATOM   105  C CA  . ASP A 1 22  ? 2.624   7.082   -12.437 1.00 11.09 ? 51  ASP A CA  1 
ATOM   106  C C   . ASP A 1 22  ? 1.293   6.334   -12.266 1.00 10.20 ? 51  ASP A C   1 
ATOM   107  O O   . ASP A 1 22  ? 0.371   6.474   -13.088 1.00 10.73 ? 51  ASP A O   1 
ATOM   108  C CB  . ASP A 1 22  ? 2.635   8.376   -11.625 1.00 12.22 ? 51  ASP A CB  1 
ATOM   109  C CG  . ASP A 1 22  ? 4.004   9.063   -11.598 1.00 13.83 ? 51  ASP A CG  1 
ATOM   110  O OD1 . ASP A 1 22  ? 5.023   8.500   -12.051 1.00 15.31 ? 51  ASP A OD1 1 
ATOM   111  O OD2 . ASP A 1 22  ? 4.054   10.218  -11.113 1.00 15.05 ? 51  ASP A OD2 1 
ATOM   112  N N   . GLY A 1 23  ? 1.234   5.522   -11.214 1.00 10.43 ? 52  GLY A N   1 
ATOM   113  C CA  . GLY A 1 23  ? 0.076   4.679   -10.950 1.00 10.05 ? 52  GLY A CA  1 
ATOM   114  C C   . GLY A 1 23  ? -0.367  4.725   -9.498  1.00 10.40 ? 52  GLY A C   1 
ATOM   115  O O   . GLY A 1 23  ? 0.267   5.384   -8.663  1.00 9.76  ? 52  GLY A O   1 
ATOM   116  N N   . ILE A 1 24  ? -1.476  4.046   -9.230  1.00 11.03 ? 53  ILE A N   1 
ATOM   117  C CA  . ILE A 1 24  ? -2.089  3.983   -7.895  1.00 12.48 ? 53  ILE A CA  1 
ATOM   118  C C   . ILE A 1 24  ? -2.535  2.557   -7.639  1.00 11.73 ? 53  ILE A C   1 
ATOM   119  O O   . ILE A 1 24  ? -3.116  1.908   -8.505  1.00 11.11 ? 53  ILE A O   1 
ATOM   120  C CB  . ILE A 1 24  ? -3.355  4.869   -7.802  1.00 14.70 ? 53  ILE A CB  1 
ATOM   121  C CG1 . ILE A 1 24  ? -2.998  6.350   -7.840  1.00 16.44 ? 53  ILE A CG1 1 
ATOM   122  C CG2 . ILE A 1 24  ? -4.190  4.545   -6.558  1.00 17.15 ? 53  ILE A CG2 1 
ATOM   123  C CD1 . ILE A 1 24  ? -2.275  6.877   -6.620  1.00 17.69 ? 53  ILE A CD1 1 
ATOM   124  N N   . LEU A 1 25  ? -2.240  2.080   -6.444  1.00 11.19 ? 54  LEU A N   1 
ATOM   125  C CA  . LEU A 1 25  ? -2.763  0.806   -5.935  1.00 11.29 ? 54  LEU A CA  1 
ATOM   126  C C   . LEU A 1 25  ? -3.741  1.147   -4.825  1.00 10.88 ? 54  LEU A C   1 
ATOM   127  O O   . LEU A 1 25  ? -3.338  1.729   -3.819  1.00 10.61 ? 54  LEU A O   1 
ATOM   128  C CB  . LEU A 1 25  ? -1.626  -0.056  -5.396  1.00 12.45 ? 54  LEU A CB  1 
ATOM   129  C CG  . LEU A 1 25  ? -0.763  -0.783  -6.443  1.00 13.68 ? 54  LEU A CG  1 
ATOM   130  C CD1 . LEU A 1 25  ? 0.040   0.221   -7.284  1.00 15.04 ? 54  LEU A CD1 1 
ATOM   131  C CD2 . LEU A 1 25  ? 0.120   -1.806  -5.736  1.00 14.93 ? 54  LEU A CD2 1 
ATOM   132  N N   . SER A 1 26  ? -5.018  0.792   -4.997  1.00 10.71 ? 55  SER A N   1 
ATOM   133  C CA  . SER A 1 26  ? -6.065  1.268   -4.109  1.00 10.90 ? 55  SER A CA  1 
ATOM   134  C C   . SER A 1 26  ? -6.291  0.350   -2.938  1.00 10.75 ? 55  SER A C   1 
ATOM   135  O O   . SER A 1 26  ? -6.458  -0.851  -3.112  1.00 10.96 ? 55  SER A O   1 
ATOM   136  C CB  . SER A 1 26  ? -7.375  1.414   -4.856  1.00 11.10 ? 55  SER A CB  1 
ATOM   137  O OG  . SER A 1 26  ? -7.274  2.394   -5.871  1.00 13.00 ? 55  SER A OG  1 
ATOM   138  N N   . CYS A 1 27  ? -6.343  0.939   -1.746  1.00 10.07 ? 56  CYS A N   1 
ATOM   139  C CA  . CYS A 1 27  ? -6.683  0.159   -0.561  1.00 10.15 ? 56  CYS A CA  1 
ATOM   140  C C   . CYS A 1 27  ? -7.403  1.039   0.431   1.00 10.79 ? 56  CYS A C   1 
ATOM   141  O O   . CYS A 1 27  ? -7.015  2.184   0.611   1.00 10.99 ? 56  CYS A O   1 
ATOM   142  C CB  . CYS A 1 27  ? -5.417  -0.420  0.071   1.00 10.28 ? 56  CYS A CB  1 
ATOM   143  S SG  . CYS A 1 27  ? -5.713  -1.407  1.575   1.00 10.87 ? 56  CYS A SG  1 
ATOM   144  N N   . THR A 1 28  ? -8.486  0.522   1.022   1.00 11.05 ? 57  THR A N   1 
ATOM   145  C CA  . THR A 1 28  ? -9.191  1.234   2.081   1.00 12.16 ? 57  THR A CA  1 
ATOM   146  C C   . THR A 1 28  ? -9.352  0.342   3.289   1.00 11.52 ? 57  THR A C   1 
ATOM   147  O O   . THR A 1 28  ? -9.364  -0.878  3.164   1.00 12.96 ? 57  THR A O   1 
ATOM   148  C CB  . THR A 1 28  ? -10.592 1.677   1.660   1.00 14.03 ? 57  THR A CB  1 
ATOM   149  O OG1 . THR A 1 28  ? -11.411 0.536   1.414   1.00 16.99 ? 57  THR A OG1 1 
ATOM   150  C CG2 . THR A 1 28  ? -10.562 2.558   0.443   1.00 15.24 ? 57  THR A CG2 1 
ATOM   151  N N   . PHE A 1 29  ? -9.484  0.937   4.460   1.00 10.40 ? 58  PHE A N   1 
ATOM   152  C CA  . PHE A 1 29  ? -9.662  0.149   5.656   1.00 10.51 ? 58  PHE A CA  1 
ATOM   153  C C   . PHE A 1 29  ? -10.573 0.862   6.640   1.00 11.09 ? 58  PHE A C   1 
ATOM   154  O O   . PHE A 1 29  ? -10.862 2.049   6.508   1.00 11.10 ? 58  PHE A O   1 
ATOM   155  C CB  . PHE A 1 29  ? -8.314  -0.177  6.321   1.00 10.94 ? 58  PHE A CB  1 
ATOM   156  C CG  . PHE A 1 29  ? -7.540  1.040   6.775   1.00 10.37 ? 58  PHE A CG  1 
ATOM   157  C CD1 . PHE A 1 29  ? -6.706  1.753   5.907   1.00 10.15 ? 58  PHE A CD1 1 
ATOM   158  C CD2 . PHE A 1 29  ? -7.625  1.474   8.096   1.00 10.31 ? 58  PHE A CD2 1 
ATOM   159  C CE1 . PHE A 1 29  ? -5.999  2.865   6.342   1.00 10.25 ? 58  PHE A CE1 1 
ATOM   160  C CE2 . PHE A 1 29  ? -6.926  2.581   8.530   1.00 10.14 ? 58  PHE A CE2 1 
ATOM   161  C CZ  . PHE A 1 29  ? -6.108  3.277   7.655   1.00 10.21 ? 58  PHE A CZ  1 
ATOM   162  N N   . GLU A 1 30  ? -11.003 0.091   7.620   1.00 12.16 ? 59  GLU A N   1 
ATOM   163  C CA  . GLU A 1 30  ? -11.876 0.543   8.689   1.00 12.93 ? 59  GLU A CA  1 
ATOM   164  C C   . GLU A 1 30  ? -11.152 1.621   9.503   1.00 12.68 ? 59  GLU A C   1 
ATOM   165  O O   . GLU A 1 30  ? -10.194 1.323   10.175  1.00 12.94 ? 59  GLU A O   1 
ATOM   166  C CB  . GLU A 1 30  ? -12.193 -0.685  9.546   1.00 13.75 ? 59  GLU A CB  1 
ATOM   167  C CG  . GLU A 1 30  ? -13.145 -0.494  10.707  1.00 15.29 ? 59  GLU A CG  1 
ATOM   168  C CD  . GLU A 1 30  ? -13.604 -1.832  11.278  1.00 16.50 ? 59  GLU A CD  1 
ATOM   169  O OE1 . GLU A 1 30  ? -13.406 -2.915  10.639  1.00 17.69 ? 59  GLU A OE1 1 
ATOM   170  O OE2 . GLU A 1 30  ? -14.204 -1.790  12.369  1.00 17.44 ? 59  GLU A OE2 1 
ATOM   171  N N   . PRO A 1 31  ? -11.615 2.886   9.431   1.00 13.05 ? 60  PRO A N   1 
ATOM   172  C CA  . PRO A 1 31  ? -10.763 3.965   9.934   1.00 13.17 ? 60  PRO A CA  1 
ATOM   173  C C   . PRO A 1 31  ? -10.664 4.015   11.441  1.00 14.41 ? 60  PRO A C   1 
ATOM   174  O O   . PRO A 1 31  ? -11.664 3.787   12.133  1.00 14.24 ? 60  PRO A O   1 
ATOM   175  C CB  . PRO A 1 31  ? -11.437 5.245   9.432   1.00 13.79 ? 60  PRO A CB  1 
ATOM   176  C CG  . PRO A 1 31  ? -12.538 4.830   8.551   1.00 14.58 ? 60  PRO A CG  1 
ATOM   177  C CD  . PRO A 1 31  ? -12.829 3.389   8.775   1.00 13.90 ? 60  PRO A CD  1 
ATOM   178  N N   . ASP A 1 32  ? -9.462  4.318   11.923  1.00 14.87 ? 61  ASP A N   1 
ATOM   179  C CA  . ASP A 1 32  ? -9.181  4.508   13.344  1.00 15.75 ? 61  ASP A CA  1 
ATOM   180  C C   . ASP A 1 32  ? -9.147  5.992   13.699  1.00 16.48 ? 61  ASP A C   1 
ATOM   181  O O   . ASP A 1 32  ? -9.163  6.840   12.796  1.00 16.43 ? 61  ASP A O   1 
ATOM   182  C CB  . ASP A 1 32  ? -7.880  3.805   13.739  1.00 17.55 ? 61  ASP A CB  1 
ATOM   183  C CG  . ASP A 1 32  ? -7.886  3.353   15.178  1.00 18.92 ? 61  ASP A CG  1 
ATOM   184  O OD1 . ASP A 1 32  ? -8.813  3.752   15.941  1.00 21.51 ? 61  ASP A OD1 1 
ATOM   185  O OD2 . ASP A 1 32  ? -6.959  2.632   15.556  1.00 21.58 ? 61  ASP A OD2 1 
ATOM   186  N N   . ILE A 1 33  ? -9.082  6.262   15.008  1.00 16.32 ? 62  ILE A N   1 
ATOM   187  C CA  A ILE A 1 33  ? -9.295  7.611   15.554  0.50 17.29 ? 62  ILE A CA  1 
ATOM   188  C CA  B ILE A 1 33  ? -9.285  7.592   15.592  0.50 17.50 ? 62  ILE A CA  1 
ATOM   189  C C   . ILE A 1 33  ? -8.000  8.402   15.643  1.00 16.50 ? 62  ILE A C   1 
ATOM   190  O O   . ILE A 1 33  ? -8.017  9.632   15.536  1.00 17.02 ? 62  ILE A O   1 
ATOM   191  C CB  A ILE A 1 33  ? -9.945  7.526   16.959  0.50 18.02 ? 62  ILE A CB  1 
ATOM   192  C CB  B ILE A 1 33  ? -9.831  7.443   17.036  0.50 18.36 ? 62  ILE A CB  1 
ATOM   193  C CG1 A ILE A 1 33  ? -11.393 7.060   16.833  0.50 18.66 ? 62  ILE A CG1 1 
ATOM   194  C CG1 B ILE A 1 33  ? -11.242 6.889   16.980  0.50 19.49 ? 62  ILE A CG1 1 
ATOM   195  C CG2 A ILE A 1 33  ? -9.933  8.872   17.675  0.50 18.93 ? 62  ILE A CG2 1 
ATOM   196  C CG2 B ILE A 1 33  ? -9.885  8.781   17.756  0.50 19.36 ? 62  ILE A CG2 1 
ATOM   197  C CD1 A ILE A 1 33  ? -11.912 6.406   18.093  0.50 18.59 ? 62  ILE A CD1 1 
ATOM   198  C CD1 B ILE A 1 33  ? -12.058 7.596   15.937  0.50 19.53 ? 62  ILE A CD1 1 
ATOM   199  N N   . LYS A 1 34  ? -6.900  7.690   15.862  1.00 17.04 ? 63  LYS A N   1 
ATOM   200  C CA  . LYS A 1 34  ? -5.599  8.300   16.051  1.00 17.37 ? 63  LYS A CA  1 
ATOM   201  C C   . LYS A 1 34  ? -4.650  7.779   15.024  1.00 16.21 ? 63  LYS A C   1 
ATOM   202  O O   . LYS A 1 34  ? -4.464  6.564   14.886  1.00 15.16 ? 63  LYS A O   1 
ATOM   203  C CB  . LYS A 1 34  ? -5.020  7.993   17.451  1.00 19.76 ? 63  LYS A CB  1 
ATOM   204  C CG  . LYS A 1 34  ? -5.493  8.938   18.546  1.00 22.96 ? 63  LYS A CG  1 
ATOM   205  C CD  . LYS A 1 34  ? -4.660  8.840   19.817  1.00 24.49 ? 63  LYS A CD  1 
ATOM   206  C CE  . LYS A 1 34  ? -4.935  7.553   20.580  1.00 26.63 ? 63  LYS A CE  1 
ATOM   207  N NZ  . LYS A 1 34  ? -6.262  7.509   21.277  1.00 27.83 ? 63  LYS A NZ  1 
ATOM   208  N N   . LEU A 1 35  ? -3.975  8.707   14.370  1.00 15.10 ? 64  LEU A N   1 
ATOM   209  C CA  . LEU A 1 35  ? -2.981  8.347   13.401  1.00 15.65 ? 64  LEU A CA  1 
ATOM   210  C C   . LEU A 1 35  ? -1.863  7.462   13.984  1.00 15.46 ? 64  LEU A C   1 
ATOM   211  O O   . LEU A 1 35  ? -1.361  6.554   13.305  1.00 15.72 ? 64  LEU A O   1 
ATOM   212  C CB  . LEU A 1 35  ? -2.429  9.610   12.758  1.00 16.01 ? 64  LEU A CB  1 
ATOM   213  C CG  . LEU A 1 35  ? -1.528  9.424   11.554  1.00 16.60 ? 64  LEU A CG  1 
ATOM   214  C CD1 . LEU A 1 35  ? -2.174  8.534   10.496  1.00 16.44 ? 64  LEU A CD1 1 
ATOM   215  C CD2 . LEU A 1 35  ? -1.158  10.789  10.992  1.00 16.13 ? 64  LEU A CD2 1 
ATOM   216  N N   . SER A 1 36  ? -1.513  7.677   15.254  1.00 15.82 ? 65  SER A N   1 
ATOM   217  C CA  . SER A 1 36  ? -0.412  6.958   15.895  1.00 16.13 ? 65  SER A CA  1 
ATOM   218  C C   . SER A 1 36  ? -0.656  5.463   16.033  1.00 16.25 ? 65  SER A C   1 
ATOM   219  O O   . SER A 1 36  ? 0.288   4.697   16.195  1.00 17.51 ? 65  SER A O   1 
ATOM   220  C CB  . SER A 1 36  ? -0.096  7.552   17.279  1.00 16.75 ? 65  SER A CB  1 
ATOM   221  O OG  . SER A 1 36  ? -1.168  7.394   18.204  1.00 18.29 ? 65  SER A OG  1 
ATOM   222  N N   . ASP A 1 37  ? -1.913  5.048   15.952  1.00 15.95 ? 66  ASP A N   1 
ATOM   223  C CA  . ASP A 1 37  ? -2.256  3.639   16.098  1.00 16.58 ? 66  ASP A CA  1 
ATOM   224  C C   . ASP A 1 37  ? -2.259  2.872   14.782  1.00 14.90 ? 66  ASP A C   1 
ATOM   225  O O   . ASP A 1 37  ? -2.509  1.681   14.788  1.00 15.17 ? 66  ASP A O   1 
ATOM   226  C CB  . ASP A 1 37  ? -3.633  3.514   16.744  1.00 17.75 ? 66  ASP A CB  1 
ATOM   227  C CG  . ASP A 1 37  ? -3.635  3.938   18.191  1.00 19.77 ? 66  ASP A CG  1 
ATOM   228  O OD1 . ASP A 1 37  ? -2.594  3.759   18.860  1.00 22.19 ? 66  ASP A OD1 1 
ATOM   229  O OD2 . ASP A 1 37  ? -4.670  4.452   18.656  1.00 21.59 ? 66  ASP A OD2 1 
ATOM   230  N N   . ILE A 1 38  ? -2.004  3.542   13.670  1.00 13.28 ? 67  ILE A N   1 
ATOM   231  C CA  . ILE A 1 38  ? -2.157  2.922   12.356  1.00 12.98 ? 67  ILE A CA  1 
ATOM   232  C C   . ILE A 1 38  ? -0.809  2.513   11.760  1.00 12.11 ? 67  ILE A C   1 
ATOM   233  O O   . ILE A 1 38  ? 0.128   3.318   11.728  1.00 12.82 ? 67  ILE A O   1 
ATOM   234  C CB  . ILE A 1 38  ? -2.888  3.869   11.390  1.00 12.83 ? 67  ILE A CB  1 
ATOM   235  C CG1 . ILE A 1 38  ? -4.288  4.172   11.950  1.00 13.36 ? 67  ILE A CG1 1 
ATOM   236  C CG2 . ILE A 1 38  ? -3.035  3.262   9.995   1.00 12.44 ? 67  ILE A CG2 1 
ATOM   237  C CD1 . ILE A 1 38  ? -5.032  5.296   11.272  1.00 13.94 ? 67  ILE A CD1 1 
ATOM   238  N N   . VAL A 1 39  ? -0.756  1.275   11.247  1.00 11.69 ? 68  VAL A N   1 
ATOM   239  C CA  . VAL A 1 39  ? 0.373   0.799   10.447  1.00 11.80 ? 68  VAL A CA  1 
ATOM   240  C C   . VAL A 1 39  ? -0.138  0.312   9.110   1.00 11.38 ? 68  VAL A C   1 
ATOM   241  O O   . VAL A 1 39  ? -1.066  -0.468  9.067   1.00 11.34 ? 68  VAL A O   1 
ATOM   242  C CB  . VAL A 1 39  ? 1.146   -0.335  11.144  1.00 12.61 ? 68  VAL A CB  1 
ATOM   243  C CG1 . VAL A 1 39  ? 2.387   -0.720  10.330  1.00 12.33 ? 68  VAL A CG1 1 
ATOM   244  C CG2 . VAL A 1 39  ? 1.532   0.086   12.564  1.00 13.15 ? 68  VAL A CG2 1 
ATOM   245  N N   . ILE A 1 40  ? 0.460   0.807   8.027   1.00 11.22 ? 69  ILE A N   1 
ATOM   246  C CA  . ILE A 1 40  ? 0.185   0.295   6.687   1.00 11.65 ? 69  ILE A CA  1 
ATOM   247  C C   . ILE A 1 40  ? 1.452   -0.401  6.190   1.00 11.62 ? 69  ILE A C   1 
ATOM   248  O O   . ILE A 1 40  ? 2.527   0.178   6.224   1.00 11.92 ? 69  ILE A O   1 
ATOM   249  C CB  . ILE A 1 40  ? -0.122  1.415   5.704   1.00 11.95 ? 69  ILE A CB  1 
ATOM   250  C CG1 . ILE A 1 40  ? -1.387  2.186   6.101   1.00 12.28 ? 69  ILE A CG1 1 
ATOM   251  C CG2 . ILE A 1 40  ? -0.253  0.841   4.289   1.00 12.46 ? 69  ILE A CG2 1 
ATOM   252  C CD1 . ILE A 1 40  ? -1.486  3.539   5.431   1.00 12.29 ? 69  ILE A CD1 1 
ATOM   253  N N   . GLN A 1 41  ? 1.314   -1.612  5.671   1.00 11.89 ? 70  GLN A N   1 
ATOM   254  C CA  . GLN A 1 41  ? 2.391   -2.252  4.919   1.00 12.89 ? 70  GLN A CA  1 
ATOM   255  C C   . GLN A 1 41  ? 1.855   -2.737  3.587   1.00 11.37 ? 70  GLN A C   1 
ATOM   256  O O   . GLN A 1 41  ? 0.778   -3.345  3.540   1.00 12.05 ? 70  GLN A O   1 
ATOM   257  C CB  . GLN A 1 41  ? 2.947   -3.458  5.683   1.00 15.25 ? 70  GLN A CB  1 
ATOM   258  C CG  . GLN A 1 41  ? 3.819   -3.133  6.874   1.00 18.83 ? 70  GLN A CG  1 
ATOM   259  C CD  . GLN A 1 41  ? 4.498   -4.391  7.416   1.00 23.34 ? 70  GLN A CD  1 
ATOM   260  O OE1 . GLN A 1 41  ? 4.021   -5.505  7.201   1.00 26.50 ? 70  GLN A OE1 1 
ATOM   261  N NE2 . GLN A 1 41  ? 5.622   -4.217  8.090   1.00 27.06 ? 70  GLN A NE2 1 
ATOM   262  N N   . TRP A 1 42  ? 2.593   -2.471  2.517   1.00 10.35 ? 71  TRP A N   1 
ATOM   263  C CA  . TRP A 1 42  ? 2.298   -3.013  1.199   1.00 9.79  ? 71  TRP A CA  1 
ATOM   264  C C   . TRP A 1 42  ? 3.396   -4.032  0.890   1.00 9.86  ? 71  TRP A C   1 
ATOM   265  O O   . TRP A 1 42  ? 4.588   -3.779  1.143   1.00 10.23 ? 71  TRP A O   1 
ATOM   266  C CB  . TRP A 1 42  ? 2.313   -1.919  0.138   1.00 9.64  ? 71  TRP A CB  1 
ATOM   267  C CG  . TRP A 1 42  ? 1.025   -1.168  0.018   1.00 9.15  ? 71  TRP A CG  1 
ATOM   268  C CD1 . TRP A 1 42  ? 0.693   0.031   0.636   1.00 9.30  ? 71  TRP A CD1 1 
ATOM   269  C CD2 . TRP A 1 42  ? -0.092  -1.524  -0.782  1.00 9.00  ? 71  TRP A CD2 1 
ATOM   270  N NE1 . TRP A 1 42  ? -0.566  0.420   0.254   1.00 8.82  ? 71  TRP A NE1 1 
ATOM   271  C CE2 . TRP A 1 42  ? -1.072  -0.517  -0.615  1.00 8.94  ? 71  TRP A CE2 1 
ATOM   272  C CE3 . TRP A 1 42  ? -0.378  -2.602  -1.628  1.00 9.24  ? 71  TRP A CE3 1 
ATOM   273  C CZ2 . TRP A 1 42  ? -2.275  -0.561  -1.298  1.00 9.25  ? 71  TRP A CZ2 1 
ATOM   274  C CZ3 . TRP A 1 42  ? -1.571  -2.641  -2.290  1.00 9.17  ? 71  TRP A CZ3 1 
ATOM   275  C CH2 . TRP A 1 42  ? -2.509  -1.633  -2.114  1.00 9.30  ? 71  TRP A CH2 1 
ATOM   276  N N   . LEU A 1 43  ? 2.963   -5.191  0.409   1.00 10.52 ? 72  LEU A N   1 
ATOM   277  C CA  . LEU A 1 43  ? 3.834   -6.287  -0.004  1.00 11.25 ? 72  LEU A CA  1 
ATOM   278  C C   . LEU A 1 43  ? 3.519   -6.698  -1.431  1.00 10.88 ? 72  LEU A C   1 
ATOM   279  O O   . LEU A 1 43  ? 2.390   -6.522  -1.892  1.00 10.50 ? 72  LEU A O   1 
ATOM   280  C CB  . LEU A 1 43  ? 3.609   -7.496  0.871   1.00 12.56 ? 72  LEU A CB  1 
ATOM   281  C CG  . LEU A 1 43  ? 3.835   -7.431  2.379   1.00 14.77 ? 72  LEU A CG  1 
ATOM   282  C CD1 . LEU A 1 43  ? 5.097   -6.722  2.778   1.00 16.45 ? 72  LEU A CD1 1 
ATOM   283  C CD2 . LEU A 1 43  ? 2.647   -6.861  3.133   1.00 16.28 ? 72  LEU A CD2 1 
ATOM   284  N N   . LYS A 1 44  ? 4.524   -7.247  -2.127  1.00 10.36 ? 73  LYS A N   1 
ATOM   285  C CA  . LYS A 1 44  ? 4.317   -7.804  -3.452  1.00 10.64 ? 73  LYS A CA  1 
ATOM   286  C C   . LYS A 1 44  ? 4.723   -9.273  -3.390  1.00 10.08 ? 73  LYS A C   1 
ATOM   287  O O   . LYS A 1 44  ? 5.725   -9.619  -2.756  1.00 9.90  ? 73  LYS A O   1 
ATOM   288  C CB  . LYS A 1 44  ? 5.117   -7.056  -4.523  1.00 11.26 ? 73  LYS A CB  1 
ATOM   289  C CG  . LYS A 1 44  ? 4.990   -7.641  -5.930  1.00 12.52 ? 73  LYS A CG  1 
ATOM   290  C CD  . LYS A 1 44  ? 5.791   -6.831  -6.937  1.00 13.19 ? 73  LYS A CD  1 
ATOM   291  C CE  . LYS A 1 44  ? 5.565   -7.260  -8.392  1.00 14.27 ? 73  LYS A CE  1 
ATOM   292  N NZ  . LYS A 1 44  ? 6.258   -8.534  -8.773  1.00 15.46 ? 73  LYS A NZ  1 
ATOM   293  N N   . GLU A 1 45  ? 3.934   -10.120 -4.044  1.00 10.67 ? 74  GLU A N   1 
ATOM   294  C CA  . GLU A 1 45  ? 4.194   -11.548 -4.017  1.00 10.94 ? 74  GLU A CA  1 
ATOM   295  C C   . GLU A 1 45  ? 5.634   -11.876 -4.482  1.00 10.63 ? 74  GLU A C   1 
ATOM   296  O O   . GLU A 1 45  ? 6.088   -11.405 -5.520  1.00 10.58 ? 74  GLU A O   1 
ATOM   297  C CB  . GLU A 1 45  ? 3.175   -12.276 -4.900  1.00 11.99 ? 74  GLU A CB  1 
ATOM   298  C CG  . GLU A 1 45  ? 3.348   -13.779 -4.880  1.00 13.43 ? 74  GLU A CG  1 
ATOM   299  C CD  . GLU A 1 45  ? 2.386   -14.543 -5.787  1.00 14.89 ? 74  GLU A CD  1 
ATOM   300  O OE1 . GLU A 1 45  ? 1.768   -13.960 -6.724  1.00 15.81 ? 74  GLU A OE1 1 
ATOM   301  O OE2 . GLU A 1 45  ? 2.269   -15.772 -5.560  1.00 15.78 ? 74  GLU A OE2 1 
ATOM   302  N N   . GLY A 1 46  ? 6.312   -12.685 -3.692  1.00 10.48 ? 75  GLY A N   1 
ATOM   303  C CA  . GLY A 1 46  ? 7.668   -13.122 -4.019  1.00 10.69 ? 75  GLY A CA  1 
ATOM   304  C C   . GLY A 1 46  ? 8.759   -12.106 -3.747  1.00 10.80 ? 75  GLY A C   1 
ATOM   305  O O   . GLY A 1 46  ? 9.907   -12.355 -4.042  1.00 11.16 ? 75  GLY A O   1 
ATOM   306  N N   . VAL A 1 47  ? 8.419   -10.943 -3.205  1.00 10.50 ? 76  VAL A N   1 
ATOM   307  C CA  . VAL A 1 47  ? 9.407   -9.878  -3.030  1.00 10.70 ? 76  VAL A CA  1 
ATOM   308  C C   . VAL A 1 47  ? 9.911   -9.923  -1.595  1.00 11.73 ? 76  VAL A C   1 
ATOM   309  O O   . VAL A 1 47  ? 9.113   -10.016 -0.656  1.00 11.85 ? 76  VAL A O   1 
ATOM   310  C CB  . VAL A 1 47  ? 8.817   -8.507  -3.419  1.00 10.13 ? 76  VAL A CB  1 
ATOM   311  C CG1 . VAL A 1 47  ? 9.779   -7.377  -3.048  1.00 10.23 ? 76  VAL A CG1 1 
ATOM   312  C CG2 . VAL A 1 47  ? 8.490   -8.516  -4.900  1.00 10.34 ? 76  VAL A CG2 1 
ATOM   313  N N   . LEU A 1 48  ? 11.229  -9.841  -1.414  1.00 12.69 ? 77  LEU A N   1 
ATOM   314  C CA  . LEU A 1 48  ? 11.807  -10.050 -0.082  1.00 13.65 ? 77  LEU A CA  1 
ATOM   315  C C   . LEU A 1 48  ? 11.558  -8.876  0.859   1.00 13.29 ? 77  LEU A C   1 
ATOM   316  O O   . LEU A 1 48  ? 11.163  -9.064  2.010   1.00 15.22 ? 77  LEU A O   1 
ATOM   317  C CB  . LEU A 1 48  ? 13.306  -10.358 -0.168  1.00 14.82 ? 77  LEU A CB  1 
ATOM   318  C CG  . LEU A 1 48  ? 13.637  -11.841 -0.359  1.00 16.11 ? 77  LEU A CG  1 
ATOM   319  C CD1 . LEU A 1 48  ? 12.948  -12.457 -1.560  1.00 16.07 ? 77  LEU A CD1 1 
ATOM   320  C CD2 . LEU A 1 48  ? 15.143  -12.035 -0.462  1.00 17.00 ? 77  LEU A CD2 1 
ATOM   321  N N   . GLY A 1 49  ? 11.819  -7.664  0.369   1.00 13.09 ? 78  GLY A N   1 
ATOM   322  C CA  . GLY A 1 49  ? 11.553  -6.450  1.148   1.00 13.04 ? 78  GLY A CA  1 
ATOM   323  C C   . GLY A 1 49  ? 10.132  -5.961  0.981   1.00 13.23 ? 78  GLY A C   1 
ATOM   324  O O   . GLY A 1 49  ? 9.396   -6.407  0.089   1.00 13.31 ? 78  GLY A O   1 
ATOM   325  N N   . LEU A 1 50  ? 9.742   -5.010  1.824   1.00 13.31 ? 79  LEU A N   1 
ATOM   326  C CA  . LEU A 1 50  ? 8.430   -4.396  1.734   1.00 14.09 ? 79  LEU A CA  1 
ATOM   327  C C   . LEU A 1 50  ? 8.329   -3.477  0.525   1.00 12.65 ? 79  LEU A C   1 
ATOM   328  O O   . LEU A 1 50  ? 9.324   -2.934  0.060   1.00 12.74 ? 79  LEU A O   1 
ATOM   329  C CB  . LEU A 1 50  ? 8.135   -3.572  2.991   1.00 15.74 ? 79  LEU A CB  1 
ATOM   330  C CG  . LEU A 1 50  ? 8.192   -4.277  4.324   1.00 17.77 ? 79  LEU A CG  1 
ATOM   331  C CD1 . LEU A 1 50  ? 8.369   -3.281  5.461   1.00 18.36 ? 79  LEU A CD1 1 
ATOM   332  C CD2 . LEU A 1 50  ? 6.952   -5.123  4.519   1.00 18.85 ? 79  LEU A CD2 1 
ATOM   333  N N   . VAL A 1 51  ? 7.124   -3.305  0.006   1.00 11.32 ? 80  VAL A N   1 
ATOM   334  C CA  . VAL A 1 51  ? 6.865   -2.294  -1.016  1.00 10.86 ? 80  VAL A CA  1 
ATOM   335  C C   . VAL A 1 51  ? 6.869   -0.910  -0.374  1.00 10.93 ? 80  VAL A C   1 
ATOM   336  O O   . VAL A 1 51  ? 7.466   0.020   -0.898  1.00 11.37 ? 80  VAL A O   1 
ATOM   337  C CB  . VAL A 1 51  ? 5.528   -2.533  -1.731  1.00 10.75 ? 80  VAL A CB  1 
ATOM   338  C CG1 . VAL A 1 51  ? 5.233   -1.455  -2.758  1.00 10.58 ? 80  VAL A CG1 1 
ATOM   339  C CG2 . VAL A 1 51  ? 5.497   -3.918  -2.388  1.00 10.94 ? 80  VAL A CG2 1 
ATOM   340  N N   . HIS A 1 52  ? 6.188   -0.784  0.756   1.00 10.77 ? 81  HIS A N   1 
ATOM   341  C CA  . HIS A 1 52  ? 6.103   0.492   1.502   1.00 11.40 ? 81  HIS A CA  1 
ATOM   342  C C   . HIS A 1 52  ? 5.640   0.200   2.911   1.00 11.46 ? 81  HIS A C   1 
ATOM   343  O O   . HIS A 1 52  ? 4.937   -0.788  3.138   1.00 11.98 ? 81  HIS A O   1 
ATOM   344  C CB  . HIS A 1 52  ? 5.116   1.444   0.833   1.00 11.73 ? 81  HIS A CB  1 
ATOM   345  C CG  . HIS A 1 52  ? 5.304   2.872   1.233   1.00 12.33 ? 81  HIS A CG  1 
ATOM   346  N ND1 . HIS A 1 52  ? 6.122   3.739   0.541   1.00 11.88 ? 81  HIS A ND1 1 
ATOM   347  C CD2 . HIS A 1 52  ? 4.784   3.583   2.261   1.00 12.45 ? 81  HIS A CD2 1 
ATOM   348  C CE1 . HIS A 1 52  ? 6.096   4.925   1.126   1.00 12.08 ? 81  HIS A CE1 1 
ATOM   349  N NE2 . HIS A 1 52  ? 5.316   4.847   2.189   1.00 12.08 ? 81  HIS A NE2 1 
ATOM   350  N N   . GLU A 1 53  ? 6.057   1.030   3.870   1.00 11.64 ? 82  GLU A N   1 
ATOM   351  C CA  . GLU A 1 53  ? 5.512   0.953   5.230   1.00 13.31 ? 82  GLU A CA  1 
ATOM   352  C C   . GLU A 1 53  ? 5.280   2.357   5.759   1.00 13.31 ? 82  GLU A C   1 
ATOM   353  O O   . GLU A 1 53  ? 6.077   3.257   5.524   1.00 12.99 ? 82  GLU A O   1 
ATOM   354  C CB  . GLU A 1 53  ? 6.414   0.166   6.200   1.00 15.50 ? 82  GLU A CB  1 
ATOM   355  C CG  . GLU A 1 53  ? 5.759   0.046   7.574   1.00 18.33 ? 82  GLU A CG  1 
ATOM   356  C CD  . GLU A 1 53  ? 6.543   -0.771  8.588   1.00 21.38 ? 82  GLU A CD  1 
ATOM   357  O OE1 . GLU A 1 53  ? 6.666   -0.302  9.741   1.00 28.72 ? 82  GLU A OE1 1 
ATOM   358  O OE2 . GLU A 1 53  ? 6.984   -1.887  8.285   1.00 24.18 ? 82  GLU A OE2 1 
ATOM   359  N N   . PHE A 1 54  ? 4.156   2.538   6.444   1.00 12.65 ? 83  PHE A N   1 
ATOM   360  C CA  . PHE A 1 54  ? 3.813   3.803   7.068   1.00 13.14 ? 83  PHE A CA  1 
ATOM   361  C C   . PHE A 1 54  ? 3.424   3.502   8.502   1.00 13.65 ? 83  PHE A C   1 
ATOM   362  O O   . PHE A 1 54  ? 2.536   2.687   8.768   1.00 12.64 ? 83  PHE A O   1 
ATOM   363  C CB  . PHE A 1 54  ? 2.680   4.459   6.279   1.00 13.05 ? 83  PHE A CB  1 
ATOM   364  C CG  . PHE A 1 54  ? 2.251   5.809   6.783   1.00 13.39 ? 83  PHE A CG  1 
ATOM   365  C CD1 . PHE A 1 54  ? 1.268   5.933   7.754   1.00 13.92 ? 83  PHE A CD1 1 
ATOM   366  C CD2 . PHE A 1 54  ? 2.813   6.963   6.249   1.00 13.36 ? 83  PHE A CD2 1 
ATOM   367  C CE1 . PHE A 1 54  ? 0.878   7.191   8.193   1.00 13.66 ? 83  PHE A CE1 1 
ATOM   368  C CE2 . PHE A 1 54  ? 2.417   8.219   6.672   1.00 13.35 ? 83  PHE A CE2 1 
ATOM   369  C CZ  . PHE A 1 54  ? 1.448   8.327   7.647   1.00 13.98 ? 83  PHE A CZ  1 
ATOM   370  N N   . LYS A 1 55  ? 4.108   4.143   9.443   1.00 15.09 ? 84  LYS A N   1 
ATOM   371  C CA  . LYS A 1 55  ? 3.934   3.833   10.855  1.00 16.89 ? 84  LYS A CA  1 
ATOM   372  C C   . LYS A 1 55  ? 4.220   5.093   11.670  1.00 17.16 ? 84  LYS A C   1 
ATOM   373  O O   . LYS A 1 55  ? 5.112   5.873   11.321  1.00 16.51 ? 84  LYS A O   1 
ATOM   374  C CB  . LYS A 1 55  ? 4.929   2.731   11.212  1.00 19.02 ? 84  LYS A CB  1 
ATOM   375  C CG  . LYS A 1 55  ? 4.962   2.316   12.659  1.00 22.53 ? 84  LYS A CG  1 
ATOM   376  C CD  . LYS A 1 55  ? 5.887   1.123   12.833  1.00 25.14 ? 84  LYS A CD  1 
ATOM   377  C CE  . LYS A 1 55  ? 6.004   0.715   14.290  1.00 28.56 ? 84  LYS A CE  1 
ATOM   378  N NZ  . LYS A 1 55  ? 4.888   -0.170  14.724  1.00 30.30 ? 84  LYS A NZ  1 
ATOM   379  N N   . GLU A 1 56  ? 3.441   5.304   12.730  1.00 18.74 ? 85  GLU A N   1 
ATOM   380  C CA  . GLU A 1 56  ? 3.586   6.501   13.579  1.00 19.89 ? 85  GLU A CA  1 
ATOM   381  C C   . GLU A 1 56  ? 3.582   7.793   12.753  1.00 18.54 ? 85  GLU A C   1 
ATOM   382  O O   . GLU A 1 56  ? 4.394   8.702   12.967  1.00 18.90 ? 85  GLU A O   1 
ATOM   383  C CB  . GLU A 1 56  ? 4.869   6.408   14.412  1.00 23.05 ? 85  GLU A CB  1 
ATOM   384  C CG  . GLU A 1 56  ? 4.909   5.239   15.375  1.00 25.59 ? 85  GLU A CG  1 
ATOM   385  C CD  . GLU A 1 56  ? 4.108   5.482   16.641  1.00 29.53 ? 85  GLU A CD  1 
ATOM   386  O OE1 . GLU A 1 56  ? 3.469   6.551   16.765  1.00 32.98 ? 85  GLU A OE1 1 
ATOM   387  O OE2 . GLU A 1 56  ? 4.120   4.591   17.526  1.00 34.77 ? 85  GLU A OE2 1 
ATOM   388  N N   . GLY A 1 57  ? 2.693   7.843   11.772  1.00 16.37 ? 86  GLY A N   1 
ATOM   389  C CA  . GLY A 1 57  ? 2.484   9.026   10.975  1.00 16.88 ? 86  GLY A CA  1 
ATOM   390  C C   . GLY A 1 57  ? 3.521   9.348   9.930   1.00 16.09 ? 86  GLY A C   1 
ATOM   391  O O   . GLY A 1 57  ? 3.461   10.412  9.326   1.00 15.67 ? 86  GLY A O   1 
ATOM   392  N N   . LYS A 1 58  ? 4.422   8.409   9.647   1.00 16.80 ? 87  LYS A N   1 
ATOM   393  C CA  . LYS A 1 58  ? 5.417   8.642   8.622   1.00 18.36 ? 87  LYS A CA  1 
ATOM   394  C C   . LYS A 1 58  ? 5.902   7.373   7.946   1.00 17.42 ? 87  LYS A C   1 
ATOM   395  O O   . LYS A 1 58  ? 5.680   6.264   8.421   1.00 15.54 ? 87  LYS A O   1 
ATOM   396  C CB  . LYS A 1 58  ? 6.612   9.384   9.197   1.00 21.59 ? 87  LYS A CB  1 
ATOM   397  C CG  . LYS A 1 58  ? 7.266   8.694   10.366  1.00 24.03 ? 87  LYS A CG  1 
ATOM   398  C CD  . LYS A 1 58  ? 8.137   9.683   11.149  1.00 27.55 ? 87  LYS A CD  1 
ATOM   399  C CE  . LYS A 1 58  ? 9.197   10.353  10.282  1.00 29.48 ? 87  LYS A CE  1 
ATOM   400  N NZ  . LYS A 1 58  ? 10.064  9.407   9.513   1.00 32.30 ? 87  LYS A NZ  1 
ATOM   401  N N   . ASP A 1 59  ? 6.578   7.576   6.823   1.00 17.25 ? 88  ASP A N   1 
ATOM   402  C CA  . ASP A 1 59  ? 7.159   6.470   6.063   1.00 17.05 ? 88  ASP A CA  1 
ATOM   403  C C   . ASP A 1 59  ? 8.274   5.820   6.867   1.00 16.91 ? 88  ASP A C   1 
ATOM   404  O O   . ASP A 1 59  ? 9.051   6.513   7.529   1.00 15.93 ? 88  ASP A O   1 
ATOM   405  C CB  . ASP A 1 59  ? 7.769   6.969   4.757   1.00 17.81 ? 88  ASP A CB  1 
ATOM   406  C CG  . ASP A 1 59  ? 6.744   7.456   3.739   1.00 20.64 ? 88  ASP A CG  1 
ATOM   407  O OD1 . ASP A 1 59  ? 5.526   7.195   3.847   1.00 19.98 ? 88  ASP A OD1 1 
ATOM   408  O OD2 . ASP A 1 59  ? 7.212   8.076   2.755   1.00 24.36 ? 88  ASP A OD2 1 
ATOM   409  N N   . GLU A 1 60  ? 8.355   4.492   6.800   1.00 17.37 ? 89  GLU A N   1 
ATOM   410  C CA  . GLU A 1 60  ? 9.462   3.754   7.392   1.00 18.69 ? 89  GLU A CA  1 
ATOM   411  C C   . GLU A 1 60  ? 9.950   2.754   6.372   1.00 17.73 ? 89  GLU A C   1 
ATOM   412  O O   . GLU A 1 60  ? 9.380   1.670   6.225   1.00 17.48 ? 89  GLU A O   1 
ATOM   413  C CB  . GLU A 1 60  ? 9.046   3.065   8.687   1.00 21.33 ? 89  GLU A CB  1 
ATOM   414  C CG  . GLU A 1 60  ? 8.835   4.041   9.841   1.00 24.15 ? 89  GLU A CG  1 
ATOM   415  C CD  . GLU A 1 60  ? 10.090  4.850   10.144  1.00 26.91 ? 89  GLU A CD  1 
ATOM   416  O OE1 . GLU A 1 60  ? 11.192  4.274   10.033  1.00 29.27 ? 89  GLU A OE1 1 
ATOM   417  O OE2 . GLU A 1 60  ? 9.980   6.059   10.457  1.00 29.55 ? 89  GLU A OE2 1 
ATOM   418  N N   . LEU A 1 61  ? 11.011  3.120   5.667   1.00 17.37 ? 90  LEU A N   1 
ATOM   419  C CA  . LEU A 1 61  ? 11.411  2.400   4.468   1.00 16.85 ? 90  LEU A CA  1 
ATOM   420  C C   . LEU A 1 61  ? 12.779  1.693   4.621   1.00 17.45 ? 90  LEU A C   1 
ATOM   421  O O   . LEU A 1 61  ? 13.401  1.286   3.623   1.00 18.49 ? 90  LEU A O   1 
ATOM   422  C CB  . LEU A 1 61  ? 11.391  3.380   3.291   1.00 16.89 ? 90  LEU A CB  1 
ATOM   423  C CG  . LEU A 1 61  ? 10.040  4.062   3.009   1.00 17.08 ? 90  LEU A CG  1 
ATOM   424  C CD1 . LEU A 1 61  ? 10.113  4.966   1.782   1.00 17.98 ? 90  LEU A CD1 1 
ATOM   425  C CD2 . LEU A 1 61  ? 8.915   3.046   2.825   1.00 17.63 ? 90  LEU A CD2 1 
ATOM   426  N N   . SER A 1 62  ? 13.230  1.515   5.858   1.00 18.63 ? 91  SER A N   1 
ATOM   427  C CA  . SER A 1 62  ? 14.510  0.829   6.100   1.00 20.40 ? 91  SER A CA  1 
ATOM   428  C C   . SER A 1 62  ? 14.502  -0.610  5.571   1.00 20.19 ? 91  SER A C   1 
ATOM   429  O O   . SER A 1 62  ? 15.548  -1.131  5.213   1.00 22.55 ? 91  SER A O   1 
ATOM   430  C CB  . SER A 1 62  ? 14.870  0.820   7.587   1.00 21.43 ? 91  SER A CB  1 
ATOM   431  O OG  . SER A 1 62  ? 14.016  -0.046  8.314   1.00 24.76 ? 91  SER A OG  1 
ATOM   432  N N   . GLU A 1 63  ? 13.334  -1.255  5.536   1.00 20.00 ? 92  GLU A N   1 
ATOM   433  C CA  . GLU A 1 63  ? 13.206  -2.634  5.019   1.00 20.42 ? 92  GLU A CA  1 
ATOM   434  C C   . GLU A 1 63  ? 12.585  -2.709  3.621   1.00 17.34 ? 92  GLU A C   1 
ATOM   435  O O   . GLU A 1 63  ? 12.174  -3.784  3.179   1.00 17.69 ? 92  GLU A O   1 
ATOM   436  C CB  . GLU A 1 63  ? 12.377  -3.493  5.971   1.00 23.24 ? 92  GLU A CB  1 
ATOM   437  C CG  . GLU A 1 63  ? 12.902  -3.559  7.401   1.00 27.58 ? 92  GLU A CG  1 
ATOM   438  C CD  . GLU A 1 63  ? 14.106  -4.466  7.525   1.00 30.73 ? 92  GLU A CD  1 
ATOM   439  O OE1 . GLU A 1 63  ? 13.979  -5.540  8.158   1.00 36.68 ? 92  GLU A OE1 1 
ATOM   440  O OE2 . GLU A 1 63  ? 15.179  -4.116  6.980   1.00 36.22 ? 92  GLU A OE2 1 
ATOM   441  N N   . GLN A 1 64  ? 12.510  -1.579  2.934   1.00 15.50 ? 93  GLN A N   1 
ATOM   442  C CA  . GLN A 1 64  ? 11.923  -1.522  1.602   1.00 13.88 ? 93  GLN A CA  1 
ATOM   443  C C   . GLN A 1 64  ? 12.776  -2.269  0.595   1.00 13.62 ? 93  GLN A C   1 
ATOM   444  O O   . GLN A 1 64  ? 13.996  -2.096  0.581   1.00 14.90 ? 93  GLN A O   1 
ATOM   445  C CB  . GLN A 1 64  ? 11.778  -0.072  1.142   1.00 13.61 ? 93  GLN A CB  1 
ATOM   446  C CG  . GLN A 1 64  ? 11.045  0.078   -0.188  1.00 13.00 ? 93  GLN A CG  1 
ATOM   447  C CD  . GLN A 1 64  ? 10.895  1.529   -0.588  1.00 13.52 ? 93  GLN A CD  1 
ATOM   448  O OE1 . GLN A 1 64  ? 11.845  2.302   -0.481  1.00 13.70 ? 93  GLN A OE1 1 
ATOM   449  N NE2 . GLN A 1 64  ? 9.713   1.908   -1.048  1.00 13.48 ? 93  GLN A NE2 1 
ATOM   450  N N   . ASP A 1 65  ? 12.122  -3.019  -0.291  1.00 13.06 ? 94  ASP A N   1 
ATOM   451  C CA  . ASP A 1 65  ? 12.829  -3.739  -1.353  1.00 12.73 ? 94  ASP A CA  1 
ATOM   452  C C   . ASP A 1 65  ? 13.452  -2.767  -2.341  1.00 13.15 ? 94  ASP A C   1 
ATOM   453  O O   . ASP A 1 65  ? 12.886  -1.707  -2.628  1.00 12.70 ? 94  ASP A O   1 
ATOM   454  C CB  . ASP A 1 65  ? 11.859  -4.655  -2.093  1.00 11.95 ? 94  ASP A CB  1 
ATOM   455  C CG  . ASP A 1 65  ? 12.550  -5.710  -2.893  1.00 12.49 ? 94  ASP A CG  1 
ATOM   456  O OD1 . ASP A 1 65  ? 12.900  -6.766  -2.281  1.00 12.27 ? 94  ASP A OD1 1 
ATOM   457  O OD2 . ASP A 1 65  ? 12.714  -5.502  -4.121  1.00 13.21 ? 94  ASP A OD2 1 
ATOM   458  N N   . GLU A 1 66  ? 14.611  -3.149  -2.873  1.00 15.51 ? 95  GLU A N   1 
ATOM   459  C CA  . GLU A 1 66  ? 15.296  -2.356  -3.879  1.00 17.25 ? 95  GLU A CA  1 
ATOM   460  C C   . GLU A 1 66  ? 14.452  -2.029  -5.101  1.00 16.52 ? 95  GLU A C   1 
ATOM   461  O O   . GLU A 1 66  ? 14.609  -0.955  -5.673  1.00 17.27 ? 95  GLU A O   1 
ATOM   462  C CB  . GLU A 1 66  ? 16.579  -3.074  -4.327  1.00 20.13 ? 95  GLU A CB  1 
ATOM   463  C CG  . GLU A 1 66  ? 17.684  -2.990  -3.290  1.00 23.96 ? 95  GLU A CG  1 
ATOM   464  C CD  . GLU A 1 66  ? 18.183  -1.567  -3.045  1.00 27.27 ? 95  GLU A CD  1 
ATOM   465  O OE1 . GLU A 1 66  ? 18.071  -0.702  -3.941  1.00 31.71 ? 95  GLU A OE1 1 
ATOM   466  O OE2 . GLU A 1 66  ? 18.701  -1.299  -1.932  1.00 34.54 ? 95  GLU A OE2 1 
ATOM   467  N N   . MET A 1 67  ? 13.539  -2.917  -5.489  1.00 16.00 ? 96  MET A N   1 
ATOM   468  C CA  . MET A 1 67  ? 12.780  -2.654  -6.693  1.00 16.31 ? 96  MET A CA  1 
ATOM   469  C C   . MET A 1 67  ? 11.857  -1.445  -6.530  1.00 15.04 ? 96  MET A C   1 
ATOM   470  O O   . MET A 1 67  ? 11.402  -0.882  -7.522  1.00 13.17 ? 96  MET A O   1 
ATOM   471  C CB  . MET A 1 67  ? 12.047  -3.916  -7.203  1.00 18.58 ? 96  MET A CB  1 
ATOM   472  C CG  . MET A 1 67  ? 10.752  -4.305  -6.548  1.00 20.88 ? 96  MET A CG  1 
ATOM   473  S SD  . MET A 1 67  ? 9.994   -5.746  -7.370  1.00 23.57 ? 96  MET A SD  1 
ATOM   474  C CE  . MET A 1 67  ? 9.164   -4.892  -8.700  1.00 22.06 ? 96  MET A CE  1 
ATOM   475  N N   . PHE A 1 68  ? 11.634  -1.023  -5.287  1.00 13.61 ? 97  PHE A N   1 
ATOM   476  C CA  . PHE A 1 68  ? 10.706  0.092   -5.012  1.00 12.97 ? 97  PHE A CA  1 
ATOM   477  C C   . PHE A 1 68  ? 11.377  1.327   -4.431  1.00 13.48 ? 97  PHE A C   1 
ATOM   478  O O   . PHE A 1 68  ? 10.687  2.319   -4.182  1.00 13.14 ? 97  PHE A O   1 
ATOM   479  C CB  . PHE A 1 68  ? 9.557   -0.383  -4.119  1.00 12.85 ? 97  PHE A CB  1 
ATOM   480  C CG  . PHE A 1 68  ? 8.671   -1.391  -4.798  1.00 12.75 ? 97  PHE A CG  1 
ATOM   481  C CD1 . PHE A 1 68  ? 7.828   -1.003  -5.821  1.00 12.96 ? 97  PHE A CD1 1 
ATOM   482  C CD2 . PHE A 1 68  ? 8.703   -2.728  -4.434  1.00 13.13 ? 97  PHE A CD2 1 
ATOM   483  C CE1 . PHE A 1 68  ? 7.029   -1.916  -6.473  1.00 12.85 ? 97  PHE A CE1 1 
ATOM   484  C CE2 . PHE A 1 68  ? 7.906   -3.646  -5.081  1.00 13.56 ? 97  PHE A CE2 1 
ATOM   485  C CZ  . PHE A 1 68  ? 7.061   -3.245  -6.089  1.00 13.55 ? 97  PHE A CZ  1 
ATOM   486  N N   . ARG A 1 69  ? 12.698  1.294   -4.255  1.00 13.97 ? 98  ARG A N   1 
ATOM   487  C CA  . ARG A 1 69  ? 13.410  2.455   -3.691  1.00 15.84 ? 98  ARG A CA  1 
ATOM   488  C C   . ARG A 1 69  ? 13.183  3.694   -4.542  1.00 14.90 ? 98  ARG A C   1 
ATOM   489  O O   . ARG A 1 69  ? 13.429  3.690   -5.742  1.00 14.98 ? 98  ARG A O   1 
ATOM   490  C CB  . ARG A 1 69  ? 14.910  2.191   -3.594  1.00 18.86 ? 98  ARG A CB  1 
ATOM   491  C CG  . ARG A 1 69  ? 15.708  3.341   -2.990  1.00 22.25 ? 98  ARG A CG  1 
ATOM   492  C CD  . ARG A 1 69  ? 17.211  3.164   -3.192  1.00 26.83 ? 98  ARG A CD  1 
ATOM   493  N NE  . ARG A 1 69  ? 17.745  2.186   -2.252  1.00 30.03 ? 98  ARG A NE  1 
ATOM   494  C CZ  . ARG A 1 69  ? 18.116  2.455   -0.999  1.00 34.94 ? 98  ARG A CZ  1 
ATOM   495  N NH1 . ARG A 1 69  ? 18.576  1.475   -0.224  1.00 38.07 ? 98  ARG A NH1 1 
ATOM   496  N NH2 . ARG A 1 69  ? 18.034  3.693   -0.506  1.00 37.57 ? 98  ARG A NH2 1 
ATOM   497  N N   . GLY A 1 70  ? 12.699  4.758   -3.896  1.00 14.48 ? 99  GLY A N   1 
ATOM   498  C CA  . GLY A 1 70  ? 12.487  6.036   -4.546  1.00 14.10 ? 99  GLY A CA  1 
ATOM   499  C C   . GLY A 1 70  ? 11.223  6.120   -5.371  1.00 13.76 ? 99  GLY A C   1 
ATOM   500  O O   . GLY A 1 70  ? 11.018  7.083   -6.131  1.00 15.33 ? 99  GLY A O   1 
ATOM   501  N N   . ARG A 1 71  ? 10.368  5.107   -5.264  1.00 13.20 ? 100 ARG A N   1 
ATOM   502  C CA  . ARG A 1 71  ? 9.254   4.978   -6.198  1.00 12.67 ? 100 ARG A CA  1 
ATOM   503  C C   . ARG A 1 71  ? 7.876   4.924   -5.561  1.00 12.01 ? 100 ARG A C   1 
ATOM   504  O O   . ARG A 1 71  ? 6.900   4.787   -6.267  1.00 12.72 ? 100 ARG A O   1 
ATOM   505  C CB  . ARG A 1 71  ? 9.437   3.711   -7.012  1.00 12.99 ? 100 ARG A CB  1 
ATOM   506  C CG  . ARG A 1 71  ? 10.756  3.681   -7.777  1.00 13.27 ? 100 ARG A CG  1 
ATOM   507  C CD  . ARG A 1 71  ? 10.879  2.416   -8.628  1.00 13.46 ? 100 ARG A CD  1 
ATOM   508  N NE  . ARG A 1 71  ? 9.828   2.363   -9.612  1.00 13.49 ? 100 ARG A NE  1 
ATOM   509  C CZ  . ARG A 1 71  ? 8.992   1.349   -9.818  1.00 12.86 ? 100 ARG A CZ  1 
ATOM   510  N NH1 . ARG A 1 71  ? 9.091   0.189   -9.154  1.00 13.42 ? 100 ARG A NH1 1 
ATOM   511  N NH2 . ARG A 1 71  ? 8.060   1.491   -10.718 1.00 12.36 ? 100 ARG A NH2 1 
ATOM   512  N N   . THR A 1 72  ? 7.794   5.033   -4.243  1.00 11.88 ? 101 THR A N   1 
ATOM   513  C CA  . THR A 1 72  ? 6.516   4.809   -3.555  1.00 12.27 ? 101 THR A CA  1 
ATOM   514  C C   . THR A 1 72  ? 6.150   5.907   -2.571  1.00 12.41 ? 101 THR A C   1 
ATOM   515  O O   . THR A 1 72  ? 7.014   6.482   -1.920  1.00 13.23 ? 101 THR A O   1 
ATOM   516  C CB  . THR A 1 72  ? 6.511   3.471   -2.820  1.00 12.59 ? 101 THR A CB  1 
ATOM   517  O OG1 . THR A 1 72  ? 7.515   3.471   -1.795  1.00 13.16 ? 101 THR A OG1 1 
ATOM   518  C CG2 . THR A 1 72  ? 6.710   2.333   -3.807  1.00 12.90 ? 101 THR A CG2 1 
ATOM   519  N N   . ALA A 1 73  ? 4.846   6.175   -2.460  1.00 11.82 ? 102 ALA A N   1 
ATOM   520  C CA  . ALA A 1 73  ? 4.338   7.088   -1.469  1.00 11.74 ? 102 ALA A CA  1 
ATOM   521  C C   . ALA A 1 73  ? 2.910   6.719   -1.113  1.00 12.19 ? 102 ALA A C   1 
ATOM   522  O O   . ALA A 1 73  ? 2.156   6.227   -1.944  1.00 13.81 ? 102 ALA A O   1 
ATOM   523  C CB  . ALA A 1 73  ? 4.367   8.507   -2.011  1.00 11.78 ? 102 ALA A CB  1 
ATOM   524  N N   . VAL A 1 74  ? 2.537   6.993   0.127   1.00 12.56 ? 103 VAL A N   1 
ATOM   525  C CA  . VAL A 1 74  ? 1.136   6.932   0.497   1.00 12.61 ? 103 VAL A CA  1 
ATOM   526  C C   . VAL A 1 74  ? 0.566   8.348   0.554   1.00 12.62 ? 103 VAL A C   1 
ATOM   527  O O   . VAL A 1 74  ? 1.275   9.309   0.305   1.00 13.01 ? 103 VAL A O   1 
ATOM   528  C CB  . VAL A 1 74  ? 0.915   6.214   1.842   1.00 13.84 ? 103 VAL A CB  1 
ATOM   529  C CG1 . VAL A 1 74  ? 1.286   4.742   1.728   1.00 14.70 ? 103 VAL A CG1 1 
ATOM   530  C CG2 . VAL A 1 74  ? 1.648   6.906   2.987   1.00 14.06 ? 103 VAL A CG2 1 
ATOM   531  N N   . PHE A 1 75  ? -0.721  8.469   0.876   1.00 11.98 ? 104 PHE A N   1 
ATOM   532  C CA  . PHE A 1 75  ? -1.369  9.779   1.044   1.00 12.14 ? 104 PHE A CA  1 
ATOM   533  C C   . PHE A 1 75  ? -1.446  10.059  2.539   1.00 11.72 ? 104 PHE A C   1 
ATOM   534  O O   . PHE A 1 75  ? -2.413  9.706   3.208   1.00 11.63 ? 104 PHE A O   1 
ATOM   535  C CB  . PHE A 1 75  ? -2.765  9.766   0.418   1.00 11.90 ? 104 PHE A CB  1 
ATOM   536  C CG  . PHE A 1 75  ? -2.759  9.588   -1.071  1.00 12.15 ? 104 PHE A CG  1 
ATOM   537  C CD1 . PHE A 1 75  ? -2.657  10.683  -1.916  1.00 12.25 ? 104 PHE A CD1 1 
ATOM   538  C CD2 . PHE A 1 75  ? -2.852  8.329   -1.636  1.00 12.30 ? 104 PHE A CD2 1 
ATOM   539  C CE1 . PHE A 1 75  ? -2.653  10.532  -3.281  1.00 13.68 ? 104 PHE A CE1 1 
ATOM   540  C CE2 . PHE A 1 75  ? -2.825  8.165   -3.009  1.00 13.08 ? 104 PHE A CE2 1 
ATOM   541  C CZ  . PHE A 1 75  ? -2.753  9.268   -3.838  1.00 12.90 ? 104 PHE A CZ  1 
ATOM   542  N N   . ALA A 1 76  ? -0.380  10.629  3.098   1.00 12.30 ? 105 ALA A N   1 
ATOM   543  C CA  . ALA A 1 76  ? -0.286  10.769  4.540   1.00 12.17 ? 105 ALA A CA  1 
ATOM   544  C C   . ALA A 1 76  ? -1.438  11.582  5.154   1.00 12.09 ? 105 ALA A C   1 
ATOM   545  O O   . ALA A 1 76  ? -1.757  11.363  6.314   1.00 12.23 ? 105 ALA A O   1 
ATOM   546  C CB  . ALA A 1 76  ? 1.029   11.413  4.942   1.00 12.79 ? 105 ALA A CB  1 
ATOM   547  N N   . ASP A 1 77  ? -2.015  12.498  4.385   1.00 13.07 ? 106 ASP A N   1 
ATOM   548  C CA  . ASP A 1 77  ? -3.148  13.312  4.849   1.00 14.12 ? 106 ASP A CA  1 
ATOM   549  C C   . ASP A 1 77  ? -4.447  12.502  4.922   1.00 12.75 ? 106 ASP A C   1 
ATOM   550  O O   . ASP A 1 77  ? -5.415  12.936  5.536   1.00 12.44 ? 106 ASP A O   1 
ATOM   551  C CB  . ASP A 1 77  ? -3.438  14.502  3.918   1.00 16.70 ? 106 ASP A CB  1 
ATOM   552  C CG  . ASP A 1 77  ? -2.325  15.507  3.838   1.00 19.57 ? 106 ASP A CG  1 
ATOM   553  O OD1 . ASP A 1 77  ? -1.269  15.303  4.456   1.00 21.95 ? 106 ASP A OD1 1 
ATOM   554  O OD2 . ASP A 1 77  ? -2.530  16.534  3.122   1.00 23.95 ? 106 ASP A OD2 1 
ATOM   555  N N   . GLN A 1 78  ? -4.497  11.339  4.265   1.00 10.99 ? 107 GLN A N   1 
ATOM   556  C CA  . GLN A 1 78  ? -5.753  10.580  4.121   1.00 10.40 ? 107 GLN A CA  1 
ATOM   557  C C   . GLN A 1 78  ? -5.767  9.285   4.920   1.00 9.97  ? 107 GLN A C   1 
ATOM   558  O O   . GLN A 1 78  ? -6.785  8.604   4.978   1.00 9.62  ? 107 GLN A O   1 
ATOM   559  C CB  . GLN A 1 78  ? -6.022  10.227  2.658   1.00 10.72 ? 107 GLN A CB  1 
ATOM   560  C CG  . GLN A 1 78  ? -5.999  11.393  1.701   1.00 11.65 ? 107 GLN A CG  1 
ATOM   561  C CD  . GLN A 1 78  ? -7.006  12.451  2.065   1.00 12.73 ? 107 GLN A CD  1 
ATOM   562  O OE1 . GLN A 1 78  ? -8.105  12.143  2.515   1.00 13.71 ? 107 GLN A OE1 1 
ATOM   563  N NE2 . GLN A 1 78  ? -6.653  13.710  1.838   1.00 14.81 ? 107 GLN A NE2 1 
ATOM   564  N N   . VAL A 1 79  ? -4.645  8.933   5.524   1.00 9.65  ? 108 VAL A N   1 
ATOM   565  C CA  . VAL A 1 79  ? -4.570  7.681   6.270   1.00 9.26  ? 108 VAL A CA  1 
ATOM   566  C C   . VAL A 1 79  ? -5.600  7.691   7.409   1.00 9.51  ? 108 VAL A C   1 
ATOM   567  O O   . VAL A 1 79  ? -6.232  6.676   7.674   1.00 9.52  ? 108 VAL A O   1 
ATOM   568  C CB  . VAL A 1 79  ? -3.152  7.403   6.778   1.00 9.54  ? 108 VAL A CB  1 
ATOM   569  C CG1 . VAL A 1 79  ? -3.121  6.205   7.736   1.00 9.56  ? 108 VAL A CG1 1 
ATOM   570  C CG2 . VAL A 1 79  ? -2.196  7.218   5.593   1.00 9.70  ? 108 VAL A CG2 1 
ATOM   571  N N   . ILE A 1 80  ? -5.813  8.857   8.026   1.00 9.76  ? 109 ILE A N   1 
ATOM   572  C CA  . ILE A 1 80  ? -6.737  8.940   9.154   1.00 11.19 ? 109 ILE A CA  1 
ATOM   573  C C   . ILE A 1 80  ? -8.169  8.617   8.761   1.00 10.89 ? 109 ILE A C   1 
ATOM   574  O O   . ILE A 1 80  ? -8.972  8.261   9.634   1.00 11.80 ? 109 ILE A O   1 
ATOM   575  C CB  . ILE A 1 80  ? -6.666  10.326  9.841   1.00 11.25 ? 109 ILE A CB  1 
ATOM   576  C CG1 . ILE A 1 80  ? -7.277  10.279  11.252  1.00 12.72 ? 109 ILE A CG1 1 
ATOM   577  C CG2 . ILE A 1 80  ? -7.291  11.386  8.966   1.00 12.03 ? 109 ILE A CG2 1 
ATOM   578  C CD1 . ILE A 1 80  ? -6.632  9.301   12.170  1.00 12.61 ? 109 ILE A CD1 1 
ATOM   579  N N   . VAL A 1 81  ? -8.511  8.771   7.474   1.00 11.28 ? 110 VAL A N   1 
ATOM   580  C CA  . VAL A 1 81  ? -9.851  8.424   7.002   1.00 11.50 ? 110 VAL A CA  1 
ATOM   581  C C   . VAL A 1 81  ? -9.901  7.068   6.292   1.00 11.60 ? 110 VAL A C   1 
ATOM   582  O O   . VAL A 1 81  ? -10.847 6.788   5.552   1.00 14.32 ? 110 VAL A O   1 
ATOM   583  C CB  . VAL A 1 81  ? -10.495 9.555   6.154   1.00 12.40 ? 110 VAL A CB  1 
ATOM   584  C CG1 . VAL A 1 81  ? -10.678 10.799  7.019   1.00 13.13 ? 110 VAL A CG1 1 
ATOM   585  C CG2 . VAL A 1 81  ? -9.700  9.872   4.889   1.00 13.43 ? 110 VAL A CG2 1 
ATOM   586  N N   . GLY A 1 82  ? -8.876  6.243   6.509   1.00 10.85 ? 111 GLY A N   1 
ATOM   587  C CA  . GLY A 1 82  ? -8.900  4.858   6.056   1.00 10.04 ? 111 GLY A CA  1 
ATOM   588  C C   . GLY A 1 82  ? -8.401  4.647   4.630   1.00 10.01 ? 111 GLY A C   1 
ATOM   589  O O   . GLY A 1 82  ? -8.747  3.649   4.011   1.00 10.80 ? 111 GLY A O   1 
ATOM   590  N N   . ASN A 1 83  ? -7.649  5.608   4.096   1.00 9.58  ? 112 ASN A N   1 
ATOM   591  C CA  . ASN A 1 83  ? -7.128  5.532   2.749   1.00 9.10  ? 112 ASN A CA  1 
ATOM   592  C C   . ASN A 1 83  ? -5.666  5.095   2.791   1.00 9.24  ? 112 ASN A C   1 
ATOM   593  O O   . ASN A 1 83  ? -4.791  5.881   3.151   1.00 9.04  ? 112 ASN A O   1 
ATOM   594  C CB  . ASN A 1 83  ? -7.256  6.906   2.120   1.00 9.07  ? 112 ASN A CB  1 
ATOM   595  C CG  . ASN A 1 83  ? -6.841  6.944   0.673   1.00 9.51  ? 112 ASN A CG  1 
ATOM   596  O OD1 . ASN A 1 83  ? -6.143  6.050   0.150   1.00 9.50  ? 112 ASN A OD1 1 
ATOM   597  N ND2 . ASN A 1 83  ? -7.254  8.017   0.016   1.00 9.66  ? 112 ASN A ND2 1 
ATOM   598  N N   . ALA A 1 84  ? -5.425  3.834   2.437   1.00 8.82  ? 113 ALA A N   1 
ATOM   599  C CA  . ALA A 1 84  ? -4.085  3.247   2.445   1.00 9.14  ? 113 ALA A CA  1 
ATOM   600  C C   . ALA A 1 84  ? -3.515  3.081   1.046   1.00 9.17  ? 113 ALA A C   1 
ATOM   601  O O   . ALA A 1 84  ? -2.595  2.294   0.858   1.00 9.24  ? 113 ALA A O   1 
ATOM   602  C CB  . ALA A 1 84  ? -4.084  1.918   3.182   1.00 9.46  ? 113 ALA A CB  1 
ATOM   603  N N   . SER A 1 85  ? -4.049  3.834   0.090   1.00 9.00  ? 114 SER A N   1 
ATOM   604  C CA  . SER A 1 85  ? -3.629  3.727   -1.303  1.00 9.07  ? 114 SER A CA  1 
ATOM   605  C C   . SER A 1 85  ? -2.194  4.132   -1.495  1.00 9.78  ? 114 SER A C   1 
ATOM   606  O O   . SER A 1 85  ? -1.684  4.989   -0.770  1.00 10.15 ? 114 SER A O   1 
ATOM   607  C CB  . SER A 1 85  ? -4.546  4.557   -2.185  1.00 9.26  ? 114 SER A CB  1 
ATOM   608  O OG  . SER A 1 85  ? -5.879  4.070   -2.084  1.00 9.40  ? 114 SER A OG  1 
ATOM   609  N N   . LEU A 1 86  ? -1.543  3.453   -2.440  1.00 10.09 ? 115 LEU A N   1 
ATOM   610  C CA  . LEU A 1 86  ? -0.128  3.658   -2.709  1.00 11.30 ? 115 LEU A CA  1 
ATOM   611  C C   . LEU A 1 86  ? 0.048   4.275   -4.074  1.00 11.20 ? 115 LEU A C   1 
ATOM   612  O O   . LEU A 1 86  ? -0.552  3.839   -5.062  1.00 11.20 ? 115 LEU A O   1 
ATOM   613  C CB  . LEU A 1 86  ? 0.622   2.323   -2.645  1.00 12.35 ? 115 LEU A CB  1 
ATOM   614  C CG  . LEU A 1 86  ? 2.149   2.339   -2.709  1.00 14.61 ? 115 LEU A CG  1 
ATOM   615  C CD1 . LEU A 1 86  ? 2.709   2.866   -1.408  1.00 15.52 ? 115 LEU A CD1 1 
ATOM   616  C CD2 . LEU A 1 86  ? 2.656   0.926   -2.978  1.00 15.45 ? 115 LEU A CD2 1 
ATOM   617  N N   . ARG A 1 87  ? 0.898   5.303   -4.126  1.00 11.12 ? 116 ARG A N   1 
ATOM   618  C CA  . ARG A 1 87  ? 1.351   5.923   -5.375  1.00 11.94 ? 116 ARG A CA  1 
ATOM   619  C C   . ARG A 1 87  ? 2.631   5.228   -5.842  1.00 10.99 ? 116 ARG A C   1 
ATOM   620  O O   . ARG A 1 87  ? 3.555   5.066   -5.061  1.00 11.04 ? 116 ARG A O   1 
ATOM   621  C CB  . ARG A 1 87  ? 1.637   7.419   -5.182  1.00 13.63 ? 116 ARG A CB  1 
ATOM   622  C CG  . ARG A 1 87  ? 0.415   8.215   -4.746  1.00 15.00 ? 116 ARG A CG  1 
ATOM   623  C CD  . ARG A 1 87  ? 0.760   9.679   -4.454  1.00 18.01 ? 116 ARG A CD  1 
ATOM   624  N NE  . ARG A 1 87  ? 1.192   10.409  -5.642  1.00 21.59 ? 116 ARG A NE  1 
ATOM   625  C CZ  . ARG A 1 87  ? 2.045   11.435  -5.635  1.00 25.96 ? 116 ARG A CZ  1 
ATOM   626  N NH1 . ARG A 1 87  ? 2.609   11.851  -4.498  1.00 27.41 ? 116 ARG A NH1 1 
ATOM   627  N NH2 . ARG A 1 87  ? 2.361   12.042  -6.776  1.00 29.39 ? 116 ARG A NH2 1 
ATOM   628  N N   . LEU A 1 88  ? 2.660   4.823   -7.108  1.00 10.82 ? 117 LEU A N   1 
ATOM   629  C CA  . LEU A 1 88  ? 3.821   4.147   -7.670  1.00 11.29 ? 117 LEU A CA  1 
ATOM   630  C C   . LEU A 1 88  ? 4.359   4.966   -8.825  1.00 11.08 ? 117 LEU A C   1 
ATOM   631  O O   . LEU A 1 88  ? 3.647   5.253   -9.782  1.00 11.32 ? 117 LEU A O   1 
ATOM   632  C CB  . LEU A 1 88  ? 3.447   2.737   -8.135  1.00 12.04 ? 117 LEU A CB  1 
ATOM   633  C CG  . LEU A 1 88  ? 4.577   1.850   -8.675  1.00 13.06 ? 117 LEU A CG  1 
ATOM   634  C CD1 . LEU A 1 88  ? 5.759   1.709   -7.732  1.00 13.34 ? 117 LEU A CD1 1 
ATOM   635  C CD2 . LEU A 1 88  ? 3.995   0.474   -8.997  1.00 13.62 ? 117 LEU A CD2 1 
ATOM   636  N N   . LYS A 1 89  ? 5.625   5.371   -8.718  1.00 11.96 ? 118 LYS A N   1 
ATOM   637  C CA  . LYS A 1 89  ? 6.238   6.237   -9.719  1.00 12.77 ? 118 LYS A CA  1 
ATOM   638  C C   . LYS A 1 89  ? 6.665   5.457   -10.965 1.00 12.45 ? 118 LYS A C   1 
ATOM   639  O O   . LYS A 1 89  ? 7.308   4.421   -10.854 1.00 12.05 ? 118 LYS A O   1 
ATOM   640  C CB  . LYS A 1 89  ? 7.462   6.891   -9.086  1.00 14.77 ? 118 LYS A CB  1 
ATOM   641  C CG  . LYS A 1 89  ? 8.102   7.979   -9.925  1.00 17.91 ? 118 LYS A CG  1 
ATOM   642  C CD  . LYS A 1 89  ? 9.422   8.458   -9.339  1.00 21.51 ? 118 LYS A CD  1 
ATOM   643  C CE  . LYS A 1 89  ? 10.083  9.449   -10.276 1.00 24.65 ? 118 LYS A CE  1 
ATOM   644  N NZ  . LYS A 1 89  ? 9.207   10.582  -10.689 1.00 27.50 ? 118 LYS A NZ  1 
ATOM   645  N N   . ASN A 1 90  ? 6.335   5.990   -12.144 1.00 11.84 ? 119 ASN A N   1 
ATOM   646  C CA  . ASN A 1 90  ? 6.829   5.479   -13.423 1.00 12.72 ? 119 ASN A CA  1 
ATOM   647  C C   . ASN A 1 90  ? 6.719   3.965   -13.505 1.00 12.34 ? 119 ASN A C   1 
ATOM   648  O O   . ASN A 1 90  ? 7.730   3.231   -13.491 1.00 12.64 ? 119 ASN A O   1 
ATOM   649  C CB  . ASN A 1 90  ? 8.269   5.932   -13.666 1.00 13.71 ? 119 ASN A CB  1 
ATOM   650  C CG  . ASN A 1 90  ? 8.749   5.583   -15.052 1.00 15.87 ? 119 ASN A CG  1 
ATOM   651  O OD1 . ASN A 1 90  ? 8.013   4.983   -15.841 1.00 19.06 ? 119 ASN A OD1 1 
ATOM   652  N ND2 . ASN A 1 90  ? 9.988   5.928   -15.359 1.00 16.34 ? 119 ASN A ND2 1 
ATOM   653  N N   . VAL A 1 91  ? 5.472   3.508   -13.565 1.00 11.42 ? 120 VAL A N   1 
ATOM   654  C CA  . VAL A 1 91  ? 5.138   2.081   -13.557 1.00 11.07 ? 120 VAL A CA  1 
ATOM   655  C C   . VAL A 1 91  ? 5.853   1.320   -14.676 1.00 11.07 ? 120 VAL A C   1 
ATOM   656  O O   . VAL A 1 91  ? 5.945   1.813   -15.791 1.00 10.74 ? 120 VAL A O   1 
ATOM   657  C CB  . VAL A 1 91  ? 3.600   1.930   -13.718 1.00 11.75 ? 120 VAL A CB  1 
ATOM   658  C CG1 . VAL A 1 91  ? 3.196   0.502   -14.039 1.00 12.39 ? 120 VAL A CG1 1 
ATOM   659  C CG2 . VAL A 1 91  ? 2.926   2.473   -12.460 1.00 12.06 ? 120 VAL A CG2 1 
ATOM   660  N N   . GLN A 1 92  ? 6.331   0.113   -14.356 1.00 11.20 ? 121 GLN A N   1 
ATOM   661  C CA  . GLN A 1 92  ? 7.086   -0.733  -15.309 1.00 11.73 ? 121 GLN A CA  1 
ATOM   662  C C   . GLN A 1 92  ? 6.432   -2.099  -15.402 1.00 12.34 ? 121 GLN A C   1 
ATOM   663  O O   . GLN A 1 92  ? 5.650   -2.497  -14.526 1.00 12.30 ? 121 GLN A O   1 
ATOM   664  C CB  . GLN A 1 92  ? 8.542   -0.882  -14.857 1.00 12.35 ? 121 GLN A CB  1 
ATOM   665  C CG  . GLN A 1 92  ? 9.309   0.430   -14.786 1.00 12.78 ? 121 GLN A CG  1 
ATOM   666  C CD  . GLN A 1 92  ? 9.448   1.085   -16.143 1.00 14.21 ? 121 GLN A CD  1 
ATOM   667  O OE1 . GLN A 1 92  ? 8.997   2.230   -16.375 1.00 14.69 ? 121 GLN A OE1 1 
ATOM   668  N NE2 . GLN A 1 92  ? 10.054  0.362   -17.063 1.00 13.49 ? 121 GLN A NE2 1 
ATOM   669  N N   . LEU A 1 93  ? 6.722   -2.831  -16.470 1.00 12.47 ? 122 LEU A N   1 
ATOM   670  C CA  . LEU A 1 93  ? 6.106   -4.144  -16.628 1.00 12.98 ? 122 LEU A CA  1 
ATOM   671  C C   . LEU A 1 93  ? 6.479   -5.089  -15.474 1.00 13.33 ? 122 LEU A C   1 
ATOM   672  O O   . LEU A 1 93  ? 5.744   -6.028  -15.179 1.00 15.11 ? 122 LEU A O   1 
ATOM   673  C CB  . LEU A 1 93  ? 6.449   -4.748  -17.996 1.00 14.28 ? 122 LEU A CB  1 
ATOM   674  C CG  . LEU A 1 93  ? 7.899   -5.156  -18.200 1.00 14.02 ? 122 LEU A CG  1 
ATOM   675  C CD1 . LEU A 1 93  ? 8.169   -6.568  -17.658 1.00 14.51 ? 122 LEU A CD1 1 
ATOM   676  C CD2 . LEU A 1 93  ? 8.220   -5.083  -19.700 1.00 14.27 ? 122 LEU A CD2 1 
ATOM   677  N N   . THR A 1 94  ? 7.607   -4.825  -14.818 1.00 12.17 ? 123 THR A N   1 
ATOM   678  C CA  . THR A 1 94  ? 8.066   -5.621  -13.696 1.00 12.85 ? 123 THR A CA  1 
ATOM   679  C C   . THR A 1 94  ? 7.254   -5.352  -12.421 1.00 12.18 ? 123 THR A C   1 
ATOM   680  O O   . THR A 1 94  ? 7.353   -6.104  -11.431 1.00 11.64 ? 123 THR A O   1 
ATOM   681  C CB  . THR A 1 94  ? 9.577   -5.431  -13.480 1.00 13.60 ? 123 THR A CB  1 
ATOM   682  O OG1 . THR A 1 94  ? 9.894   -4.025  -13.422 1.00 15.16 ? 123 THR A OG1 1 
ATOM   683  C CG2 . THR A 1 94  ? 10.354  -6.070  -14.635 1.00 13.68 ? 123 THR A CG2 1 
ATOM   684  N N   . ASP A 1 95  ? 6.443   -4.299  -12.434 1.00 11.50 ? 124 ASP A N   1 
ATOM   685  C CA  . ASP A 1 95  ? 5.590   -3.999  -11.283 1.00 12.00 ? 124 ASP A CA  1 
ATOM   686  C C   . ASP A 1 95  ? 4.322   -4.804  -11.280 1.00 11.64 ? 124 ASP A C   1 
ATOM   687  O O   . ASP A 1 95  ? 3.624   -4.833  -10.265 1.00 11.35 ? 124 ASP A O   1 
ATOM   688  C CB  . ASP A 1 95  ? 5.211   -2.528  -11.253 1.00 11.83 ? 124 ASP A CB  1 
ATOM   689  C CG  . ASP A 1 95  ? 6.384   -1.630  -10.999 1.00 12.22 ? 124 ASP A CG  1 
ATOM   690  O OD1 . ASP A 1 95  ? 7.226   -1.986  -10.146 1.00 13.01 ? 124 ASP A OD1 1 
ATOM   691  O OD2 . ASP A 1 95  ? 6.448   -0.542  -11.629 1.00 12.72 ? 124 ASP A OD2 1 
ATOM   692  N N   . ALA A 1 96  ? 3.986   -5.439  -12.405 1.00 12.56 ? 125 ALA A N   1 
ATOM   693  C CA  . ALA A 1 96  ? 2.784   -6.250  -12.482 1.00 12.44 ? 125 ALA A CA  1 
ATOM   694  C C   . ALA A 1 96  ? 2.869   -7.398  -11.491 1.00 12.13 ? 125 ALA A C   1 
ATOM   695  O O   . ALA A 1 96  ? 3.923   -8.013  -11.289 1.00 12.03 ? 125 ALA A O   1 
ATOM   696  C CB  . ALA A 1 96  ? 2.565   -6.786  -13.881 1.00 13.52 ? 125 ALA A CB  1 
ATOM   697  N N   . GLY A 1 97  ? 1.738   -7.687  -10.863 1.00 11.47 ? 126 GLY A N   1 
ATOM   698  C CA  . GLY A 1 97  ? 1.654   -8.846  -9.998  1.00 11.10 ? 126 GLY A CA  1 
ATOM   699  C C   . GLY A 1 97  ? 0.679   -8.668  -8.870  1.00 10.76 ? 126 GLY A C   1 
ATOM   700  O O   . GLY A 1 97  ? -0.092  -7.701  -8.830  1.00 10.71 ? 126 GLY A O   1 
ATOM   701  N N   . THR A 1 98  ? 0.716   -9.617  -7.943  1.00 10.35 ? 127 THR A N   1 
ATOM   702  C CA  . THR A 1 98  ? -0.218  -9.622  -6.821  1.00 10.76 ? 127 THR A CA  1 
ATOM   703  C C   . THR A 1 98  ? 0.424   -8.869  -5.658  1.00 10.35 ? 127 THR A C   1 
ATOM   704  O O   . THR A 1 98  ? 1.558   -9.140  -5.261  1.00 10.39 ? 127 THR A O   1 
ATOM   705  C CB  . THR A 1 98  ? -0.553  -11.055 -6.377  1.00 11.45 ? 127 THR A CB  1 
ATOM   706  O OG1 . THR A 1 98  ? -1.092  -11.799 -7.491  1.00 13.17 ? 127 THR A OG1 1 
ATOM   707  C CG2 . THR A 1 98  ? -1.527  -11.036 -5.242  1.00 12.38 ? 127 THR A CG2 1 
ATOM   708  N N   . TYR A 1 99  ? -0.315  -7.912  -5.124  1.00 9.45  ? 128 TYR A N   1 
ATOM   709  C CA  . TYR A 1 99  ? 0.103   -7.131  -3.978  1.00 9.59  ? 128 TYR A CA  1 
ATOM   710  C C   . TYR A 1 99  ? -0.842  -7.413  -2.826  1.00 10.08 ? 128 TYR A C   1 
ATOM   711  O O   . TYR A 1 99  ? -1.952  -7.905  -3.037  1.00 10.88 ? 128 TYR A O   1 
ATOM   712  C CB  . TYR A 1 99  ? 0.087   -5.629  -4.272  1.00 9.31  ? 128 TYR A CB  1 
ATOM   713  C CG  . TYR A 1 99  ? 1.153   -5.160  -5.241  1.00 9.47  ? 128 TYR A CG  1 
ATOM   714  C CD1 . TYR A 1 99  ? 1.046   -5.433  -6.607  1.00 9.14  ? 128 TYR A CD1 1 
ATOM   715  C CD2 . TYR A 1 99  ? 2.268   -4.463  -4.797  1.00 9.03  ? 128 TYR A CD2 1 
ATOM   716  C CE1 . TYR A 1 99  ? 2.009   -5.006  -7.500  1.00 9.62  ? 128 TYR A CE1 1 
ATOM   717  C CE2 . TYR A 1 99  ? 3.232   -4.026  -5.681  1.00 9.46  ? 128 TYR A CE2 1 
ATOM   718  C CZ  . TYR A 1 99  ? 3.107   -4.312  -7.023  1.00 9.54  ? 128 TYR A CZ  1 
ATOM   719  O OH  . TYR A 1 99  ? 4.091   -3.872  -7.897  1.00 10.30 ? 128 TYR A OH  1 
ATOM   720  N N   . LYS A 1 100 ? -0.377  -7.105  -1.627  1.00 10.53 ? 129 LYS A N   1 
ATOM   721  C CA  . LYS A 1 100 ? -1.172  -7.227  -0.411  1.00 11.01 ? 129 LYS A CA  1 
ATOM   722  C C   . LYS A 1 100 ? -1.066  -5.945  0.364   1.00 10.73 ? 129 LYS A C   1 
ATOM   723  O O   . LYS A 1 100 ? 0.027   -5.474  0.624   1.00 10.62 ? 129 LYS A O   1 
ATOM   724  C CB  . LYS A 1 100 ? -0.669  -8.335  0.481   1.00 11.76 ? 129 LYS A CB  1 
ATOM   725  C CG  . LYS A 1 100 ? -1.535  -8.529  1.707   1.00 13.09 ? 129 LYS A CG  1 
ATOM   726  C CD  . LYS A 1 100 ? -1.002  -9.628  2.613   1.00 13.79 ? 129 LYS A CD  1 
ATOM   727  C CE  . LYS A 1 100 ? -1.089  -11.000 1.961   1.00 14.91 ? 129 LYS A CE  1 
ATOM   728  N NZ  . LYS A 1 100 ? -2.501  -11.421 1.769   1.00 15.36 ? 129 LYS A NZ  1 
ATOM   729  N N   . CYS A 1 101 ? -2.234  -5.405  0.729   1.00 10.61 ? 130 CYS A N   1 
ATOM   730  C CA  . CYS A 1 101 ? -2.346  -4.272  1.622   1.00 11.12 ? 130 CYS A CA  1 
ATOM   731  C C   . CYS A 1 101 ? -2.646  -4.802  3.021   1.00 11.40 ? 130 CYS A C   1 
ATOM   732  O O   . CYS A 1 101 ? -3.670  -5.435  3.222   1.00 10.61 ? 130 CYS A O   1 
ATOM   733  C CB  . CYS A 1 101 ? -3.470  -3.389  1.113   1.00 10.95 ? 130 CYS A CB  1 
ATOM   734  S SG  . CYS A 1 101 ? -3.818  -1.946  2.132   1.00 12.03 ? 130 CYS A SG  1 
ATOM   735  N N   . TYR A 1 102 ? -1.720  -4.566  3.941   1.00 12.03 ? 131 TYR A N   1 
ATOM   736  C CA  . TYR A 1 102 ? -1.788  -5.114  5.301   1.00 13.52 ? 131 TYR A CA  1 
ATOM   737  C C   . TYR A 1 102 ? -1.907  -3.930  6.270   1.00 11.84 ? 131 TYR A C   1 
ATOM   738  O O   . TYR A 1 102 ? -1.104  -2.965  6.219   1.00 10.76 ? 131 TYR A O   1 
ATOM   739  C CB  . TYR A 1 102 ? -0.548  -5.966  5.561   1.00 15.77 ? 131 TYR A CB  1 
ATOM   740  C CG  . TYR A 1 102 ? -0.397  -6.464  6.976   1.00 20.58 ? 131 TYR A CG  1 
ATOM   741  C CD1 . TYR A 1 102 ? -1.284  -7.390  7.505   1.00 23.95 ? 131 TYR A CD1 1 
ATOM   742  C CD2 . TYR A 1 102 ? 0.636   -6.003  7.789   1.00 23.99 ? 131 TYR A CD2 1 
ATOM   743  C CE1 . TYR A 1 102 ? -1.148  -7.847  8.814   1.00 26.43 ? 131 TYR A CE1 1 
ATOM   744  C CE2 . TYR A 1 102 ? 0.784   -6.446  9.094   1.00 26.52 ? 131 TYR A CE2 1 
ATOM   745  C CZ  . TYR A 1 102 ? -0.107  -7.371  9.602   1.00 27.14 ? 131 TYR A CZ  1 
ATOM   746  O OH  . TYR A 1 102 ? 0.040   -7.808  10.902  1.00 30.12 ? 131 TYR A OH  1 
ATOM   747  N N   . ILE A 1 103 ? -2.941  -3.973  7.110   1.00 11.21 ? 132 ILE A N   1 
ATOM   748  C CA  . ILE A 1 103 ? -3.274  -2.852  8.013   1.00 11.32 ? 132 ILE A CA  1 
ATOM   749  C C   . ILE A 1 103 ? -3.356  -3.306  9.472   1.00 11.56 ? 132 ILE A C   1 
ATOM   750  O O   . ILE A 1 103 ? -3.928  -4.371  9.760   1.00 12.11 ? 132 ILE A O   1 
ATOM   751  C CB  . ILE A 1 103 ? -4.632  -2.213  7.659   1.00 10.72 ? 132 ILE A CB  1 
ATOM   752  C CG1 . ILE A 1 103 ? -4.743  -1.855  6.168   1.00 10.58 ? 132 ILE A CG1 1 
ATOM   753  C CG2 . ILE A 1 103 ? -4.896  -0.992  8.547   1.00 11.06 ? 132 ILE A CG2 1 
ATOM   754  C CD1 . ILE A 1 103 ? -3.820  -0.747  5.742   1.00 10.60 ? 132 ILE A CD1 1 
ATOM   755  N N   . ILE A 1 104 ? -2.745  -2.528  10.363  1.00 11.57 ? 133 ILE A N   1 
ATOM   756  C CA  . ILE A 1 104 ? -2.968  -2.639  11.809  1.00 12.45 ? 133 ILE A CA  1 
ATOM   757  C C   . ILE A 1 104 ? -3.557  -1.332  12.289  1.00 12.78 ? 133 ILE A C   1 
ATOM   758  O O   . ILE A 1 104 ? -3.060  -0.260  11.949  1.00 11.91 ? 133 ILE A O   1 
ATOM   759  C CB  . ILE A 1 104 ? -1.659  -2.877  12.569  1.00 13.78 ? 133 ILE A CB  1 
ATOM   760  C CG1 . ILE A 1 104 ? -0.969  -4.141  12.056  1.00 14.82 ? 133 ILE A CG1 1 
ATOM   761  C CG2 . ILE A 1 104 ? -1.906  -2.960  14.077  1.00 14.80 ? 133 ILE A CG2 1 
ATOM   762  C CD1 . ILE A 1 104 ? 0.501   -4.169  12.346  1.00 15.54 ? 133 ILE A CD1 1 
ATOM   763  N N   . THR A 1 105 ? -4.615  -1.426  13.083  1.00 12.58 ? 134 THR A N   1 
ATOM   764  C CA  . THR A 1 105 ? -5.089  -0.275  13.841  1.00 12.70 ? 134 THR A CA  1 
ATOM   765  C C   . THR A 1 105 ? -5.244  -0.691  15.297  1.00 13.58 ? 134 THR A C   1 
ATOM   766  O O   . THR A 1 105 ? -4.907  -1.795  15.658  1.00 13.83 ? 134 THR A O   1 
ATOM   767  C CB  . THR A 1 105 ? -6.415  0.276   13.305  1.00 12.79 ? 134 THR A CB  1 
ATOM   768  O OG1 . THR A 1 105 ? -7.481  -0.600  13.670  1.00 12.80 ? 134 THR A OG1 1 
ATOM   769  C CG2 . THR A 1 105 ? -6.392  0.478   11.807  1.00 12.55 ? 134 THR A CG2 1 
ATOM   770  N N   . SER A 1 106 ? -5.751  0.218   16.127  1.00 15.15 ? 135 SER A N   1 
ATOM   771  C CA  . SER A 1 106 ? -6.013  -0.101  17.528  1.00 16.56 ? 135 SER A CA  1 
ATOM   772  C C   . SER A 1 106 ? -7.128  -1.130  17.673  1.00 17.28 ? 135 SER A C   1 
ATOM   773  O O   . SER A 1 106 ? -7.255  -1.740  18.726  1.00 17.64 ? 135 SER A O   1 
ATOM   774  C CB  . SER A 1 106 ? -6.382  1.167   18.295  1.00 16.49 ? 135 SER A CB  1 
ATOM   775  O OG  . SER A 1 106 ? -7.678  1.581   17.950  1.00 18.17 ? 135 SER A OG  1 
ATOM   776  N N   . LYS A 1 107 ? -7.920  -1.334  16.619  1.00 17.63 ? 136 LYS A N   1 
ATOM   777  C CA  . LYS A 1 107 ? -9.064  -2.258  16.656  1.00 18.58 ? 136 LYS A CA  1 
ATOM   778  C C   . LYS A 1 107 ? -8.764  -3.663  16.158  1.00 18.54 ? 136 LYS A C   1 
ATOM   779  O O   . LYS A 1 107 ? -9.615  -4.562  16.294  1.00 19.64 ? 136 LYS A O   1 
ATOM   780  C CB  . LYS A 1 107 ? -10.224 -1.673  15.847  1.00 20.46 ? 136 LYS A CB  1 
ATOM   781  C CG  . LYS A 1 107 ? -10.747 -0.337  16.367  1.00 23.23 ? 136 LYS A CG  1 
ATOM   782  C CD  . LYS A 1 107 ? -11.107 -0.403  17.843  1.00 25.20 ? 136 LYS A CD  1 
ATOM   783  C CE  . LYS A 1 107 ? -11.783 0.868   18.308  1.00 27.56 ? 136 LYS A CE  1 
ATOM   784  N NZ  . LYS A 1 107 ? -12.109 0.772   19.758  1.00 29.26 ? 136 LYS A NZ  1 
ATOM   785  N N   . GLY A 1 108 ? -7.575  -3.870  15.591  1.00 17.28 ? 137 GLY A N   1 
ATOM   786  C CA  . GLY A 1 108 ? -7.172  -5.184  15.119  1.00 16.68 ? 137 GLY A CA  1 
ATOM   787  C C   . GLY A 1 108 ? -6.357  -5.089  13.853  1.00 16.19 ? 137 GLY A C   1 
ATOM   788  O O   . GLY A 1 108 ? -5.727  -4.077  13.604  1.00 16.34 ? 137 GLY A O   1 
ATOM   789  N N   . LYS A 1 109 ? -6.368  -6.153  13.067  1.00 15.74 ? 138 LYS A N   1 
ATOM   790  C CA  . LYS A 1 109 ? -5.614  -6.189  11.822  1.00 16.38 ? 138 LYS A CA  1 
ATOM   791  C C   . LYS A 1 109 ? -6.428  -6.785  10.699  1.00 14.77 ? 138 LYS A C   1 
ATOM   792  O O   . LYS A 1 109 ? -7.399  -7.501  10.913  1.00 14.55 ? 138 LYS A O   1 
ATOM   793  C CB  . LYS A 1 109 ? -4.314  -6.961  11.996  1.00 18.98 ? 138 LYS A CB  1 
ATOM   794  C CG  . LYS A 1 109 ? -4.465  -8.392  12.439  1.00 21.85 ? 138 LYS A CG  1 
ATOM   795  C CD  . LYS A 1 109 ? -3.096  -9.003  12.763  1.00 25.18 ? 138 LYS A CD  1 
ATOM   796  C CE  . LYS A 1 109 ? -2.622  -8.673  14.177  1.00 27.90 ? 138 LYS A CE  1 
ATOM   797  N NZ  . LYS A 1 109 ? -1.807  -7.426  14.253  1.00 31.14 ? 138 LYS A NZ  1 
ATOM   798  N N   . GLY A 1 110 ? -6.031  -6.459  9.480   1.00 12.88 ? 139 GLY A N   1 
ATOM   799  C CA  . GLY A 1 110 ? -6.627  -7.061  8.316   1.00 12.02 ? 139 GLY A CA  1 
ATOM   800  C C   . GLY A 1 110 ? -5.727  -6.914  7.121   1.00 11.67 ? 139 GLY A C   1 
ATOM   801  O O   . GLY A 1 110 ? -4.703  -6.240  7.170   1.00 11.09 ? 139 GLY A O   1 
ATOM   802  N N   . ASN A 1 111 ? -6.114  -7.565  6.041   1.00 11.73 ? 140 ASN A N   1 
ATOM   803  C CA  . ASN A 1 111 ? -5.396  -7.447  4.797   1.00 12.06 ? 140 ASN A CA  1 
ATOM   804  C C   . ASN A 1 111 ? -6.277  -7.804  3.616   1.00 12.52 ? 140 ASN A C   1 
ATOM   805  O O   . ASN A 1 111 ? -7.276  -8.523  3.751   1.00 13.03 ? 140 ASN A O   1 
ATOM   806  C CB  . ASN A 1 111 ? -4.127  -8.324  4.828   1.00 12.82 ? 140 ASN A CB  1 
ATOM   807  C CG  . ASN A 1 111 ? -4.428  -9.810  4.656   1.00 14.06 ? 140 ASN A CG  1 
ATOM   808  O OD1 . ASN A 1 111 ? -4.519  -10.303 3.534   1.00 15.85 ? 140 ASN A OD1 1 
ATOM   809  N ND2 . ASN A 1 111 ? -4.531  -10.518 5.747   1.00 15.85 ? 140 ASN A ND2 1 
ATOM   810  N N   . ALA A 1 112 ? -5.897  -7.299  2.455   1.00 11.56 ? 141 ALA A N   1 
ATOM   811  C CA  . ALA A 1 112 ? -6.551  -7.681  1.218   1.00 11.35 ? 141 ALA A CA  1 
ATOM   812  C C   . ALA A 1 112 ? -5.540  -7.691  0.095   1.00 11.66 ? 141 ALA A C   1 
ATOM   813  O O   . ALA A 1 112 ? -4.648  -6.851  0.061   1.00 11.52 ? 141 ALA A O   1 
ATOM   814  C CB  . ALA A 1 112 ? -7.669  -6.713  0.882   1.00 11.86 ? 141 ALA A CB  1 
ATOM   815  N N   . ASN A 1 113 ? -5.723  -8.594  -0.849  1.00 11.98 ? 142 ASN A N   1 
ATOM   816  C CA  . ASN A 1 113 ? -4.888  -8.616  -2.035  1.00 12.96 ? 142 ASN A CA  1 
ATOM   817  C C   . ASN A 1 113 ? -5.435  -7.809  -3.182  1.00 12.68 ? 142 ASN A C   1 
ATOM   818  O O   . ASN A 1 113 ? -6.624  -7.565  -3.295  1.00 11.80 ? 142 ASN A O   1 
ATOM   819  C CB  . ASN A 1 113 ? -4.677  -10.045 -2.511  1.00 14.38 ? 142 ASN A CB  1 
ATOM   820  C CG  . ASN A 1 113 ? -3.748  -10.838 -1.598  1.00 16.73 ? 142 ASN A CG  1 
ATOM   821  O OD1 . ASN A 1 113 ? -3.188  -10.315 -0.625  1.00 17.05 ? 142 ASN A OD1 1 
ATOM   822  N ND2 . ASN A 1 113 ? -3.601  -12.120 -1.894  1.00 19.80 ? 142 ASN A ND2 1 
ATOM   823  N N   . LEU A 1 114 ? -4.527  -7.494  -4.100  1.00 12.61 ? 143 LEU A N   1 
ATOM   824  C CA  A LEU A 1 114 ? -4.822  -6.690  -5.264  0.50 13.85 ? 143 LEU A CA  1 
ATOM   825  C CA  B LEU A 1 114 ? -4.832  -6.701  -5.266  0.50 13.89 ? 143 LEU A CA  1 
ATOM   826  C C   . LEU A 1 114 ? -3.988  -7.220  -6.424  1.00 13.67 ? 143 LEU A C   1 
ATOM   827  O O   . LEU A 1 114 ? -2.801  -7.484  -6.262  1.00 14.04 ? 143 LEU A O   1 
ATOM   828  C CB  A LEU A 1 114 ? -4.432  -5.241  -4.965  0.50 14.58 ? 143 LEU A CB  1 
ATOM   829  C CB  B LEU A 1 114 ? -4.486  -5.245  -4.952  0.50 14.66 ? 143 LEU A CB  1 
ATOM   830  C CG  A LEU A 1 114 ? -4.526  -4.191  -6.052  0.50 15.14 ? 143 LEU A CG  1 
ATOM   831  C CG  B LEU A 1 114 ? -4.314  -4.216  -6.049  0.50 15.18 ? 143 LEU A CG  1 
ATOM   832  C CD1 A LEU A 1 114 ? -5.900  -4.202  -6.690  0.50 14.95 ? 143 LEU A CD1 1 
ATOM   833  C CD1 B LEU A 1 114 ? -4.459  -2.832  -5.432  0.50 15.32 ? 143 LEU A CD1 1 
ATOM   834  C CD2 A LEU A 1 114 ? -4.217  -2.820  -5.463  0.50 15.18 ? 143 LEU A CD2 1 
ATOM   835  C CD2 B LEU A 1 114 ? -2.968  -4.327  -6.744  0.50 15.08 ? 143 LEU A CD2 1 
ATOM   836  N N   . GLU A 1 115 ? -4.588  -7.375  -7.592  1.00 14.43 ? 144 GLU A N   1 
ATOM   837  C CA  . GLU A 1 115 ? -3.819  -7.711  -8.784  1.00 16.15 ? 144 GLU A CA  1 
ATOM   838  C C   . GLU A 1 115 ? -3.525  -6.451  -9.584  1.00 15.38 ? 144 GLU A C   1 
ATOM   839  O O   . GLU A 1 115 ? -4.430  -5.887  -10.192 1.00 17.55 ? 144 GLU A O   1 
ATOM   840  C CB  . GLU A 1 115 ? -4.583  -8.686  -9.663  1.00 19.00 ? 144 GLU A CB  1 
ATOM   841  C CG  . GLU A 1 115 ? -3.695  -9.348  -10.695 1.00 23.02 ? 144 GLU A CG  1 
ATOM   842  C CD  . GLU A 1 115 ? -2.655  -10.231 -10.043 1.00 24.43 ? 144 GLU A CD  1 
ATOM   843  O OE1 . GLU A 1 115 ? -2.918  -10.760 -8.939  1.00 27.83 ? 144 GLU A OE1 1 
ATOM   844  O OE2 . GLU A 1 115 ? -1.565  -10.373 -10.631 1.00 29.66 ? 144 GLU A OE2 1 
ATOM   845  N N   . TYR A 1 116 ? -2.276  -6.022  -9.596  1.00 14.13 ? 145 TYR A N   1 
ATOM   846  C CA  . TYR A 1 116 ? -1.943  -4.789  -10.312 1.00 13.37 ? 145 TYR A CA  1 
ATOM   847  C C   . TYR A 1 116 ? -1.533  -5.136  -11.723 1.00 14.49 ? 145 TYR A C   1 
ATOM   848  O O   . TYR A 1 116 ? -0.687  -5.982  -11.934 1.00 14.31 ? 145 TYR A O   1 
ATOM   849  C CB  . TYR A 1 116 ? -0.843  -3.992  -9.625  1.00 12.69 ? 145 TYR A CB  1 
ATOM   850  C CG  . TYR A 1 116 ? -0.701  -2.593  -10.195 1.00 12.49 ? 145 TYR A CG  1 
ATOM   851  C CD1 . TYR A 1 116 ? -1.755  -1.689  -10.120 1.00 12.22 ? 145 TYR A CD1 1 
ATOM   852  C CD2 . TYR A 1 116 ? 0.461   -2.190  -10.840 1.00 12.56 ? 145 TYR A CD2 1 
ATOM   853  C CE1 . TYR A 1 116 ? -1.637  -0.411  -10.652 1.00 12.51 ? 145 TYR A CE1 1 
ATOM   854  C CE2 . TYR A 1 116 ? 0.585   -0.917  -11.366 1.00 12.62 ? 145 TYR A CE2 1 
ATOM   855  C CZ  . TYR A 1 116 ? -0.461  -0.027  -11.267 1.00 12.50 ? 145 TYR A CZ  1 
ATOM   856  O OH  . TYR A 1 116 ? -0.361  1.230   -11.815 1.00 12.40 ? 145 TYR A OH  1 
ATOM   857  N N   . LYS A 1 117 ? -2.158  -4.469  -12.683 1.00 15.35 ? 146 LYS A N   1 
ATOM   858  C CA  . LYS A 1 117 ? -1.904  -4.728  -14.096 1.00 16.71 ? 146 LYS A CA  1 
ATOM   859  C C   . LYS A 1 117 ? -1.204  -3.545  -14.741 1.00 16.86 ? 146 LYS A C   1 
ATOM   860  O O   . LYS A 1 117 ? -1.444  -2.393  -14.384 1.00 16.22 ? 146 LYS A O   1 
ATOM   861  C CB  . LYS A 1 117 ? -3.206  -5.012  -14.825 1.00 19.66 ? 146 LYS A CB  1 
ATOM   862  C CG  . LYS A 1 117 ? -3.918  -6.253  -14.321 1.00 22.81 ? 146 LYS A CG  1 
ATOM   863  C CD  . LYS A 1 117 ? -5.409  -6.184  -14.618 1.00 26.82 ? 146 LYS A CD  1 
ATOM   864  C CE  . LYS A 1 117 ? -6.218  -7.289  -13.949 1.00 29.47 ? 146 LYS A CE  1 
ATOM   865  N NZ  . LYS A 1 117 ? -5.492  -8.009  -12.875 1.00 31.27 ? 146 LYS A NZ  1 
ATOM   866  N N   . THR A 1 118 ? -0.296  -3.842  -15.665 1.00 17.70 ? 147 THR A N   1 
ATOM   867  C CA  . THR A 1 118 ? 0.520   -2.843  -16.342 1.00 19.83 ? 147 THR A CA  1 
ATOM   868  C C   . THR A 1 118 ? 0.473   -3.158  -17.833 1.00 21.72 ? 147 THR A C   1 
ATOM   869  O O   . THR A 1 118 ? 0.393   -4.326  -18.223 1.00 26.02 ? 147 THR A O   1 
ATOM   870  C CB  . THR A 1 118 ? 1.981   -2.874  -15.848 1.00 19.63 ? 147 THR A CB  1 
ATOM   871  O OG1 . THR A 1 118 ? 2.595   -4.124  -16.219 1.00 21.00 ? 147 THR A OG1 1 
ATOM   872  C CG2 . THR A 1 118 ? 2.028   -2.705  -14.322 1.00 20.08 ? 147 THR A CG2 1 
ATOM   873  N N   . GLY A 1 119 ? 0.488   -2.130  -18.662 1.00 24.33 ? 148 GLY A N   1 
ATOM   874  C CA  . GLY A 1 119 ? 0.362   -2.324  -20.109 1.00 24.60 ? 148 GLY A CA  1 
ATOM   875  C C   . GLY A 1 119 ? 0.917   -1.139  -20.872 1.00 25.64 ? 148 GLY A C   1 
ATOM   876  O O   . GLY A 1 119 ? 1.103   -0.069  -20.298 1.00 21.33 ? 148 GLY A O   1 
ATOM   877  N N   . HIS A 1 120 ? 1.229   -1.356  -22.153 1.00 27.62 ? 149 HIS A N   1 
ATOM   878  C CA  . HIS A 1 120 ? 1.752   -0.300  -23.022 1.00 29.94 ? 149 HIS A CA  1 
ATOM   879  C C   . HIS A 1 120 ? 0.666   0.748   -23.197 1.00 29.53 ? 149 HIS A C   1 
ATOM   880  O O   . HIS A 1 120 ? -0.510  0.391   -23.350 1.00 31.80 ? 149 HIS A O   1 
ATOM   881  C CB  . HIS A 1 120 ? 2.148   -0.858  -24.398 1.00 31.09 ? 149 HIS A CB  1 
HETATM 882  C C1  . NAG B 2 .   ? -6.955  8.298   -1.375  1.00 11.03 ? 1   NAG B C1  1 
HETATM 883  C C2  . NAG B 2 .   ? -7.956  7.874   -2.434  1.00 12.39 ? 1   NAG B C2  1 
HETATM 884  C C3  . NAG B 2 .   ? -7.594  8.362   -3.835  1.00 12.02 ? 1   NAG B C3  1 
HETATM 885  C C4  . NAG B 2 .   ? -7.131  9.825   -3.864  1.00 12.24 ? 1   NAG B C4  1 
HETATM 886  C C5  . NAG B 2 .   ? -6.211  10.149  -2.681  1.00 11.43 ? 1   NAG B C5  1 
HETATM 887  C C6  . NAG B 2 .   ? -5.936  11.643  -2.567  1.00 11.15 ? 1   NAG B C6  1 
HETATM 888  C C7  . NAG B 2 .   ? -8.985  5.724   -1.728  1.00 14.71 ? 1   NAG B C7  1 
HETATM 889  C C8  . NAG B 2 .   ? -9.817  6.427   -0.744  1.00 13.67 ? 1   NAG B C8  1 
HETATM 890  N N2  . NAG B 2 .   ? -8.147  6.422   -2.487  1.00 13.48 ? 1   NAG B N2  1 
HETATM 891  O O3  . NAG B 2 .   ? -8.750  8.142   -4.646  1.00 13.17 ? 1   NAG B O3  1 
HETATM 892  O O4  . NAG B 2 .   ? -6.328  10.089  -5.005  1.00 13.19 ? 1   NAG B O4  1 
HETATM 893  O O5  . NAG B 2 .   ? -6.671  9.699   -1.413  1.00 10.88 ? 1   NAG B O5  1 
HETATM 894  O O6  . NAG B 2 .   ? -7.140  12.377  -2.493  1.00 11.34 ? 1   NAG B O6  1 
HETATM 895  O O7  . NAG B 2 .   ? -9.117  4.477   -1.811  1.00 17.64 ? 1   NAG B O7  1 
HETATM 896  C C1  . NAG B 2 .   ? -6.925  9.978   -6.303  1.00 13.71 ? 2   NAG B C1  1 
HETATM 897  C C2  . NAG B 2 .   ? -6.026  10.786  -7.267  1.00 14.84 ? 2   NAG B C2  1 
HETATM 898  C C3  . NAG B 2 .   ? -6.401  10.533  -8.725  1.00 14.48 ? 2   NAG B C3  1 
HETATM 899  C C4  . NAG B 2 .   ? -6.461  9.023   -8.935  1.00 13.72 ? 2   NAG B C4  1 
HETATM 900  C C5  . NAG B 2 .   ? -7.484  8.429   -7.969  1.00 13.87 ? 2   NAG B C5  1 
HETATM 901  C C6  . NAG B 2 .   ? -7.742  6.937   -8.144  1.00 14.38 ? 2   NAG B C6  1 
HETATM 902  C C7  . NAG B 2 .   ? -5.166  12.860  -6.321  1.00 16.82 ? 2   NAG B C7  1 
HETATM 903  C C8  . NAG B 2 .   ? -5.428  14.295  -5.966  1.00 18.23 ? 2   NAG B C8  1 
HETATM 904  N N2  . NAG B 2 .   ? -6.156  12.188  -6.909  1.00 15.84 ? 2   NAG B N2  1 
HETATM 905  O O3  . NAG B 2 .   ? -5.467  11.156  -9.600  1.00 16.16 ? 2   NAG B O3  1 
HETATM 906  O O4  . NAG B 2 .   ? -6.848  8.737   -10.276 1.00 13.11 ? 2   NAG B O4  1 
HETATM 907  O O5  . NAG B 2 .   ? -7.004  8.613   -6.659  1.00 14.19 ? 2   NAG B O5  1 
HETATM 908  O O6  . NAG B 2 .   ? -8.666  6.572   -7.157  1.00 16.28 ? 2   NAG B O6  1 
HETATM 909  O O7  . NAG B 2 .   ? -4.082  12.354  -6.064  1.00 16.82 ? 2   NAG B O7  1 
HETATM 910  C C1  . BMA B 2 .   ? -6.037  7.669   -10.782 1.00 12.51 ? 3   BMA B C1  1 
HETATM 911  C C2  . BMA B 2 .   ? -6.736  6.961   -11.948 1.00 11.95 ? 3   BMA B C2  1 
HETATM 912  C C3  . BMA B 2 .   ? -5.832  5.850   -12.478 1.00 11.64 ? 3   BMA B C3  1 
HETATM 913  C C4  . BMA B 2 .   ? -4.427  6.373   -12.785 1.00 11.45 ? 3   BMA B C4  1 
HETATM 914  C C5  . BMA B 2 .   ? -3.907  7.165   -11.578 1.00 11.65 ? 3   BMA B C5  1 
HETATM 915  C C6  . BMA B 2 .   ? -2.550  7.830   -11.798 1.00 12.10 ? 3   BMA B C6  1 
HETATM 916  O O2  . BMA B 2 .   ? -7.014  7.923   -12.941 1.00 12.57 ? 3   BMA B O2  1 
HETATM 917  O O3  . BMA B 2 .   ? -6.408  5.253   -13.634 1.00 11.23 ? 3   BMA B O3  1 
HETATM 918  O O4  . BMA B 2 .   ? -3.589  5.259   -13.069 1.00 10.89 ? 3   BMA B O4  1 
HETATM 919  O O5  . BMA B 2 .   ? -4.809  8.195   -11.192 1.00 12.49 ? 3   BMA B O5  1 
HETATM 920  O O6  . BMA B 2 .   ? -2.201  8.217   -10.487 1.00 13.10 ? 3   BMA B O6  1 
HETATM 921  C C1  . MAN B 2 .   ? -6.692  3.855   -13.425 1.00 11.41 ? 4   MAN B C1  1 
HETATM 922  C C2  . MAN B 2 .   ? -6.873  3.184   -14.784 1.00 11.74 ? 4   MAN B C2  1 
HETATM 923  C C3  . MAN B 2 .   ? -8.191  3.623   -15.438 1.00 11.59 ? 4   MAN B C3  1 
HETATM 924  C C4  . MAN B 2 .   ? -9.328  3.334   -14.463 1.00 12.03 ? 4   MAN B C4  1 
HETATM 925  C C5  . MAN B 2 .   ? -9.049  4.057   -13.135 1.00 12.14 ? 4   MAN B C5  1 
HETATM 926  C C6  . MAN B 2 .   ? -10.148 3.815   -12.084 1.00 12.48 ? 4   MAN B C6  1 
HETATM 927  O O2  . MAN B 2 .   ? -6.880  1.780   -14.599 1.00 12.35 ? 4   MAN B O2  1 
HETATM 928  O O3  . MAN B 2 .   ? -8.358  2.995   -16.715 1.00 12.11 ? 4   MAN B O3  1 
HETATM 929  O O4  . MAN B 2 .   ? -10.590 3.713   -15.006 1.00 12.24 ? 4   MAN B O4  1 
HETATM 930  O O5  . MAN B 2 .   ? -7.832  3.595   -12.587 1.00 11.73 ? 4   MAN B O5  1 
HETATM 931  O O6  . MAN B 2 .   ? -9.841  4.514   -10.878 1.00 14.45 ? 4   MAN B O6  1 
HETATM 932  C C1  . MAN B 2 .   ? -0.925  8.834   -10.344 1.00 15.07 ? 5   MAN B C1  1 
HETATM 933  C C2  . MAN B 2 .   ? -0.755  9.118   -8.862  1.00 16.38 ? 5   MAN B C2  1 
HETATM 934  C C3  . MAN B 2 .   ? -1.853  10.114  -8.453  1.00 17.10 ? 5   MAN B C3  1 
HETATM 935  C C4  . MAN B 2 .   ? -1.756  11.374  -9.305  1.00 17.42 ? 5   MAN B C4  1 
HETATM 936  C C5  . MAN B 2 .   ? -1.646  11.086  -10.798 1.00 16.23 ? 5   MAN B C5  1 
HETATM 937  C C6  . MAN B 2 .   ? -1.114  12.339  -11.511 1.00 16.44 ? 5   MAN B C6  1 
HETATM 938  O O2  . MAN B 2 .   ? 0.561   9.621   -8.675  1.00 18.59 ? 5   MAN B O2  1 
HETATM 939  O O3  . MAN B 2 .   ? -1.823  10.452  -7.062  1.00 17.37 ? 5   MAN B O3  1 
HETATM 940  O O4  . MAN B 2 .   ? -2.848  12.242  -9.065  1.00 17.84 ? 5   MAN B O4  1 
HETATM 941  O O5  . MAN B 2 .   ? -0.786  10.018  -11.096 1.00 15.98 ? 5   MAN B O5  1 
HETATM 942  O O6  . MAN B 2 .   ? -1.298  12.296  -12.909 1.00 15.15 ? 5   MAN B O6  1 
HETATM 943  O O   . HOH C 3 .   ? 1.882   14.079  -10.135 1.00 30.03 ? 301 HOH A O   1 
HETATM 944  O O   . HOH C 3 .   ? 17.176  -4.072  5.230   1.00 40.79 ? 302 HOH A O   1 
HETATM 945  O O   . HOH C 3 .   ? 10.735  8.932   -3.046  1.00 40.39 ? 303 HOH A O   1 
HETATM 946  O O   . HOH C 3 .   ? 7.205   8.490   0.078   1.00 33.39 ? 304 HOH A O   1 
HETATM 947  O O   . HOH C 3 .   ? -7.853  5.671   9.882   1.00 13.05 ? 305 HOH A O   1 
HETATM 948  O O   . HOH C 3 .   ? -5.683  14.314  7.832   1.00 12.62 ? 306 HOH A O   1 
HETATM 949  O O   . HOH C 3 .   ? 11.601  0.043   -19.150 1.00 11.50 ? 307 HOH A O   1 
HETATM 950  O O   . HOH C 3 .   ? 0.368   4.251   -14.789 1.00 11.69 ? 308 HOH A O   1 
HETATM 951  O O   . HOH C 3 .   ? -10.689 -6.463  -1.422  1.00 12.46 ? 309 HOH A O   1 
HETATM 952  O O   . HOH C 3 .   ? 0.415   5.990   11.378  1.00 15.75 ? 310 HOH A O   1 
HETATM 953  O O   . HOH C 3 .   ? -4.994  2.140   -10.470 1.00 11.37 ? 311 HOH A O   1 
HETATM 954  O O   . HOH C 3 .   ? -2.658  3.008   -11.701 1.00 10.46 ? 312 HOH A O   1 
HETATM 955  O O   . HOH C 3 .   ? 6.891   -7.287  -0.481  1.00 14.27 ? 313 HOH A O   1 
HETATM 956  O O   . HOH C 3 .   ? -6.774  11.981  16.352  1.00 16.97 ? 314 HOH A O   1 
HETATM 957  O O   . HOH C 3 .   ? -8.127  1.849   -8.194  1.00 18.45 ? 315 HOH A O   1 
HETATM 958  O O   . HOH C 3 .   ? -11.099 8.636   11.442  1.00 16.28 ? 316 HOH A O   1 
HETATM 959  O O   . HOH C 3 .   ? 9.693   -2.648  -11.268 1.00 16.01 ? 317 HOH A O   1 
HETATM 960  O O   . HOH C 3 .   ? -9.246  9.753   1.202   1.00 12.02 ? 318 HOH A O   1 
HETATM 961  O O   . HOH C 3 .   ? 15.917  -5.393  -1.598  1.00 20.26 ? 319 HOH A O   1 
HETATM 962  O O   . HOH C 3 .   ? -9.945  0.284   12.632  1.00 18.78 ? 320 HOH A O   1 
HETATM 963  O O   . HOH C 3 .   ? -10.119 13.922  2.733   1.00 17.00 ? 321 HOH A O   1 
HETATM 964  O O   . HOH C 3 .   ? -7.512  5.075   -5.033  1.00 19.18 ? 322 HOH A O   1 
HETATM 965  O O   . HOH C 3 .   ? 10.417  3.086   -12.767 1.00 14.94 ? 323 HOH A O   1 
HETATM 966  O O   . HOH C 3 .   ? 0.456   14.840  6.334   1.00 20.09 ? 324 HOH A O   1 
HETATM 967  O O   . HOH C 3 .   ? -4.240  11.497  15.150  1.00 15.88 ? 325 HOH A O   1 
HETATM 968  O O   . HOH C 3 .   ? -12.577 -3.760  -8.091  1.00 24.21 ? 326 HOH A O   1 
HETATM 969  O O   . HOH C 3 .   ? -0.606  13.121  8.359   1.00 16.25 ? 327 HOH A O   1 
HETATM 970  O O   . HOH C 3 .   ? 5.789   -10.536 -0.085  1.00 26.29 ? 328 HOH A O   1 
HETATM 971  O O   . HOH C 3 .   ? -10.295 3.670   -5.070  1.00 17.31 ? 329 HOH A O   1 
HETATM 972  O O   . HOH C 3 .   ? -6.832  -4.857  -10.601 1.00 22.43 ? 330 HOH A O   1 
HETATM 973  O O   . HOH C 3 .   ? 11.996  4.923   -1.162  1.00 15.88 ? 331 HOH A O   1 
HETATM 974  O O   . HOH C 3 .   ? 1.700   12.502  9.687   1.00 17.69 ? 332 HOH A O   1 
HETATM 975  O O   . HOH C 3 .   ? -9.022  -8.441  -2.339  1.00 17.77 ? 333 HOH A O   1 
HETATM 976  O O   . HOH C 3 .   ? 8.334   7.637   -18.418 1.00 25.42 ? 334 HOH A O   1 
HETATM 977  O O   . HOH C 3 .   ? 4.654   -10.494 -7.593  1.00 14.74 ? 335 HOH A O   1 
HETATM 978  O O   . HOH C 3 .   ? -11.248 0.407   -9.988  1.00 22.02 ? 336 HOH A O   1 
HETATM 979  O O   . HOH C 3 .   ? -7.690  -10.837 -0.439  1.00 27.28 ? 337 HOH A O   1 
HETATM 980  O O   . HOH C 3 .   ? 4.583   8.456   1.616   1.00 18.85 ? 338 HOH A O   1 
HETATM 981  O O   . HOH C 3 .   ? 9.655   5.783   -2.006  1.00 21.25 ? 339 HOH A O   1 
HETATM 982  O O   . HOH C 3 .   ? 1.568   3.503   14.054  1.00 17.39 ? 340 HOH A O   1 
HETATM 983  O O   . HOH C 3 .   ? 10.616  -0.703  6.285   1.00 24.42 ? 341 HOH A O   1 
HETATM 984  O O   . HOH C 3 .   ? 0.433   -3.168  8.772   1.00 27.90 ? 342 HOH A O   1 
HETATM 985  O O   . HOH C 3 .   ? -2.155  10.149  16.723  1.00 15.28 ? 343 HOH A O   1 
HETATM 986  O O   . HOH C 3 .   ? -9.305  11.509  -0.953  1.00 12.64 ? 344 HOH A O   1 
HETATM 987  O O   . HOH C 3 .   ? -7.065  3.888   -9.789  1.00 13.58 ? 345 HOH A O   1 
HETATM 988  O O   . HOH C 3 .   ? -12.870 8.910   9.257   1.00 17.65 ? 346 HOH A O   1 
HETATM 989  O O   . HOH C 3 .   ? -10.683 2.746   -8.843  1.00 17.59 ? 347 HOH A O   1 
HETATM 990  O O   . HOH C 3 .   ? -11.664 8.665   2.272   0.50 18.69 ? 348 HOH A O   1 
HETATM 991  O O   . HOH C 3 .   ? -1.671  -0.014  16.713  1.00 27.26 ? 349 HOH A O   1 
HETATM 992  O O   . HOH C 3 .   ? -12.788 6.706   12.560  1.00 19.27 ? 350 HOH A O   1 
HETATM 993  O O   . HOH C 3 .   ? -7.083  5.159   17.691  1.00 23.35 ? 351 HOH A O   1 
HETATM 994  O O   . HOH C 3 .   ? -9.891  10.995  14.082  1.00 23.17 ? 352 HOH A O   1 
HETATM 995  O O   . HOH C 3 .   ? -9.008  -5.589  -5.930  1.00 19.49 ? 353 HOH A O   1 
HETATM 996  O O   . HOH C 3 .   ? -7.465  -7.185  -7.661  1.00 25.22 ? 354 HOH A O   1 
HETATM 997  O O   . HOH C 3 .   ? -7.944  0.670   -12.030 1.00 17.32 ? 355 HOH A O   1 
HETATM 998  O O   . HOH C 3 .   ? 16.160  -9.719  -3.200  1.00 20.93 ? 356 HOH A O   1 
HETATM 999  O O   . HOH C 3 .   ? 18.685  -2.034  -7.033  1.00 34.94 ? 357 HOH A O   1 
HETATM 1000 O O   . HOH C 3 .   ? -4.220  -4.356  16.611  1.00 27.07 ? 358 HOH A O   1 
HETATM 1001 O O   . HOH C 3 .   ? 16.264  -6.944  -4.111  1.00 23.62 ? 359 HOH A O   1 
HETATM 1002 O O   . HOH C 3 .   ? -0.151  -12.055 -10.443 1.00 33.61 ? 360 HOH A O   1 
HETATM 1003 O O   . HOH C 3 .   ? -9.886  -8.609  3.084   1.00 29.11 ? 361 HOH A O   1 
HETATM 1004 O O   . HOH C 3 .   ? 12.080  5.331   -12.588 1.00 22.82 ? 362 HOH A O   1 
HETATM 1005 O O   . HOH C 3 .   ? -13.969 0.032   14.286  1.00 23.74 ? 363 HOH A O   1 
HETATM 1006 O O   . HOH C 3 .   ? -1.883  13.007  1.515   1.00 21.73 ? 364 HOH A O   1 
HETATM 1007 O O   . HOH C 3 .   ? -11.945 1.734   13.977  1.00 20.68 ? 365 HOH A O   1 
HETATM 1008 O O   . HOH C 3 .   ? 1.947   11.339  -9.647  1.00 25.43 ? 366 HOH A O   1 
HETATM 1009 O O   . HOH C 3 .   ? -11.824 -7.272  5.049   1.00 24.30 ? 367 HOH A O   1 
HETATM 1010 O O   . HOH C 3 .   ? -1.334  10.101  19.452  1.00 29.15 ? 368 HOH A O   1 
HETATM 1011 O O   . HOH C 3 .   ? -8.850  -1.052  -13.749 1.00 23.08 ? 369 HOH A O   1 
HETATM 1012 O O   . HOH C 3 .   ? 2.927   1.434   15.451  1.00 26.45 ? 370 HOH A O   1 
HETATM 1013 O O   . HOH C 3 .   ? -0.101  -6.850  -16.159 1.00 23.85 ? 371 HOH A O   1 
HETATM 1014 O O   . HOH C 3 .   ? -6.954  14.922  -2.459  1.00 28.40 ? 372 HOH A O   1 
HETATM 1015 O O   . HOH C 3 .   ? 12.501  2.578   8.499   1.00 27.80 ? 373 HOH A O   1 
HETATM 1016 O O   . HOH C 3 .   ? -12.291 -1.579  3.916   1.00 21.01 ? 374 HOH A O   1 
HETATM 1017 O O   . HOH C 3 .   ? -15.064 -5.221  10.801  1.00 35.24 ? 375 HOH A O   1 
HETATM 1018 O O   . HOH C 3 .   ? 1.565   9.420   14.671  1.00 29.15 ? 376 HOH A O   1 
HETATM 1019 O O   . HOH C 3 .   ? 5.841   7.804   -5.361  1.00 34.87 ? 377 HOH A O   1 
HETATM 1020 O O   . HOH C 3 .   ? 11.942  -6.728  -10.257 1.00 26.19 ? 378 HOH A O   1 
HETATM 1021 O O   . HOH C 3 .   ? 4.322   11.797  7.025   1.00 24.56 ? 379 HOH A O   1 
HETATM 1022 O O   . HOH C 3 .   ? -4.125  14.254  -0.008  1.00 25.67 ? 380 HOH A O   1 
HETATM 1023 O O   . HOH C 3 .   ? 5.945   11.011  0.375   1.00 30.92 ? 381 HOH A O   1 
HETATM 1024 O O   . HOH C 3 .   ? 3.041   14.348  6.456   1.00 28.21 ? 382 HOH A O   1 
HETATM 1025 O O   . HOH C 3 .   ? 12.203  5.632   6.057   1.00 20.81 ? 383 HOH A O   1 
HETATM 1026 O O   . HOH C 3 .   ? 4.195   6.187   -21.002 1.00 30.10 ? 384 HOH A O   1 
HETATM 1027 O O   . HOH C 3 .   ? -7.810  -3.582  -13.530 1.00 28.76 ? 385 HOH A O   1 
HETATM 1028 O O   . HOH C 3 .   ? -0.982  -8.475  -12.879 1.00 27.93 ? 386 HOH A O   1 
HETATM 1029 O O   . HOH C 3 .   ? 7.318   9.711   -13.001 1.00 32.31 ? 387 HOH A O   1 
HETATM 1030 O O   . HOH C 3 .   ? 7.619   5.934   12.174  1.00 28.34 ? 388 HOH A O   1 
HETATM 1031 O O   . HOH C 3 .   ? 9.714   8.513   1.445   1.00 39.82 ? 389 HOH A O   1 
HETATM 1032 O O   . HOH C 3 .   ? -2.196  -2.622  17.831  1.00 38.33 ? 390 HOH A O   1 
HETATM 1033 O O   . HOH C 3 .   ? 6.614   8.867   -15.614 1.00 31.66 ? 391 HOH A O   1 
HETATM 1034 O O   . HOH C 3 .   ? 13.322  -7.487  -12.553 1.00 26.20 ? 392 HOH A O   1 
HETATM 1035 O O   . HOH C 3 .   ? -11.396 -0.095  -12.729 1.00 29.69 ? 393 HOH A O   1 
HETATM 1036 O O   . HOH C 3 .   ? -0.218  -16.783 -6.667  1.00 37.81 ? 394 HOH A O   1 
HETATM 1037 O O   . HOH C 3 .   ? 13.356  6.827   0.111   1.00 36.96 ? 395 HOH A O   1 
HETATM 1038 O O   . HOH C 3 .   ? 1.572   -11.240 -12.921 1.00 33.09 ? 396 HOH A O   1 
HETATM 1039 O O   . HOH C 3 .   ? -13.621 -0.429  5.802   1.00 29.55 ? 397 HOH A O   1 
HETATM 1040 O O   . HOH C 3 .   ? 3.552   2.375   -22.152 1.00 26.95 ? 398 HOH A O   1 
HETATM 1041 O O   . HOH C 3 .   ? 1.701   11.960  1.677   1.00 32.34 ? 399 HOH A O   1 
HETATM 1042 O O   . HOH C 3 .   ? 7.038   10.333  5.962   1.00 46.49 ? 400 HOH A O   1 
HETATM 1043 O O   . HOH C 3 .   ? -8.401  -6.814  -10.181 1.00 26.93 ? 401 HOH A O   1 
HETATM 1044 O O   . HOH C 3 .   ? 8.771   -8.344  3.722   1.00 35.60 ? 402 HOH A O   1 
HETATM 1045 O O   . HOH C 3 .   ? -2.541  6.404   1.480   1.00 13.87 ? 403 HOH A O   1 
HETATM 1046 O O   . HOH C 3 .   ? 4.475   10.213  4.450   1.00 32.47 ? 404 HOH A O   1 
HETATM 1047 O O   . HOH C 3 .   ? -5.297  17.163  2.565   1.00 41.65 ? 405 HOH A O   1 
HETATM 1048 O O   . HOH C 3 .   ? -12.763 -5.598  -3.859  1.00 27.37 ? 406 HOH A O   1 
HETATM 1049 O O   . HOH C 3 .   ? -13.285 -6.185  2.378   1.00 28.37 ? 407 HOH A O   1 
HETATM 1050 O O   . HOH C 3 .   ? -11.632 -7.699  0.893   1.00 31.87 ? 408 HOH A O   1 
HETATM 1051 O O   . HOH C 3 .   ? -9.378  -7.853  6.511   1.00 26.50 ? 409 HOH A O   1 
HETATM 1052 O O   . HOH C 3 .   ? -3.994  -9.364  8.604   1.00 19.38 ? 410 HOH A O   1 
HETATM 1053 O O   . HOH C 3 .   ? 1.563   11.347  -1.764  1.00 21.57 ? 411 HOH A O   1 
# 
